data_5LZQ
#
_entry.id   5LZQ
#
_cell.length_a   106.421
_cell.length_b   106.763
_cell.length_c   161.913
_cell.angle_alpha   90.000
_cell.angle_beta   90.000
_cell.angle_gamma   90.000
#
_symmetry.space_group_name_H-M   'P 21 21 21'
#
loop_
_entity.id
_entity.type
_entity.pdbx_description
1 polymer 'K(+)-stimulated pyrophosphate-energized sodium pump'
2 non-polymer 'MAGNESIUM ION'
3 non-polymer 'IMIDODIPHOSPHORIC ACID'
4 non-polymer 'SODIUM ION'
5 water water
#
_entity_poly.entity_id   1
_entity_poly.type   'polypeptide(L)'
_entity_poly.pdbx_seq_one_letter_code
;MRGSHHHHHHYVAALFFLIPLVALGFAAANFAAVVRKPEGTERMKEISSYIRSGADSFLAHETKAIFKVAIVIAILLMIF
TTWQTGVAFLLGAVMSASAGIVGMKMATRANVRVAEAARTTKKIGPALKVAYQGGSVMGLSVGGFALLGLVLVYLIFGKW
MGQVDNLNIYTNWLGINFVPFAMTVSGYALGCSIIAMFDRVGGGVYTKAADMAADLVGKTELNLPEDDPRNPATIADNVG
DNVGDVAGLGADLLESFVGAIVSSIILASYMFPIYVQKIGENLVHQVPKETIQALISYPIFFALVGLGCSMLGILYVIVK
KPSDNPQRELNISLWTSALLTVVLTAFLTYFYLKDLQGLDVLGFRFGAISPWFSAIIGIFSGILIGFWAEYYTSYRYKPT
QFLGKSSIEGTGMVISNGLSLGMKSVFPPTLTLVLGILFADYFAGLYGVAIAALGMLSFVATSVSVDSYGPIADNAGGIS
EMCELDPEVRKITDHLDAVGNTTAAIGKGFAIGSAIFAALSLFASYMFSQISPSDIGKPPSLVLLLNMLDARVIAGALLG
AAITYYFSGYLISAVTKAAMKMVDEIRRQAREIPGLLEGKAKPDYNRCIEITSDNALKQMGYPAFIAILTPLVTGFLLGA
EFVGGVLIGTVLSGAMLAILTANSGGAWDNAKKYLEAGNLEGYGKGSEPHKALVIGDTVGDPLKDTVGPSLDILIKIMSV
VSVIAVSIFKHVHLF
;
_entity_poly.pdbx_strand_id   A,B
#
# COMPACT_ATOMS: atom_id res chain seq x y z
N TYR A 11 -22.70 -23.84 38.81
CA TYR A 11 -21.29 -23.51 38.99
C TYR A 11 -21.07 -22.01 38.78
N VAL A 12 -19.79 -21.63 38.73
CA VAL A 12 -19.43 -20.23 38.47
C VAL A 12 -19.63 -19.92 36.99
N ALA A 13 -19.67 -20.98 36.19
CA ALA A 13 -19.89 -20.86 34.75
C ALA A 13 -21.17 -20.09 34.45
N ALA A 14 -22.25 -20.45 35.14
CA ALA A 14 -23.53 -19.77 34.97
C ALA A 14 -23.43 -18.30 35.36
N LEU A 15 -22.65 -18.03 36.40
CA LEU A 15 -22.42 -16.67 36.87
C LEU A 15 -21.73 -15.85 35.79
N PHE A 16 -20.81 -16.48 35.08
CA PHE A 16 -20.12 -15.81 33.97
C PHE A 16 -21.03 -15.68 32.75
N PHE A 17 -21.97 -16.61 32.61
CA PHE A 17 -22.94 -16.56 31.52
C PHE A 17 -23.94 -15.43 31.77
N LEU A 18 -24.08 -15.06 33.03
CA LEU A 18 -24.93 -13.93 33.41
C LEU A 18 -24.35 -12.61 32.90
N ILE A 19 -23.03 -12.51 32.88
CA ILE A 19 -22.33 -11.26 32.57
C ILE A 19 -22.74 -10.59 31.25
N PRO A 20 -22.83 -11.35 30.14
CA PRO A 20 -23.32 -10.68 28.93
C PRO A 20 -24.76 -10.19 29.06
N LEU A 21 -25.58 -10.94 29.79
CA LEU A 21 -26.96 -10.56 30.03
C LEU A 21 -27.01 -9.28 30.86
N VAL A 22 -26.13 -9.19 31.85
CA VAL A 22 -26.00 -7.98 32.66
C VAL A 22 -25.55 -6.82 31.78
N ALA A 23 -24.75 -7.13 30.76
CA ALA A 23 -24.30 -6.13 29.80
C ALA A 23 -25.47 -5.59 28.98
N LEU A 24 -26.31 -6.50 28.50
CA LEU A 24 -27.50 -6.11 27.74
C LEU A 24 -28.44 -5.28 28.61
N GLY A 25 -28.58 -5.68 29.87
CA GLY A 25 -29.38 -4.96 30.83
C GLY A 25 -28.85 -3.56 31.07
N PHE A 26 -27.53 -3.45 31.13
CA PHE A 26 -26.86 -2.16 31.29
C PHE A 26 -27.13 -1.29 30.08
N ALA A 27 -27.09 -1.89 28.90
CA ALA A 27 -27.36 -1.19 27.65
C ALA A 27 -28.78 -0.63 27.64
N ALA A 28 -29.74 -1.47 27.98
CA ALA A 28 -31.14 -1.05 28.06
C ALA A 28 -31.32 0.04 29.11
N ALA A 29 -30.58 -0.06 30.21
CA ALA A 29 -30.65 0.91 31.29
C ALA A 29 -30.18 2.28 30.83
N ASN A 30 -29.04 2.30 30.14
CA ASN A 30 -28.51 3.54 29.58
C ASN A 30 -29.45 4.11 28.52
N PHE A 31 -30.05 3.22 27.73
CA PHE A 31 -31.06 3.61 26.75
C PHE A 31 -32.19 4.38 27.42
N ALA A 32 -32.77 3.77 28.45
CA ALA A 32 -33.87 4.38 29.20
C ALA A 32 -33.44 5.70 29.86
N ALA A 33 -32.22 5.73 30.38
CA ALA A 33 -31.70 6.92 31.04
C ALA A 33 -31.53 8.09 30.09
N VAL A 34 -31.05 7.80 28.88
CA VAL A 34 -30.80 8.84 27.89
C VAL A 34 -32.08 9.31 27.21
N VAL A 35 -32.96 8.37 26.86
CA VAL A 35 -34.21 8.73 26.19
C VAL A 35 -35.09 9.59 27.10
N ARG A 36 -34.89 9.44 28.41
CA ARG A 36 -35.61 10.26 29.38
C ARG A 36 -35.18 11.74 29.34
N LYS A 37 -33.98 11.98 28.84
CA LYS A 37 -33.45 13.35 28.73
C LYS A 37 -34.35 14.22 27.85
N PRO A 38 -34.33 15.54 28.09
CA PRO A 38 -35.28 16.42 27.39
C PRO A 38 -34.89 16.70 25.93
N GLU A 39 -35.90 16.75 25.06
CA GLU A 39 -35.69 17.11 23.67
C GLU A 39 -35.85 18.62 23.51
N GLY A 40 -34.89 19.25 22.83
CA GLY A 40 -34.80 20.68 22.77
C GLY A 40 -36.02 21.44 22.27
N THR A 41 -36.26 21.36 20.96
CA THR A 41 -37.31 22.16 20.34
C THR A 41 -38.07 21.31 19.32
N GLU A 42 -39.29 21.74 19.00
CA GLU A 42 -40.13 21.06 18.01
C GLU A 42 -39.43 20.90 16.67
N ARG A 43 -38.62 21.89 16.30
CA ARG A 43 -37.81 21.79 15.09
C ARG A 43 -36.78 20.67 15.22
N MET A 44 -36.11 20.62 16.36
CA MET A 44 -35.14 19.56 16.64
C MET A 44 -35.79 18.18 16.57
N LYS A 45 -36.97 18.06 17.18
CA LYS A 45 -37.74 16.82 17.15
C LYS A 45 -38.13 16.44 15.73
N GLU A 46 -38.50 17.43 14.93
CA GLU A 46 -38.89 17.22 13.55
C GLU A 46 -37.72 16.70 12.72
N ILE A 47 -36.60 17.41 12.75
CA ILE A 47 -35.41 17.03 12.02
C ILE A 47 -34.91 15.66 12.46
N SER A 48 -34.93 15.42 13.76
CA SER A 48 -34.52 14.13 14.31
C SER A 48 -35.43 13.00 13.85
N SER A 49 -36.72 13.30 13.71
CA SER A 49 -37.68 12.32 13.22
C SER A 49 -37.41 12.02 11.75
N TYR A 50 -37.03 13.05 11.01
CA TYR A 50 -36.65 12.91 9.60
C TYR A 50 -35.45 11.98 9.46
N ILE A 51 -34.38 12.32 10.19
CA ILE A 51 -33.16 11.53 10.21
C ILE A 51 -33.42 10.08 10.63
N ARG A 52 -34.25 9.93 11.66
CA ARG A 52 -34.67 8.61 12.13
C ARG A 52 -35.36 7.83 11.02
N SER A 53 -36.25 8.50 10.30
CA SER A 53 -36.99 7.87 9.21
C SER A 53 -36.05 7.39 8.11
N GLY A 54 -35.17 8.28 7.65
CA GLY A 54 -34.21 7.94 6.62
C GLY A 54 -33.28 6.79 7.01
N ALA A 55 -32.68 6.93 8.19
CA ALA A 55 -31.76 5.93 8.71
C ALA A 55 -32.44 4.56 8.86
N ASP A 56 -33.59 4.54 9.52
CA ASP A 56 -34.35 3.31 9.70
C ASP A 56 -34.72 2.68 8.36
N SER A 57 -35.08 3.52 7.39
CA SER A 57 -35.42 3.05 6.05
C SER A 57 -34.23 2.34 5.39
N PHE A 58 -33.11 3.07 5.27
CA PHE A 58 -31.92 2.52 4.64
C PHE A 58 -31.45 1.24 5.33
N LEU A 59 -31.38 1.29 6.66
CA LEU A 59 -30.96 0.13 7.44
C LEU A 59 -31.94 -1.02 7.28
N ALA A 60 -33.20 -0.70 7.01
CA ALA A 60 -34.22 -1.73 6.79
C ALA A 60 -33.98 -2.46 5.47
N HIS A 61 -33.87 -1.69 4.38
CA HIS A 61 -33.57 -2.28 3.08
C HIS A 61 -32.28 -3.10 3.13
N GLU A 62 -31.25 -2.48 3.69
CA GLU A 62 -29.96 -3.12 3.89
C GLU A 62 -30.12 -4.45 4.60
N THR A 63 -30.67 -4.41 5.82
CA THR A 63 -30.88 -5.60 6.63
C THR A 63 -31.64 -6.69 5.86
N LYS A 64 -32.65 -6.28 5.11
CA LYS A 64 -33.43 -7.20 4.28
C LYS A 64 -32.55 -7.96 3.28
N ALA A 65 -31.90 -7.21 2.40
CA ALA A 65 -31.05 -7.82 1.36
C ALA A 65 -29.95 -8.69 1.98
N ILE A 66 -29.26 -8.12 2.96
CA ILE A 66 -28.14 -8.78 3.61
C ILE A 66 -28.57 -10.07 4.30
N PHE A 67 -29.77 -10.07 4.88
CA PHE A 67 -30.27 -11.28 5.54
C PHE A 67 -30.74 -12.31 4.52
N LYS A 68 -31.23 -11.86 3.37
CA LYS A 68 -31.52 -12.79 2.29
C LYS A 68 -30.25 -13.54 1.88
N VAL A 69 -29.22 -12.76 1.54
CA VAL A 69 -27.93 -13.33 1.18
C VAL A 69 -27.37 -14.23 2.28
N ALA A 70 -27.58 -13.80 3.52
CA ALA A 70 -27.07 -14.54 4.68
C ALA A 70 -27.77 -15.88 4.83
N ILE A 71 -29.07 -15.91 4.57
CA ILE A 71 -29.82 -17.16 4.58
C ILE A 71 -29.30 -18.08 3.48
N VAL A 72 -29.11 -17.53 2.29
CA VAL A 72 -28.55 -18.31 1.18
C VAL A 72 -27.21 -18.95 1.55
N ILE A 73 -26.27 -18.13 2.00
CA ILE A 73 -24.95 -18.59 2.40
C ILE A 73 -25.02 -19.65 3.50
N ALA A 74 -25.86 -19.39 4.51
CA ALA A 74 -26.05 -20.32 5.62
C ALA A 74 -26.54 -21.69 5.13
N ILE A 75 -27.51 -21.67 4.22
CA ILE A 75 -28.01 -22.89 3.62
C ILE A 75 -26.87 -23.63 2.90
N LEU A 76 -26.09 -22.88 2.12
CA LEU A 76 -24.95 -23.46 1.42
C LEU A 76 -23.96 -24.11 2.38
N LEU A 77 -23.76 -23.50 3.53
CA LEU A 77 -22.87 -24.04 4.55
C LEU A 77 -23.43 -25.33 5.14
N MET A 78 -24.72 -25.32 5.46
CA MET A 78 -25.39 -26.50 5.98
C MET A 78 -25.32 -27.65 4.98
N ILE A 79 -25.34 -27.33 3.69
CA ILE A 79 -25.21 -28.34 2.65
C ILE A 79 -23.79 -28.89 2.56
N PHE A 80 -22.84 -28.02 2.26
CA PHE A 80 -21.48 -28.45 1.96
C PHE A 80 -20.65 -28.77 3.21
N THR A 81 -21.17 -28.40 4.39
CA THR A 81 -20.52 -28.71 5.65
C THR A 81 -21.55 -29.19 6.67
N THR A 82 -21.17 -29.18 7.94
CA THR A 82 -22.11 -29.51 9.00
C THR A 82 -23.16 -28.43 9.15
N TRP A 83 -24.37 -28.83 9.52
CA TRP A 83 -25.48 -27.88 9.70
C TRP A 83 -25.22 -26.89 10.83
N GLN A 84 -24.47 -27.34 11.84
CA GLN A 84 -24.08 -26.48 12.96
C GLN A 84 -23.36 -25.22 12.48
N THR A 85 -22.61 -25.37 11.40
CA THR A 85 -21.91 -24.25 10.77
C THR A 85 -22.90 -23.18 10.32
N GLY A 86 -23.91 -23.61 9.57
CA GLY A 86 -24.95 -22.70 9.11
C GLY A 86 -25.75 -22.08 10.24
N VAL A 87 -26.04 -22.88 11.25
CA VAL A 87 -26.77 -22.40 12.43
C VAL A 87 -25.99 -21.27 13.12
N ALA A 88 -24.74 -21.56 13.48
CA ALA A 88 -23.88 -20.57 14.12
C ALA A 88 -23.69 -19.35 13.23
N PHE A 89 -23.66 -19.59 11.92
CA PHE A 89 -23.56 -18.52 10.93
C PHE A 89 -24.74 -17.56 11.10
N LEU A 90 -25.95 -18.12 11.07
CA LEU A 90 -27.17 -17.33 11.24
C LEU A 90 -27.17 -16.61 12.58
N LEU A 91 -26.75 -17.31 13.63
CA LEU A 91 -26.70 -16.72 14.96
C LEU A 91 -25.82 -15.48 14.99
N GLY A 92 -24.55 -15.64 14.61
CA GLY A 92 -23.62 -14.53 14.57
C GLY A 92 -24.09 -13.39 13.70
N ALA A 93 -24.69 -13.75 12.56
CA ALA A 93 -25.31 -12.77 11.67
C ALA A 93 -26.31 -11.90 12.43
N VAL A 94 -27.24 -12.57 13.10
CA VAL A 94 -28.25 -11.90 13.90
C VAL A 94 -27.62 -11.03 14.97
N MET A 95 -26.55 -11.52 15.61
CA MET A 95 -25.89 -10.77 16.67
C MET A 95 -25.28 -9.47 16.17
N SER A 96 -24.47 -9.55 15.11
CA SER A 96 -23.84 -8.35 14.55
C SER A 96 -24.88 -7.37 14.02
N ALA A 97 -25.82 -7.87 13.23
CA ALA A 97 -26.89 -7.05 12.68
C ALA A 97 -27.67 -6.33 13.79
N SER A 98 -27.95 -7.07 14.86
CA SER A 98 -28.66 -6.51 16.01
C SER A 98 -27.84 -5.44 16.71
N ALA A 99 -26.54 -5.65 16.80
CA ALA A 99 -25.63 -4.66 17.35
C ALA A 99 -25.74 -3.36 16.56
N GLY A 100 -25.71 -3.49 15.23
CA GLY A 100 -25.88 -2.35 14.36
C GLY A 100 -27.21 -1.63 14.57
N ILE A 101 -28.30 -2.39 14.49
CA ILE A 101 -29.65 -1.84 14.63
C ILE A 101 -29.84 -1.10 15.96
N VAL A 102 -29.48 -1.75 17.05
CA VAL A 102 -29.55 -1.15 18.38
C VAL A 102 -28.72 0.13 18.44
N GLY A 103 -27.49 0.04 17.94
CA GLY A 103 -26.60 1.19 17.89
C GLY A 103 -27.22 2.40 17.22
N MET A 104 -27.71 2.20 16.00
CA MET A 104 -28.32 3.29 15.24
C MET A 104 -29.57 3.83 15.93
N LYS A 105 -30.48 2.93 16.27
CA LYS A 105 -31.73 3.29 16.94
C LYS A 105 -31.48 4.08 18.23
N MET A 106 -30.35 3.83 18.87
CA MET A 106 -29.96 4.57 20.06
C MET A 106 -29.40 5.95 19.72
N ALA A 107 -28.43 5.98 18.82
CA ALA A 107 -27.76 7.23 18.43
C ALA A 107 -28.75 8.28 17.92
N THR A 108 -29.63 7.85 17.01
CA THR A 108 -30.61 8.73 16.39
C THR A 108 -31.43 9.52 17.39
N ARG A 109 -31.70 8.91 18.55
CA ARG A 109 -32.43 9.58 19.61
C ARG A 109 -31.51 10.34 20.55
N ALA A 110 -30.31 9.81 20.78
CA ALA A 110 -29.36 10.42 21.72
C ALA A 110 -28.85 11.79 21.25
N ASN A 111 -28.69 11.95 19.94
CA ASN A 111 -28.13 13.18 19.39
C ASN A 111 -28.89 14.43 19.84
N VAL A 112 -30.21 14.34 19.89
CA VAL A 112 -31.03 15.47 20.33
C VAL A 112 -30.76 15.79 21.78
N ARG A 113 -30.63 14.74 22.60
CA ARG A 113 -30.35 14.91 24.02
C ARG A 113 -29.05 15.67 24.19
N VAL A 114 -28.04 15.27 23.43
CA VAL A 114 -26.75 15.98 23.44
C VAL A 114 -26.91 17.45 23.04
N ALA A 115 -27.59 17.67 21.92
CA ALA A 115 -27.82 19.01 21.40
C ALA A 115 -28.49 19.94 22.43
N GLU A 116 -29.59 19.47 23.00
CA GLU A 116 -30.35 20.24 23.98
C GLU A 116 -29.53 20.47 25.24
N ALA A 117 -28.76 19.46 25.65
CA ALA A 117 -27.89 19.58 26.81
C ALA A 117 -26.89 20.71 26.61
N ALA A 118 -26.20 20.69 25.48
CA ALA A 118 -25.21 21.71 25.14
C ALA A 118 -25.87 23.08 24.98
N ARG A 119 -27.11 23.10 24.51
CA ARG A 119 -27.84 24.33 24.30
C ARG A 119 -28.19 25.01 25.62
N THR A 120 -28.81 24.25 26.52
CA THR A 120 -29.27 24.79 27.79
C THR A 120 -28.12 25.05 28.76
N THR A 121 -27.27 24.05 28.96
CA THR A 121 -26.22 24.14 29.98
C THR A 121 -25.03 24.99 29.54
N LYS A 122 -24.80 25.07 28.23
CA LYS A 122 -23.63 25.74 27.67
C LYS A 122 -22.33 25.20 28.27
N LYS A 123 -22.34 23.93 28.65
CA LYS A 123 -21.19 23.29 29.26
C LYS A 123 -20.85 22.00 28.54
N ILE A 124 -19.58 21.61 28.60
CA ILE A 124 -19.10 20.44 27.86
C ILE A 124 -19.50 19.16 28.60
N GLY A 125 -19.52 19.24 29.93
CA GLY A 125 -19.82 18.10 30.78
C GLY A 125 -21.06 17.29 30.46
N PRO A 126 -22.25 17.92 30.52
CA PRO A 126 -23.52 17.24 30.23
C PRO A 126 -23.55 16.54 28.88
N ALA A 127 -23.28 17.30 27.81
CA ALA A 127 -23.24 16.77 26.45
C ALA A 127 -22.29 15.58 26.36
N LEU A 128 -21.12 15.73 26.96
CA LEU A 128 -20.14 14.64 27.03
C LEU A 128 -20.73 13.40 27.67
N LYS A 129 -21.43 13.59 28.80
CA LYS A 129 -22.02 12.48 29.53
C LYS A 129 -23.08 11.74 28.74
N VAL A 130 -24.06 12.48 28.23
CA VAL A 130 -25.16 11.86 27.49
C VAL A 130 -24.67 11.20 26.21
N ALA A 131 -23.74 11.85 25.52
CA ALA A 131 -23.13 11.25 24.33
C ALA A 131 -22.40 9.96 24.69
N TYR A 132 -21.66 10.00 25.80
CA TYR A 132 -20.91 8.83 26.26
C TYR A 132 -21.83 7.66 26.59
N GLN A 133 -22.96 7.94 27.23
CA GLN A 133 -23.94 6.90 27.49
C GLN A 133 -24.50 6.38 26.16
N GLY A 134 -24.66 7.29 25.21
CA GLY A 134 -25.11 6.93 23.88
C GLY A 134 -24.23 5.89 23.23
N GLY A 135 -22.92 6.14 23.25
CA GLY A 135 -21.96 5.18 22.74
C GLY A 135 -21.90 3.92 23.60
N SER A 136 -22.13 4.11 24.89
CA SER A 136 -22.09 3.03 25.88
C SER A 136 -23.10 1.95 25.56
N VAL A 137 -24.32 2.36 25.26
CA VAL A 137 -25.36 1.43 24.82
C VAL A 137 -24.84 0.51 23.74
N MET A 138 -24.21 1.09 22.73
CA MET A 138 -23.68 0.33 21.60
C MET A 138 -22.52 -0.57 21.99
N GLY A 139 -21.58 -0.08 22.79
CA GLY A 139 -20.46 -0.88 23.25
C GLY A 139 -20.92 -2.13 24.00
N LEU A 140 -21.75 -1.91 25.01
CA LEU A 140 -22.32 -2.99 25.80
C LEU A 140 -23.14 -3.93 24.93
N SER A 141 -23.78 -3.38 23.91
CA SER A 141 -24.51 -4.18 22.95
C SER A 141 -23.57 -5.08 22.16
N VAL A 142 -22.40 -4.56 21.80
CA VAL A 142 -21.40 -5.29 21.03
C VAL A 142 -20.82 -6.44 21.83
N GLY A 143 -20.23 -6.12 22.98
CA GLY A 143 -19.66 -7.14 23.84
C GLY A 143 -20.69 -8.17 24.23
N GLY A 144 -21.84 -7.66 24.68
CA GLY A 144 -22.95 -8.48 25.10
C GLY A 144 -23.41 -9.46 24.04
N PHE A 145 -23.73 -8.95 22.84
CA PHE A 145 -24.17 -9.79 21.74
C PHE A 145 -23.11 -10.81 21.33
N ALA A 146 -21.88 -10.34 21.15
CA ALA A 146 -20.78 -11.21 20.73
C ALA A 146 -20.62 -12.39 21.68
N LEU A 147 -20.45 -12.09 22.97
CA LEU A 147 -20.22 -13.15 23.94
C LEU A 147 -21.48 -13.97 24.22
N LEU A 148 -22.65 -13.39 23.98
CA LEU A 148 -23.90 -14.13 24.15
C LEU A 148 -24.03 -15.21 23.08
N GLY A 149 -23.94 -14.80 21.82
CA GLY A 149 -23.98 -15.74 20.71
C GLY A 149 -22.88 -16.77 20.83
N LEU A 150 -21.68 -16.31 21.15
CA LEU A 150 -20.52 -17.17 21.29
C LEU A 150 -20.74 -18.23 22.37
N VAL A 151 -21.19 -17.80 23.55
CA VAL A 151 -21.39 -18.73 24.66
C VAL A 151 -22.59 -19.64 24.40
N LEU A 152 -23.52 -19.17 23.56
CA LEU A 152 -24.64 -20.01 23.14
C LEU A 152 -24.12 -21.16 22.29
N VAL A 153 -23.27 -20.83 21.32
CA VAL A 153 -22.61 -21.84 20.50
C VAL A 153 -21.82 -22.82 21.37
N TYR A 154 -21.06 -22.27 22.30
CA TYR A 154 -20.25 -23.06 23.23
C TYR A 154 -21.07 -24.06 24.03
N LEU A 155 -22.07 -23.56 24.76
CA LEU A 155 -22.93 -24.40 25.58
C LEU A 155 -23.70 -25.43 24.75
N ILE A 156 -24.46 -24.95 23.77
CA ILE A 156 -25.33 -25.82 22.98
C ILE A 156 -24.55 -26.86 22.16
N PHE A 157 -23.65 -26.39 21.31
CA PHE A 157 -22.94 -27.29 20.40
C PHE A 157 -21.78 -28.02 21.08
N GLY A 158 -21.13 -27.35 22.02
CA GLY A 158 -19.95 -27.91 22.66
C GLY A 158 -20.23 -28.85 23.82
N LYS A 159 -21.14 -28.45 24.70
CA LYS A 159 -21.41 -29.22 25.91
C LYS A 159 -22.55 -30.23 25.72
N TRP A 160 -23.68 -29.75 25.22
CA TRP A 160 -24.86 -30.60 25.07
C TRP A 160 -24.67 -31.65 23.98
N MET A 161 -24.17 -31.22 22.83
CA MET A 161 -23.93 -32.14 21.71
C MET A 161 -22.60 -32.87 21.87
N GLY A 162 -21.68 -32.27 22.61
CA GLY A 162 -20.38 -32.87 22.85
C GLY A 162 -19.43 -32.77 21.68
N GLN A 163 -19.37 -31.59 21.07
CA GLN A 163 -18.42 -31.34 19.98
C GLN A 163 -17.05 -30.97 20.53
N VAL A 164 -17.02 -30.51 21.78
CA VAL A 164 -15.76 -30.27 22.47
C VAL A 164 -15.26 -31.61 23.03
N ASP A 165 -16.17 -32.57 23.14
CA ASP A 165 -15.85 -33.88 23.67
C ASP A 165 -14.96 -34.70 22.74
N ASN A 166 -15.38 -34.84 21.48
CA ASN A 166 -14.64 -35.67 20.53
C ASN A 166 -13.31 -35.04 20.09
N LEU A 167 -13.39 -33.87 19.46
CA LEU A 167 -12.21 -33.15 18.96
C LEU A 167 -11.29 -34.01 18.09
N ASN A 168 -11.87 -34.94 17.35
CA ASN A 168 -11.09 -35.77 16.43
C ASN A 168 -11.25 -35.31 14.99
N ILE A 169 -10.28 -35.65 14.15
CA ILE A 169 -10.34 -35.26 12.75
C ILE A 169 -11.39 -36.07 12.00
N TYR A 170 -12.36 -35.38 11.42
CA TYR A 170 -13.46 -36.02 10.71
C TYR A 170 -13.32 -35.79 9.21
N THR A 171 -14.22 -36.43 8.45
CA THR A 171 -14.29 -36.21 7.01
C THR A 171 -15.70 -36.47 6.51
N ASN A 172 -16.46 -35.39 6.31
CA ASN A 172 -17.79 -35.49 5.74
C ASN A 172 -17.71 -35.75 4.24
N TRP A 173 -18.86 -35.83 3.58
CA TRP A 173 -18.89 -36.01 2.13
C TRP A 173 -18.25 -34.82 1.44
N LEU A 174 -17.96 -34.99 0.14
CA LEU A 174 -17.26 -34.01 -0.70
C LEU A 174 -15.78 -33.93 -0.32
N GLY A 175 -15.38 -34.64 0.73
CA GLY A 175 -13.98 -34.79 1.07
C GLY A 175 -13.44 -33.74 2.03
N ILE A 176 -14.32 -32.97 2.65
CA ILE A 176 -13.89 -31.92 3.57
C ILE A 176 -13.52 -32.48 4.95
N ASN A 177 -12.26 -32.31 5.31
CA ASN A 177 -11.79 -32.68 6.64
C ASN A 177 -12.10 -31.58 7.65
N PHE A 178 -12.86 -31.92 8.69
CA PHE A 178 -13.32 -30.90 9.63
C PHE A 178 -13.26 -31.33 11.09
N VAL A 179 -13.19 -30.34 11.96
CA VAL A 179 -13.43 -30.52 13.39
C VAL A 179 -14.73 -29.79 13.72
N PRO A 180 -15.70 -30.50 14.31
CA PRO A 180 -17.07 -30.00 14.50
C PRO A 180 -17.17 -28.62 15.14
N PHE A 181 -16.60 -28.47 16.33
CA PHE A 181 -16.68 -27.19 17.05
C PHE A 181 -15.94 -26.09 16.30
N ALA A 182 -14.77 -26.43 15.78
CA ALA A 182 -13.96 -25.48 15.00
C ALA A 182 -14.71 -24.98 13.78
N MET A 183 -15.31 -25.92 13.04
CA MET A 183 -16.10 -25.58 11.87
C MET A 183 -17.30 -24.73 12.25
N THR A 184 -17.90 -25.03 13.40
CA THR A 184 -19.05 -24.29 13.92
C THR A 184 -18.70 -22.83 14.19
N VAL A 185 -17.73 -22.60 15.06
CA VAL A 185 -17.31 -21.23 15.39
C VAL A 185 -16.77 -20.52 14.16
N SER A 186 -16.23 -21.29 13.22
CA SER A 186 -15.81 -20.75 11.93
C SER A 186 -17.03 -20.17 11.21
N GLY A 187 -18.12 -20.93 11.19
CA GLY A 187 -19.38 -20.46 10.65
C GLY A 187 -19.85 -19.18 11.33
N TYR A 188 -19.80 -19.18 12.66
CA TYR A 188 -20.15 -18.01 13.47
C TYR A 188 -19.40 -16.75 13.02
N ALA A 189 -18.07 -16.82 13.12
CA ALA A 189 -17.20 -15.70 12.74
C ALA A 189 -17.42 -15.28 11.30
N LEU A 190 -17.63 -16.26 10.43
CA LEU A 190 -17.90 -15.99 9.01
C LEU A 190 -19.17 -15.16 8.85
N GLY A 191 -20.23 -15.55 9.54
CA GLY A 191 -21.47 -14.80 9.56
C GLY A 191 -21.24 -13.36 9.98
N CYS A 192 -20.61 -13.21 11.14
CA CYS A 192 -20.27 -11.88 11.65
C CYS A 192 -19.54 -11.04 10.59
N SER A 193 -18.57 -11.67 9.92
CA SER A 193 -17.74 -10.97 8.93
C SER A 193 -18.53 -10.52 7.71
N ILE A 194 -19.34 -11.42 7.17
CA ILE A 194 -20.14 -11.11 5.98
C ILE A 194 -21.13 -9.98 6.29
N ILE A 195 -21.84 -10.11 7.40
CA ILE A 195 -22.81 -9.09 7.78
C ILE A 195 -22.14 -7.73 8.02
N ALA A 196 -21.03 -7.74 8.76
CA ALA A 196 -20.28 -6.52 9.02
C ALA A 196 -19.84 -5.86 7.72
N MET A 197 -19.28 -6.65 6.81
CA MET A 197 -18.86 -6.14 5.52
C MET A 197 -20.00 -5.47 4.77
N PHE A 198 -21.10 -6.20 4.57
CA PHE A 198 -22.27 -5.63 3.90
C PHE A 198 -22.70 -4.30 4.52
N ASP A 199 -22.96 -4.34 5.83
CA ASP A 199 -23.37 -3.17 6.59
C ASP A 199 -22.48 -1.96 6.37
N ARG A 200 -21.19 -2.11 6.67
CA ARG A 200 -20.29 -0.98 6.67
C ARG A 200 -19.90 -0.51 5.26
N VAL A 201 -19.97 -1.41 4.28
CA VAL A 201 -19.77 -1.01 2.89
C VAL A 201 -20.94 -0.14 2.41
N GLY A 202 -22.16 -0.66 2.58
CA GLY A 202 -23.35 0.07 2.18
C GLY A 202 -23.44 1.41 2.87
N GLY A 203 -23.47 1.37 4.19
CA GLY A 203 -23.51 2.57 5.02
C GLY A 203 -22.37 3.52 4.71
N GLY A 204 -21.19 2.95 4.47
CA GLY A 204 -20.02 3.74 4.14
C GLY A 204 -20.17 4.55 2.87
N VAL A 205 -20.48 3.88 1.77
CA VAL A 205 -20.70 4.57 0.50
C VAL A 205 -21.79 5.63 0.66
N TYR A 206 -22.88 5.21 1.31
CA TYR A 206 -24.01 6.09 1.59
C TYR A 206 -23.58 7.40 2.25
N THR A 207 -23.00 7.30 3.44
CA THR A 207 -22.61 8.48 4.21
C THR A 207 -21.52 9.31 3.53
N LYS A 208 -20.60 8.64 2.82
CA LYS A 208 -19.46 9.34 2.27
C LYS A 208 -19.76 10.11 0.99
N ALA A 209 -20.62 9.57 0.13
CA ALA A 209 -21.04 10.33 -1.04
C ALA A 209 -21.73 11.62 -0.61
N ALA A 210 -22.70 11.47 0.29
CA ALA A 210 -23.46 12.58 0.84
C ALA A 210 -22.54 13.61 1.50
N ASP A 211 -21.66 13.15 2.38
CA ASP A 211 -20.77 14.05 3.12
C ASP A 211 -19.83 14.80 2.17
N MET A 212 -19.28 14.08 1.19
CA MET A 212 -18.38 14.68 0.22
C MET A 212 -19.09 15.79 -0.56
N ALA A 213 -20.23 15.47 -1.14
CA ALA A 213 -21.00 16.44 -1.90
C ALA A 213 -21.37 17.66 -1.05
N ALA A 214 -21.99 17.40 0.09
CA ALA A 214 -22.44 18.43 1.03
C ALA A 214 -21.31 19.37 1.42
N ASP A 215 -20.23 18.82 1.97
CA ASP A 215 -19.10 19.64 2.41
C ASP A 215 -18.48 20.41 1.24
N LEU A 216 -18.22 19.72 0.14
CA LEU A 216 -17.59 20.37 -1.02
C LEU A 216 -18.40 21.55 -1.53
N VAL A 217 -19.58 21.25 -2.07
CA VAL A 217 -20.40 22.30 -2.69
C VAL A 217 -20.85 23.34 -1.67
N GLY A 218 -21.31 22.88 -0.51
CA GLY A 218 -21.76 23.76 0.54
C GLY A 218 -20.72 24.74 1.04
N LYS A 219 -19.53 24.25 1.35
CA LYS A 219 -18.50 25.09 1.94
C LYS A 219 -17.72 25.91 0.92
N THR A 220 -17.28 25.28 -0.17
CA THR A 220 -16.35 25.94 -1.07
C THR A 220 -17.02 26.62 -2.28
N GLU A 221 -18.18 26.09 -2.69
CA GLU A 221 -18.83 26.62 -3.90
C GLU A 221 -19.97 27.60 -3.60
N LEU A 222 -20.39 27.68 -2.35
CA LEU A 222 -21.52 28.53 -1.99
C LEU A 222 -21.25 29.39 -0.77
N ASN A 223 -20.08 29.19 -0.16
CA ASN A 223 -19.68 29.90 1.06
C ASN A 223 -20.69 29.73 2.19
N LEU A 224 -21.40 28.61 2.17
CA LEU A 224 -22.36 28.28 3.23
C LEU A 224 -21.62 27.66 4.42
N PRO A 225 -22.19 27.79 5.62
CA PRO A 225 -21.59 27.14 6.79
C PRO A 225 -21.87 25.64 6.79
N GLU A 226 -21.06 24.87 7.51
CA GLU A 226 -21.24 23.42 7.58
C GLU A 226 -22.57 23.06 8.21
N ASP A 227 -23.27 22.11 7.61
CA ASP A 227 -24.58 21.64 8.07
C ASP A 227 -25.64 22.75 8.05
N ASP A 228 -25.59 23.57 7.01
CA ASP A 228 -26.57 24.64 6.84
C ASP A 228 -27.87 24.08 6.25
N PRO A 229 -29.02 24.45 6.84
CA PRO A 229 -30.31 23.93 6.39
C PRO A 229 -30.67 24.34 4.97
N ARG A 230 -29.98 25.36 4.44
CA ARG A 230 -30.17 25.77 3.05
C ARG A 230 -29.61 24.70 2.11
N ASN A 231 -28.71 23.88 2.62
CA ASN A 231 -28.10 22.81 1.84
C ASN A 231 -28.95 21.54 1.91
N PRO A 232 -29.41 21.07 0.75
CA PRO A 232 -30.26 19.87 0.65
C PRO A 232 -29.53 18.57 0.97
N ALA A 233 -28.22 18.65 1.19
CA ALA A 233 -27.40 17.46 1.37
C ALA A 233 -27.04 17.19 2.83
N THR A 234 -27.35 18.15 3.70
CA THR A 234 -26.96 18.04 5.11
C THR A 234 -27.69 16.91 5.83
N ILE A 235 -28.98 16.76 5.56
CA ILE A 235 -29.77 15.70 6.16
C ILE A 235 -29.21 14.34 5.74
N ALA A 236 -28.81 14.23 4.47
CA ALA A 236 -28.18 13.02 3.97
C ALA A 236 -26.89 12.73 4.72
N ASP A 237 -26.15 13.78 5.03
CA ASP A 237 -24.90 13.66 5.78
C ASP A 237 -25.13 13.13 7.19
N ASN A 238 -26.12 13.69 7.88
CA ASN A 238 -26.43 13.27 9.24
C ASN A 238 -26.99 11.84 9.30
N VAL A 239 -27.95 11.56 8.42
CA VAL A 239 -28.52 10.23 8.29
C VAL A 239 -27.41 9.22 8.02
N GLY A 240 -26.48 9.61 7.16
CA GLY A 240 -25.33 8.78 6.87
C GLY A 240 -24.45 8.54 8.08
N ASP A 241 -24.24 9.60 8.88
CA ASP A 241 -23.47 9.48 10.11
C ASP A 241 -24.11 8.48 11.05
N ASN A 242 -25.44 8.48 11.10
CA ASN A 242 -26.17 7.53 11.91
C ASN A 242 -26.10 6.10 11.36
N VAL A 243 -26.10 5.98 10.03
CA VAL A 243 -26.08 4.67 9.40
C VAL A 243 -24.67 4.08 9.34
N GLY A 244 -23.72 4.84 8.81
CA GLY A 244 -22.38 4.33 8.55
C GLY A 244 -21.46 4.32 9.76
N ASP A 245 -21.19 5.49 10.32
CA ASP A 245 -20.25 5.62 11.42
C ASP A 245 -20.70 4.91 12.69
N VAL A 246 -21.98 4.54 12.76
CA VAL A 246 -22.51 3.87 13.93
C VAL A 246 -22.60 2.36 13.71
N ALA A 247 -23.68 1.91 13.09
CA ALA A 247 -23.96 0.48 12.90
C ALA A 247 -22.77 -0.29 12.33
N GLY A 248 -22.13 0.30 11.32
CA GLY A 248 -20.96 -0.28 10.70
C GLY A 248 -19.87 -0.56 11.72
N LEU A 249 -19.66 0.39 12.63
CA LEU A 249 -18.67 0.25 13.69
C LEU A 249 -19.01 -0.91 14.62
N GLY A 250 -20.28 -0.98 15.01
CA GLY A 250 -20.77 -2.04 15.86
C GLY A 250 -20.50 -3.41 15.28
N ALA A 251 -20.99 -3.64 14.07
CA ALA A 251 -20.78 -4.92 13.40
C ALA A 251 -19.30 -5.20 13.20
N ASP A 252 -18.54 -4.16 12.88
CA ASP A 252 -17.11 -4.26 12.63
C ASP A 252 -16.38 -4.80 13.85
N LEU A 253 -16.41 -4.05 14.95
CA LEU A 253 -15.64 -4.40 16.12
C LEU A 253 -16.22 -5.62 16.85
N LEU A 254 -17.52 -5.85 16.69
CA LEU A 254 -18.11 -7.10 17.18
C LEU A 254 -17.45 -8.27 16.45
N GLU A 255 -17.35 -8.15 15.14
CA GLU A 255 -16.75 -9.19 14.31
C GLU A 255 -15.25 -9.32 14.53
N SER A 256 -14.61 -8.24 14.99
CA SER A 256 -13.19 -8.28 15.30
C SER A 256 -12.96 -9.02 16.61
N PHE A 257 -13.76 -8.67 17.61
CA PHE A 257 -13.79 -9.36 18.91
C PHE A 257 -14.00 -10.86 18.72
N VAL A 258 -15.15 -11.19 18.13
CA VAL A 258 -15.49 -12.56 17.77
C VAL A 258 -14.38 -13.20 16.96
N GLY A 259 -13.78 -12.44 16.05
CA GLY A 259 -12.71 -12.93 15.20
C GLY A 259 -11.52 -13.42 16.01
N ALA A 260 -11.07 -12.60 16.95
CA ALA A 260 -9.97 -12.96 17.81
C ALA A 260 -10.28 -14.19 18.67
N ILE A 261 -11.41 -14.15 19.37
CA ILE A 261 -11.77 -15.25 20.27
C ILE A 261 -11.90 -16.57 19.51
N VAL A 262 -12.72 -16.55 18.46
CA VAL A 262 -12.93 -17.71 17.61
C VAL A 262 -11.62 -18.18 16.99
N SER A 263 -10.71 -17.25 16.70
CA SER A 263 -9.38 -17.63 16.22
C SER A 263 -8.66 -18.50 17.23
N SER A 264 -8.59 -18.01 18.47
CA SER A 264 -8.00 -18.78 19.56
C SER A 264 -8.65 -20.16 19.69
N ILE A 265 -9.98 -20.18 19.67
CA ILE A 265 -10.75 -21.41 19.81
C ILE A 265 -10.44 -22.42 18.71
N ILE A 266 -10.40 -21.96 17.46
CA ILE A 266 -10.10 -22.83 16.33
C ILE A 266 -8.70 -23.41 16.44
N LEU A 267 -7.73 -22.55 16.72
CA LEU A 267 -6.35 -22.99 16.89
C LEU A 267 -6.24 -24.08 17.96
N ALA A 268 -6.74 -23.77 19.15
CA ALA A 268 -6.72 -24.69 20.28
C ALA A 268 -7.41 -26.02 19.97
N SER A 269 -8.57 -25.94 19.31
CA SER A 269 -9.35 -27.13 18.98
C SER A 269 -8.61 -28.03 18.00
N TYR A 270 -8.05 -27.44 16.95
CA TYR A 270 -7.30 -28.21 15.96
C TYR A 270 -5.99 -28.75 16.52
N MET A 271 -5.48 -28.11 17.58
CA MET A 271 -4.22 -28.53 18.19
C MET A 271 -4.20 -29.98 18.67
N PHE A 272 -5.32 -30.48 19.17
CA PHE A 272 -5.33 -31.80 19.82
C PHE A 272 -5.08 -32.98 18.87
N PRO A 273 -5.90 -33.14 17.80
CA PRO A 273 -5.66 -34.35 17.00
C PRO A 273 -4.41 -34.25 16.13
N ILE A 274 -3.78 -33.07 16.11
CA ILE A 274 -2.63 -32.81 15.25
C ILE A 274 -1.32 -33.10 15.99
N TYR A 275 -1.28 -32.75 17.27
CA TYR A 275 -0.05 -32.86 18.06
C TYR A 275 0.29 -34.29 18.49
N VAL A 276 -0.20 -35.27 17.74
CA VAL A 276 0.14 -36.66 18.04
C VAL A 276 1.57 -36.96 17.64
N GLN A 277 2.19 -37.89 18.36
CA GLN A 277 3.51 -38.38 18.02
C GLN A 277 3.41 -39.80 17.47
N LYS A 278 3.89 -40.00 16.26
CA LYS A 278 3.80 -41.30 15.60
C LYS A 278 4.92 -42.22 16.05
N ILE A 279 4.59 -43.15 16.95
CA ILE A 279 5.57 -44.13 17.42
C ILE A 279 5.15 -45.53 16.98
N GLY A 280 5.83 -46.05 15.97
CA GLY A 280 5.55 -47.37 15.44
C GLY A 280 4.09 -47.58 15.04
N GLU A 281 3.61 -46.74 14.13
CA GLU A 281 2.22 -46.81 13.64
C GLU A 281 1.21 -46.63 14.77
N ASN A 282 1.62 -45.93 15.83
CA ASN A 282 0.73 -45.65 16.95
C ASN A 282 0.72 -44.17 17.30
N LEU A 283 -0.47 -43.56 17.26
CA LEU A 283 -0.61 -42.14 17.55
C LEU A 283 -0.57 -41.91 19.06
N VAL A 284 0.33 -41.03 19.50
CA VAL A 284 0.44 -40.72 20.92
C VAL A 284 0.16 -39.25 21.20
N HIS A 285 -1.01 -38.96 21.75
CA HIS A 285 -1.37 -37.60 22.14
C HIS A 285 -0.37 -37.00 23.12
N GLN A 286 0.47 -36.09 22.63
CA GLN A 286 1.48 -35.45 23.47
C GLN A 286 0.84 -34.40 24.38
N VAL A 287 -0.43 -34.12 24.15
CA VAL A 287 -1.19 -33.17 24.95
C VAL A 287 -2.56 -33.76 25.29
N PRO A 288 -2.93 -33.75 26.59
CA PRO A 288 -4.20 -34.34 27.02
C PRO A 288 -5.40 -33.51 26.60
N LYS A 289 -6.56 -34.15 26.52
CA LYS A 289 -7.79 -33.50 26.06
C LYS A 289 -8.23 -32.39 27.01
N GLU A 290 -8.06 -32.62 28.30
CA GLU A 290 -8.45 -31.65 29.34
C GLU A 290 -7.80 -30.29 29.11
N THR A 291 -6.49 -30.31 28.86
CA THR A 291 -5.74 -29.09 28.60
C THR A 291 -6.28 -28.35 27.37
N ILE A 292 -6.54 -29.10 26.31
CA ILE A 292 -7.08 -28.53 25.08
C ILE A 292 -8.43 -27.86 25.30
N GLN A 293 -9.34 -28.57 25.96
CA GLN A 293 -10.66 -28.02 26.28
C GLN A 293 -10.55 -26.78 27.16
N ALA A 294 -9.63 -26.81 28.12
CA ALA A 294 -9.38 -25.67 28.99
C ALA A 294 -8.92 -24.46 28.16
N LEU A 295 -8.05 -24.71 27.18
CA LEU A 295 -7.57 -23.65 26.31
C LEU A 295 -8.65 -23.17 25.34
N ILE A 296 -9.67 -24.01 25.12
CA ILE A 296 -10.80 -23.64 24.30
C ILE A 296 -11.74 -22.71 25.06
N SER A 297 -12.01 -23.05 26.31
CA SER A 297 -12.87 -22.24 27.16
C SER A 297 -12.20 -20.93 27.59
N TYR A 298 -10.88 -20.98 27.74
CA TYR A 298 -10.10 -19.85 28.26
C TYR A 298 -10.37 -18.49 27.61
N PRO A 299 -10.37 -18.39 26.27
CA PRO A 299 -10.59 -17.06 25.71
C PRO A 299 -12.01 -16.53 25.92
N ILE A 300 -12.98 -17.43 26.10
CA ILE A 300 -14.35 -17.03 26.34
C ILE A 300 -14.49 -16.37 27.71
N PHE A 301 -14.03 -17.07 28.75
CA PHE A 301 -14.05 -16.53 30.11
C PHE A 301 -13.19 -15.27 30.19
N PHE A 302 -12.07 -15.28 29.47
CA PHE A 302 -11.22 -14.10 29.30
C PHE A 302 -12.08 -12.92 28.86
N ALA A 303 -12.74 -13.11 27.73
CA ALA A 303 -13.56 -12.07 27.13
C ALA A 303 -14.69 -11.62 28.06
N LEU A 304 -15.21 -12.55 28.84
CA LEU A 304 -16.27 -12.26 29.80
C LEU A 304 -15.76 -11.34 30.90
N VAL A 305 -14.59 -11.68 31.44
CA VAL A 305 -13.94 -10.85 32.46
C VAL A 305 -13.65 -9.46 31.91
N GLY A 306 -13.08 -9.40 30.71
CA GLY A 306 -12.82 -8.14 30.04
C GLY A 306 -14.08 -7.31 29.88
N LEU A 307 -15.17 -7.98 29.53
CA LEU A 307 -16.47 -7.33 29.41
C LEU A 307 -16.88 -6.73 30.76
N GLY A 308 -16.81 -7.53 31.82
CA GLY A 308 -17.11 -7.06 33.16
C GLY A 308 -16.35 -5.82 33.55
N CYS A 309 -15.03 -5.86 33.36
CA CYS A 309 -14.16 -4.73 33.65
C CYS A 309 -14.56 -3.51 32.84
N SER A 310 -14.90 -3.74 31.57
CA SER A 310 -15.40 -2.67 30.71
C SER A 310 -16.65 -2.04 31.30
N MET A 311 -17.53 -2.87 31.85
CA MET A 311 -18.75 -2.41 32.49
C MET A 311 -18.43 -1.55 33.71
N LEU A 312 -17.47 -2.00 34.51
CA LEU A 312 -17.02 -1.24 35.67
C LEU A 312 -16.51 0.14 35.27
N GLY A 313 -15.65 0.17 34.25
CA GLY A 313 -15.11 1.42 33.74
C GLY A 313 -16.18 2.38 33.23
N ILE A 314 -17.00 1.89 32.31
CA ILE A 314 -18.08 2.68 31.73
C ILE A 314 -19.02 3.24 32.80
N LEU A 315 -19.48 2.37 33.71
CA LEU A 315 -20.37 2.79 34.79
C LEU A 315 -19.68 3.86 35.65
N TYR A 316 -18.40 3.64 35.95
CA TYR A 316 -17.62 4.60 36.71
C TYR A 316 -17.62 5.96 36.05
N VAL A 317 -17.46 5.98 34.72
CA VAL A 317 -17.39 7.24 33.99
C VAL A 317 -18.75 7.93 33.95
N ILE A 318 -19.79 7.20 33.56
CA ILE A 318 -21.14 7.77 33.45
C ILE A 318 -21.66 8.30 34.79
N VAL A 319 -21.27 7.66 35.90
CA VAL A 319 -21.64 8.17 37.22
C VAL A 319 -20.68 9.24 37.74
N LYS A 320 -19.44 9.23 37.26
CA LYS A 320 -18.42 10.21 37.66
C LYS A 320 -18.86 11.67 37.54
N LYS A 321 -18.16 12.54 38.25
CA LYS A 321 -18.36 13.99 38.14
C LYS A 321 -17.73 14.51 36.86
N PRO A 322 -18.57 15.04 35.94
CA PRO A 322 -18.15 15.47 34.61
C PRO A 322 -17.16 16.63 34.61
N SER A 323 -16.03 16.43 33.92
CA SER A 323 -14.98 17.45 33.81
C SER A 323 -15.12 18.20 32.48
N ASP A 324 -14.45 19.35 32.39
CA ASP A 324 -14.52 20.17 31.19
C ASP A 324 -13.73 19.57 30.02
N ASN A 325 -12.98 18.51 30.28
CA ASN A 325 -12.18 17.86 29.24
C ASN A 325 -12.65 16.43 28.96
N PRO A 326 -13.23 16.20 27.77
CA PRO A 326 -13.80 14.92 27.35
C PRO A 326 -12.75 13.84 27.03
N GLN A 327 -11.74 14.21 26.25
CA GLN A 327 -10.68 13.28 25.85
C GLN A 327 -10.05 12.61 27.06
N ARG A 328 -9.78 13.39 28.10
CA ARG A 328 -9.24 12.87 29.35
C ARG A 328 -10.18 11.83 29.95
N GLU A 329 -11.47 12.12 29.94
CA GLU A 329 -12.47 11.21 30.50
C GLU A 329 -12.51 9.88 29.76
N LEU A 330 -12.58 9.94 28.44
CA LEU A 330 -12.60 8.73 27.62
C LEU A 330 -11.31 7.92 27.77
N ASN A 331 -10.18 8.61 27.77
CA ASN A 331 -8.89 7.96 28.00
C ASN A 331 -8.84 7.27 29.36
N ILE A 332 -9.42 7.92 30.36
CA ILE A 332 -9.51 7.32 31.69
C ILE A 332 -10.37 6.06 31.64
N SER A 333 -11.46 6.13 30.89
CA SER A 333 -12.33 4.96 30.69
C SER A 333 -11.55 3.77 30.12
N LEU A 334 -10.91 4.00 28.98
CA LEU A 334 -10.12 2.96 28.32
C LEU A 334 -9.02 2.41 29.23
N TRP A 335 -8.28 3.31 29.88
CA TRP A 335 -7.19 2.94 30.76
C TRP A 335 -7.64 2.08 31.94
N THR A 336 -8.71 2.51 32.60
CA THR A 336 -9.26 1.77 33.74
C THR A 336 -9.79 0.40 33.32
N SER A 337 -10.53 0.37 32.22
CA SER A 337 -11.05 -0.88 31.68
C SER A 337 -9.91 -1.86 31.40
N ALA A 338 -8.88 -1.38 30.70
CA ALA A 338 -7.72 -2.18 30.36
C ALA A 338 -7.00 -2.70 31.61
N LEU A 339 -6.74 -1.79 32.55
CA LEU A 339 -6.03 -2.13 33.79
C LEU A 339 -6.77 -3.19 34.60
N LEU A 340 -8.06 -2.96 34.83
CA LEU A 340 -8.91 -3.93 35.51
C LEU A 340 -8.86 -5.28 34.81
N THR A 341 -9.00 -5.24 33.49
CA THR A 341 -8.92 -6.43 32.66
C THR A 341 -7.63 -7.20 32.94
N VAL A 342 -6.49 -6.50 32.91
CA VAL A 342 -5.19 -7.09 33.21
C VAL A 342 -5.18 -7.76 34.58
N VAL A 343 -5.52 -6.98 35.60
CA VAL A 343 -5.45 -7.43 37.00
C VAL A 343 -6.30 -8.68 37.25
N LEU A 344 -7.54 -8.67 36.77
CA LEU A 344 -8.42 -9.82 36.97
C LEU A 344 -8.00 -11.01 36.11
N THR A 345 -7.50 -10.72 34.91
CA THR A 345 -7.02 -11.76 34.00
C THR A 345 -5.83 -12.50 34.60
N ALA A 346 -5.02 -11.80 35.40
CA ALA A 346 -3.91 -12.44 36.10
C ALA A 346 -4.40 -13.61 36.95
N PHE A 347 -5.34 -13.33 37.85
CA PHE A 347 -5.90 -14.34 38.74
C PHE A 347 -6.68 -15.41 37.97
N LEU A 348 -7.42 -14.97 36.95
CA LEU A 348 -8.16 -15.92 36.10
C LEU A 348 -7.21 -16.93 35.47
N THR A 349 -6.14 -16.43 34.86
CA THR A 349 -5.16 -17.26 34.18
C THR A 349 -4.46 -18.19 35.14
N TYR A 350 -4.02 -17.65 36.28
CA TYR A 350 -3.33 -18.45 37.29
C TYR A 350 -4.20 -19.58 37.83
N PHE A 351 -5.43 -19.24 38.23
CA PHE A 351 -6.32 -20.21 38.86
C PHE A 351 -6.89 -21.24 37.88
N TYR A 352 -7.27 -20.79 36.70
CA TYR A 352 -7.93 -21.66 35.72
C TYR A 352 -6.95 -22.66 35.10
N LEU A 353 -5.74 -22.20 34.81
CA LEU A 353 -4.75 -23.04 34.13
C LEU A 353 -3.71 -23.59 35.10
N LYS A 354 -4.13 -23.83 36.34
CA LYS A 354 -3.23 -24.25 37.40
C LYS A 354 -2.51 -25.56 37.09
N ASP A 355 -3.29 -26.60 36.80
CA ASP A 355 -2.73 -27.94 36.61
C ASP A 355 -3.27 -28.59 35.32
N LEU A 356 -2.56 -28.40 34.22
CA LEU A 356 -2.97 -28.95 32.93
C LEU A 356 -1.91 -29.88 32.33
N GLN A 357 -0.66 -29.67 32.72
CA GLN A 357 0.46 -30.55 32.39
C GLN A 357 0.90 -30.50 30.92
N GLY A 358 0.00 -30.08 30.03
CA GLY A 358 0.27 -30.11 28.61
C GLY A 358 0.81 -28.82 28.02
N LEU A 359 1.20 -27.89 28.88
CA LEU A 359 1.64 -26.57 28.43
C LEU A 359 2.99 -26.58 27.71
N ASP A 360 3.95 -27.31 28.27
CA ASP A 360 5.31 -27.32 27.75
C ASP A 360 5.41 -27.74 26.28
N VAL A 361 4.47 -28.57 25.83
CA VAL A 361 4.51 -29.10 24.47
C VAL A 361 4.05 -28.10 23.41
N LEU A 362 3.02 -27.33 23.72
CA LEU A 362 2.36 -26.50 22.71
C LEU A 362 2.68 -25.00 22.78
N GLY A 363 3.90 -24.66 23.21
CA GLY A 363 4.38 -23.30 23.06
C GLY A 363 4.43 -22.45 24.32
N PHE A 364 3.93 -22.97 25.42
CA PHE A 364 3.95 -22.25 26.69
C PHE A 364 5.34 -22.28 27.30
N ARG A 365 5.97 -21.12 27.44
CA ARG A 365 7.34 -21.03 27.93
C ARG A 365 7.41 -20.82 29.44
N PHE A 366 6.79 -19.74 29.91
CA PHE A 366 6.83 -19.41 31.34
C PHE A 366 5.58 -19.91 32.06
N GLY A 367 5.49 -21.22 32.25
CA GLY A 367 4.38 -21.82 32.96
C GLY A 367 3.04 -21.62 32.28
N ALA A 368 2.01 -21.39 33.08
CA ALA A 368 0.65 -21.23 32.54
C ALA A 368 0.22 -19.76 32.56
N ILE A 369 1.13 -18.88 32.99
CA ILE A 369 0.83 -17.45 33.06
C ILE A 369 1.20 -16.79 31.72
N SER A 370 1.69 -17.60 30.80
CA SER A 370 2.07 -17.13 29.46
C SER A 370 0.94 -16.43 28.68
N PRO A 371 -0.26 -17.02 28.61
CA PRO A 371 -1.30 -16.34 27.82
C PRO A 371 -1.73 -15.02 28.44
N TRP A 372 -1.50 -14.86 29.74
CA TRP A 372 -1.75 -13.59 30.41
C TRP A 372 -0.73 -12.55 29.99
N PHE A 373 0.52 -12.99 29.84
CA PHE A 373 1.58 -12.13 29.33
C PHE A 373 1.31 -11.70 27.90
N SER A 374 0.94 -12.66 27.06
CA SER A 374 0.57 -12.36 25.68
C SER A 374 -0.63 -11.43 25.63
N ALA A 375 -1.56 -11.63 26.55
CA ALA A 375 -2.73 -10.77 26.68
C ALA A 375 -2.32 -9.35 26.99
N ILE A 376 -1.43 -9.20 27.97
CA ILE A 376 -0.88 -7.91 28.33
C ILE A 376 -0.20 -7.25 27.12
N ILE A 377 0.49 -8.08 26.34
CA ILE A 377 1.14 -7.61 25.12
C ILE A 377 0.12 -7.03 24.16
N GLY A 378 -0.97 -7.77 23.93
CA GLY A 378 -2.04 -7.31 23.07
C GLY A 378 -2.68 -6.01 23.56
N ILE A 379 -2.99 -5.97 24.85
CA ILE A 379 -3.61 -4.80 25.48
C ILE A 379 -2.72 -3.56 25.32
N PHE A 380 -1.49 -3.66 25.80
CA PHE A 380 -0.53 -2.57 25.70
C PHE A 380 -0.31 -2.15 24.26
N SER A 381 -0.29 -3.13 23.36
CA SER A 381 -0.16 -2.85 21.94
C SER A 381 -1.30 -1.96 21.46
N GLY A 382 -2.53 -2.40 21.72
CA GLY A 382 -3.71 -1.62 21.37
C GLY A 382 -3.70 -0.22 21.95
N ILE A 383 -3.33 -0.12 23.22
CA ILE A 383 -3.24 1.18 23.89
C ILE A 383 -2.23 2.10 23.20
N LEU A 384 -1.06 1.55 22.88
CA LEU A 384 -0.03 2.31 22.17
C LEU A 384 -0.52 2.77 20.80
N ILE A 385 -1.25 1.88 20.11
CA ILE A 385 -1.87 2.21 18.84
C ILE A 385 -2.81 3.40 19.01
N GLY A 386 -3.59 3.37 20.09
CA GLY A 386 -4.47 4.47 20.44
C GLY A 386 -3.72 5.76 20.63
N PHE A 387 -2.63 5.70 21.39
CA PHE A 387 -1.80 6.87 21.66
C PHE A 387 -1.24 7.47 20.37
N TRP A 388 -0.70 6.63 19.51
CA TRP A 388 -0.15 7.08 18.24
C TRP A 388 -1.22 7.69 17.34
N ALA A 389 -2.35 7.00 17.26
CA ALA A 389 -3.50 7.46 16.49
C ALA A 389 -3.89 8.86 16.93
N GLU A 390 -4.11 9.02 18.24
CA GLU A 390 -4.45 10.31 18.83
C GLU A 390 -3.39 11.36 18.52
N TYR A 391 -2.13 10.97 18.58
CA TYR A 391 -1.03 11.88 18.27
C TYR A 391 -1.13 12.42 16.85
N TYR A 392 -1.30 11.52 15.89
CA TYR A 392 -1.33 11.90 14.48
C TYR A 392 -2.62 12.60 14.07
N THR A 393 -3.72 12.32 14.76
CA THR A 393 -5.01 12.85 14.34
C THR A 393 -5.46 14.10 15.11
N SER A 394 -5.08 14.22 16.38
CA SER A 394 -5.54 15.35 17.19
C SER A 394 -4.73 16.61 16.89
N TYR A 395 -5.41 17.76 16.91
CA TYR A 395 -4.76 19.03 16.61
C TYR A 395 -4.15 19.64 17.86
N ARG A 396 -4.19 18.89 18.97
CA ARG A 396 -3.52 19.30 20.19
C ARG A 396 -2.03 19.00 20.09
N TYR A 397 -1.63 18.30 19.03
CA TYR A 397 -0.25 17.92 18.82
C TYR A 397 0.32 18.50 17.52
N LYS A 398 1.56 18.17 17.23
CA LYS A 398 2.29 18.77 16.10
C LYS A 398 1.79 18.42 14.69
N PRO A 399 1.60 17.12 14.37
CA PRO A 399 1.35 16.78 12.95
C PRO A 399 0.07 17.38 12.37
N THR A 400 -1.04 17.27 13.09
CA THR A 400 -2.31 17.78 12.60
C THR A 400 -2.29 19.31 12.53
N GLN A 401 -1.57 19.93 13.47
CA GLN A 401 -1.38 21.37 13.47
C GLN A 401 -0.63 21.83 12.23
N PHE A 402 0.44 21.11 11.90
CA PHE A 402 1.22 21.42 10.70
C PHE A 402 0.37 21.21 9.45
N LEU A 403 -0.42 20.14 9.46
CA LEU A 403 -1.32 19.85 8.34
C LEU A 403 -2.31 20.99 8.11
N GLY A 404 -2.91 21.47 9.19
CA GLY A 404 -3.85 22.58 9.12
C GLY A 404 -3.21 23.88 8.69
N LYS A 405 -2.02 24.17 9.24
CA LYS A 405 -1.30 25.39 8.94
C LYS A 405 -0.76 25.39 7.52
N SER A 406 -0.60 24.20 6.94
CA SER A 406 -0.07 24.06 5.59
C SER A 406 -1.07 24.51 4.52
N SER A 407 -2.29 24.78 4.96
CA SER A 407 -3.37 25.18 4.05
C SER A 407 -3.11 26.53 3.39
N ILE A 408 -2.23 27.32 3.99
CA ILE A 408 -1.89 28.65 3.47
C ILE A 408 -1.19 28.52 2.11
N GLU A 409 -0.53 27.39 1.90
CA GLU A 409 0.29 27.20 0.70
C GLU A 409 -0.52 26.65 -0.46
N GLY A 410 -1.76 26.24 -0.19
CA GLY A 410 -2.64 25.75 -1.25
C GLY A 410 -3.32 24.43 -0.90
N THR A 411 -4.11 23.92 -1.84
CA THR A 411 -4.82 22.67 -1.66
C THR A 411 -3.91 21.47 -1.88
N GLY A 412 -3.12 21.53 -2.94
CA GLY A 412 -2.17 20.49 -3.27
C GLY A 412 -1.24 20.15 -2.13
N MET A 413 -0.87 21.17 -1.36
CA MET A 413 0.00 20.97 -0.20
C MET A 413 -0.76 20.24 0.90
N VAL A 414 -2.03 20.58 1.07
CA VAL A 414 -2.89 19.91 2.05
C VAL A 414 -3.00 18.42 1.73
N ILE A 415 -3.30 18.12 0.47
CA ILE A 415 -3.44 16.74 0.02
C ILE A 415 -2.11 15.98 0.15
N SER A 416 -1.05 16.57 -0.35
CA SER A 416 0.27 15.95 -0.32
C SER A 416 0.73 15.65 1.11
N ASN A 417 0.70 16.66 1.96
CA ASN A 417 1.09 16.49 3.36
C ASN A 417 0.15 15.55 4.11
N GLY A 418 -1.09 15.47 3.64
CA GLY A 418 -2.05 14.54 4.21
C GLY A 418 -1.68 13.10 3.92
N LEU A 419 -1.43 12.82 2.65
CA LEU A 419 -1.00 11.48 2.23
C LEU A 419 0.32 11.11 2.91
N SER A 420 1.21 12.11 3.02
CA SER A 420 2.49 11.92 3.71
C SER A 420 2.29 11.54 5.17
N LEU A 421 1.38 12.24 5.83
CA LEU A 421 1.04 11.95 7.22
C LEU A 421 0.50 10.53 7.34
N GLY A 422 -0.40 10.17 6.44
CA GLY A 422 -0.96 8.84 6.39
C GLY A 422 0.09 7.75 6.26
N MET A 423 1.03 7.94 5.33
CA MET A 423 2.08 6.95 5.11
C MET A 423 3.08 6.87 6.26
N LYS A 424 3.40 8.01 6.85
CA LYS A 424 4.36 8.07 7.95
C LYS A 424 3.79 7.47 9.23
N SER A 425 2.49 7.69 9.45
CA SER A 425 1.82 7.23 10.66
C SER A 425 1.67 5.71 10.71
N VAL A 426 2.09 5.04 9.64
CA VAL A 426 2.00 3.60 9.55
C VAL A 426 3.06 2.90 10.41
N PHE A 427 4.26 3.48 10.44
CA PHE A 427 5.42 2.81 11.03
C PHE A 427 5.32 2.56 12.55
N PRO A 428 4.91 3.57 13.35
CA PRO A 428 4.85 3.27 14.79
C PRO A 428 3.89 2.14 15.21
N PRO A 429 2.61 2.16 14.79
CA PRO A 429 1.76 1.07 15.26
C PRO A 429 2.14 -0.28 14.64
N THR A 430 2.74 -0.24 13.46
CA THR A 430 3.21 -1.46 12.81
C THR A 430 4.35 -2.06 13.62
N LEU A 431 5.27 -1.20 14.07
CA LEU A 431 6.37 -1.64 14.91
C LEU A 431 5.86 -2.19 16.23
N THR A 432 4.88 -1.49 16.81
CA THR A 432 4.22 -1.95 18.03
C THR A 432 3.65 -3.35 17.82
N LEU A 433 3.08 -3.57 16.64
CA LEU A 433 2.53 -4.87 16.28
C LEU A 433 3.61 -5.92 16.06
N VAL A 434 4.77 -5.49 15.57
CA VAL A 434 5.88 -6.40 15.35
C VAL A 434 6.39 -6.92 16.68
N LEU A 435 6.71 -5.99 17.58
CA LEU A 435 7.15 -6.37 18.92
C LEU A 435 6.06 -7.14 19.65
N GLY A 436 4.82 -6.79 19.38
CA GLY A 436 3.67 -7.48 19.95
C GLY A 436 3.65 -8.94 19.56
N ILE A 437 3.76 -9.19 18.26
CA ILE A 437 3.79 -10.54 17.73
C ILE A 437 4.98 -11.32 18.26
N LEU A 438 6.16 -10.72 18.20
CA LEU A 438 7.39 -11.38 18.66
C LEU A 438 7.31 -11.76 20.12
N PHE A 439 6.83 -10.86 20.96
CA PHE A 439 6.75 -11.12 22.40
C PHE A 439 5.66 -12.13 22.75
N ALA A 440 4.48 -11.97 22.14
CA ALA A 440 3.38 -12.92 22.35
C ALA A 440 3.82 -14.33 21.95
N ASP A 441 4.54 -14.42 20.84
CA ASP A 441 5.09 -15.68 20.37
C ASP A 441 6.15 -16.21 21.32
N TYR A 442 6.92 -15.29 21.90
CA TYR A 442 7.94 -15.64 22.89
C TYR A 442 7.31 -16.29 24.12
N PHE A 443 6.21 -15.72 24.59
CA PHE A 443 5.55 -16.21 25.79
C PHE A 443 4.76 -17.49 25.55
N ALA A 444 3.83 -17.47 24.59
CA ALA A 444 2.96 -18.63 24.39
C ALA A 444 2.76 -19.00 22.92
N GLY A 445 3.69 -18.59 22.06
CA GLY A 445 3.66 -18.97 20.66
C GLY A 445 2.44 -18.49 19.90
N LEU A 446 1.94 -19.35 19.01
CA LEU A 446 0.79 -19.04 18.18
C LEU A 446 -0.45 -18.80 19.01
N TYR A 447 -0.63 -19.63 20.04
CA TYR A 447 -1.72 -19.45 20.99
C TYR A 447 -1.57 -18.10 21.68
N GLY A 448 -0.32 -17.74 21.99
CA GLY A 448 -0.01 -16.43 22.55
C GLY A 448 -0.47 -15.30 21.66
N VAL A 449 -0.17 -15.39 20.38
CA VAL A 449 -0.62 -14.40 19.40
C VAL A 449 -2.15 -14.32 19.35
N ALA A 450 -2.79 -15.48 19.24
CA ALA A 450 -4.24 -15.57 19.16
C ALA A 450 -4.90 -14.94 20.38
N ILE A 451 -4.31 -15.14 21.55
CA ILE A 451 -4.84 -14.59 22.78
C ILE A 451 -4.54 -13.09 22.86
N ALA A 452 -3.43 -12.68 22.28
CA ALA A 452 -3.05 -11.27 22.25
C ALA A 452 -4.05 -10.47 21.40
N ALA A 453 -4.51 -11.10 20.32
CA ALA A 453 -5.57 -10.53 19.48
C ALA A 453 -6.79 -10.20 20.32
N LEU A 454 -7.14 -11.12 21.22
CA LEU A 454 -8.26 -10.93 22.14
C LEU A 454 -7.95 -9.85 23.16
N GLY A 455 -6.71 -9.84 23.64
CA GLY A 455 -6.27 -8.88 24.64
C GLY A 455 -6.41 -7.45 24.16
N MET A 456 -5.99 -7.20 22.92
CA MET A 456 -6.13 -5.87 22.32
C MET A 456 -7.59 -5.42 22.34
N LEU A 457 -8.50 -6.38 22.20
CA LEU A 457 -9.93 -6.09 22.16
C LEU A 457 -10.67 -6.65 23.37
N SER A 458 -9.92 -6.99 24.42
CA SER A 458 -10.51 -7.51 25.65
C SER A 458 -11.57 -6.57 26.21
N PHE A 459 -11.32 -5.27 26.07
CA PHE A 459 -12.29 -4.26 26.48
C PHE A 459 -12.95 -3.65 25.25
N VAL A 460 -13.45 -4.52 24.37
CA VAL A 460 -14.08 -4.10 23.13
C VAL A 460 -15.28 -3.18 23.38
N ALA A 461 -15.98 -3.42 24.48
CA ALA A 461 -17.16 -2.62 24.84
C ALA A 461 -16.78 -1.16 25.03
N THR A 462 -15.70 -0.92 25.75
CA THR A 462 -15.24 0.44 26.03
C THR A 462 -14.74 1.11 24.75
N SER A 463 -14.06 0.34 23.91
CA SER A 463 -13.55 0.86 22.64
C SER A 463 -14.70 1.29 21.72
N VAL A 464 -15.67 0.40 21.54
CA VAL A 464 -16.86 0.69 20.74
C VAL A 464 -17.62 1.87 21.31
N SER A 465 -17.70 1.94 22.64
CA SER A 465 -18.39 3.05 23.30
C SER A 465 -17.72 4.39 23.00
N VAL A 466 -16.44 4.48 23.35
CA VAL A 466 -15.64 5.67 23.11
C VAL A 466 -15.66 6.10 21.64
N ASP A 467 -15.67 5.12 20.75
CA ASP A 467 -15.68 5.39 19.31
C ASP A 467 -17.04 5.90 18.84
N SER A 468 -18.10 5.30 19.36
CA SER A 468 -19.46 5.63 18.96
C SER A 468 -19.91 6.95 19.60
N TYR A 469 -19.16 7.40 20.59
CA TYR A 469 -19.38 8.69 21.23
C TYR A 469 -19.33 9.85 20.22
N GLY A 470 -18.58 9.65 19.14
CA GLY A 470 -18.37 10.68 18.14
C GLY A 470 -19.52 11.04 17.22
N PRO A 471 -20.08 10.06 16.49
CA PRO A 471 -21.19 10.32 15.57
C PRO A 471 -22.37 11.04 16.22
N ILE A 472 -22.64 10.72 17.48
CA ILE A 472 -23.69 11.40 18.23
C ILE A 472 -23.38 12.88 18.38
N ALA A 473 -22.12 13.19 18.68
CA ALA A 473 -21.67 14.58 18.80
C ALA A 473 -21.76 15.31 17.47
N ASP A 474 -21.28 14.67 16.41
CA ASP A 474 -21.35 15.24 15.07
C ASP A 474 -22.78 15.58 14.68
N ASN A 475 -23.68 14.62 14.92
CA ASN A 475 -25.10 14.82 14.68
C ASN A 475 -25.66 15.98 15.51
N ALA A 476 -25.22 16.06 16.77
CA ALA A 476 -25.63 17.16 17.65
C ALA A 476 -25.23 18.51 17.05
N GLY A 477 -24.03 18.56 16.47
CA GLY A 477 -23.56 19.76 15.81
C GLY A 477 -24.37 20.10 14.58
N GLY A 478 -24.61 19.11 13.73
CA GLY A 478 -25.43 19.29 12.55
C GLY A 478 -26.82 19.80 12.86
N ILE A 479 -27.43 19.24 13.89
CA ILE A 479 -28.76 19.65 14.33
C ILE A 479 -28.74 21.05 14.90
N SER A 480 -27.74 21.34 15.72
CA SER A 480 -27.62 22.66 16.34
C SER A 480 -27.48 23.74 15.27
N GLU A 481 -26.71 23.46 14.23
CA GLU A 481 -26.54 24.40 13.14
C GLU A 481 -27.80 24.51 12.27
N MET A 482 -28.46 23.38 12.05
CA MET A 482 -29.65 23.35 11.20
C MET A 482 -30.78 24.20 11.77
N CYS A 483 -30.84 24.28 13.09
CA CYS A 483 -31.92 25.01 13.77
C CYS A 483 -31.46 26.40 14.20
N GLU A 484 -30.23 26.75 13.82
CA GLU A 484 -29.63 28.05 14.13
C GLU A 484 -29.64 28.36 15.62
N LEU A 485 -28.60 27.90 16.32
CA LEU A 485 -28.50 28.07 17.76
C LEU A 485 -27.34 28.99 18.14
N ASP A 486 -27.15 29.16 19.45
CA ASP A 486 -26.02 29.91 19.98
C ASP A 486 -24.71 29.24 19.57
N PRO A 487 -23.70 30.05 19.21
CA PRO A 487 -22.40 29.53 18.75
C PRO A 487 -21.65 28.69 19.79
N GLU A 488 -22.00 28.87 21.07
CA GLU A 488 -21.38 28.08 22.13
C GLU A 488 -21.73 26.60 21.97
N VAL A 489 -22.97 26.35 21.59
CA VAL A 489 -23.44 24.99 21.28
C VAL A 489 -22.58 24.39 20.19
N ARG A 490 -22.37 25.17 19.13
CA ARG A 490 -21.58 24.74 17.99
C ARG A 490 -20.14 24.44 18.39
N LYS A 491 -19.59 25.27 19.27
CA LYS A 491 -18.22 25.09 19.74
C LYS A 491 -18.08 23.81 20.56
N ILE A 492 -19.02 23.59 21.48
CA ILE A 492 -19.05 22.38 22.29
C ILE A 492 -19.14 21.14 21.41
N THR A 493 -20.13 21.13 20.51
CA THR A 493 -20.35 19.99 19.64
C THR A 493 -19.18 19.75 18.69
N ASP A 494 -18.49 20.82 18.29
CA ASP A 494 -17.30 20.70 17.46
C ASP A 494 -16.15 20.06 18.24
N HIS A 495 -16.01 20.47 19.50
CA HIS A 495 -15.04 19.85 20.40
C HIS A 495 -15.29 18.35 20.50
N LEU A 496 -16.50 17.99 20.92
CA LEU A 496 -16.90 16.60 21.07
C LEU A 496 -16.74 15.81 19.77
N ASP A 497 -16.97 16.50 18.65
CA ASP A 497 -16.92 15.87 17.34
C ASP A 497 -15.49 15.56 16.91
N ALA A 498 -14.58 16.51 17.15
CA ALA A 498 -13.16 16.31 16.87
C ALA A 498 -12.63 15.16 17.72
N VAL A 499 -12.97 15.19 19.01
CA VAL A 499 -12.60 14.11 19.91
C VAL A 499 -13.10 12.77 19.35
N GLY A 500 -14.36 12.75 18.94
CA GLY A 500 -14.95 11.59 18.30
C GLY A 500 -14.16 11.11 17.10
N ASN A 501 -13.70 12.05 16.27
CA ASN A 501 -12.90 11.74 15.10
C ASN A 501 -11.59 11.07 15.49
N THR A 502 -11.02 11.49 16.62
CA THR A 502 -9.85 10.82 17.16
C THR A 502 -10.17 9.39 17.59
N THR A 503 -11.25 9.25 18.36
CA THR A 503 -11.68 7.95 18.87
C THR A 503 -11.94 6.96 17.73
N ALA A 504 -12.46 7.46 16.62
CA ALA A 504 -12.68 6.64 15.43
C ALA A 504 -11.38 6.01 14.95
N ALA A 505 -10.36 6.85 14.78
CA ALA A 505 -9.03 6.40 14.36
C ALA A 505 -8.48 5.38 15.34
N ILE A 506 -8.64 5.65 16.63
CA ILE A 506 -8.23 4.72 17.67
C ILE A 506 -8.86 3.34 17.48
N GLY A 507 -10.19 3.32 17.39
CA GLY A 507 -10.94 2.10 17.18
C GLY A 507 -10.50 1.34 15.94
N LYS A 508 -10.29 2.07 14.85
CA LYS A 508 -9.78 1.48 13.62
C LYS A 508 -8.43 0.79 13.85
N GLY A 509 -7.53 1.48 14.54
CA GLY A 509 -6.24 0.92 14.89
C GLY A 509 -6.35 -0.38 15.67
N PHE A 510 -7.16 -0.37 16.72
CA PHE A 510 -7.47 -1.57 17.48
C PHE A 510 -7.92 -2.70 16.56
N ALA A 511 -8.91 -2.39 15.73
CA ALA A 511 -9.51 -3.35 14.81
C ALA A 511 -8.48 -4.01 13.91
N ILE A 512 -7.66 -3.20 13.23
CA ILE A 512 -6.69 -3.74 12.28
C ILE A 512 -5.57 -4.52 13.00
N GLY A 513 -5.18 -4.06 14.19
CA GLY A 513 -4.18 -4.77 14.97
C GLY A 513 -4.64 -6.17 15.35
N SER A 514 -5.77 -6.24 16.05
CA SER A 514 -6.37 -7.50 16.43
C SER A 514 -6.58 -8.39 15.20
N ALA A 515 -7.02 -7.77 14.12
CA ALA A 515 -7.21 -8.45 12.84
C ALA A 515 -5.93 -9.12 12.38
N ILE A 516 -4.80 -8.43 12.56
CA ILE A 516 -3.50 -8.97 12.13
C ILE A 516 -3.03 -10.13 13.00
N PHE A 517 -3.08 -9.97 14.32
CA PHE A 517 -2.71 -11.06 15.22
C PHE A 517 -3.55 -12.31 14.91
N ALA A 518 -4.87 -12.10 14.90
CA ALA A 518 -5.82 -13.15 14.55
C ALA A 518 -5.52 -13.72 13.17
N ALA A 519 -4.99 -12.89 12.28
CA ALA A 519 -4.66 -13.34 10.92
C ALA A 519 -3.50 -14.32 10.95
N LEU A 520 -2.50 -14.05 11.78
CA LEU A 520 -1.39 -14.97 11.96
C LEU A 520 -1.91 -16.31 12.52
N SER A 521 -2.68 -16.21 13.59
CA SER A 521 -3.25 -17.42 14.20
C SER A 521 -4.08 -18.21 13.19
N LEU A 522 -4.75 -17.50 12.30
CA LEU A 522 -5.58 -18.10 11.26
C LEU A 522 -4.72 -18.70 10.15
N PHE A 523 -3.51 -18.18 9.98
CA PHE A 523 -2.54 -18.82 9.08
C PHE A 523 -2.20 -20.18 9.65
N ALA A 524 -1.90 -20.20 10.94
CA ALA A 524 -1.61 -21.46 11.63
C ALA A 524 -2.76 -22.47 11.48
N SER A 525 -3.96 -22.04 11.83
CA SER A 525 -5.15 -22.88 11.73
C SER A 525 -5.40 -23.34 10.30
N TYR A 526 -5.09 -22.47 9.33
CA TYR A 526 -5.25 -22.79 7.92
C TYR A 526 -4.33 -23.91 7.50
N MET A 527 -3.08 -23.84 7.98
CA MET A 527 -2.12 -24.92 7.72
C MET A 527 -2.59 -26.22 8.39
N PHE A 528 -3.13 -26.11 9.59
CA PHE A 528 -3.66 -27.27 10.30
C PHE A 528 -4.80 -27.96 9.54
N SER A 529 -5.73 -27.18 9.03
CA SER A 529 -6.96 -27.69 8.42
C SER A 529 -6.74 -28.64 7.24
N GLN A 530 -5.57 -28.55 6.59
CA GLN A 530 -5.30 -29.35 5.39
C GLN A 530 -5.16 -30.84 5.70
N ILE A 531 -4.83 -31.17 6.94
CA ILE A 531 -4.55 -32.55 7.32
C ILE A 531 -5.76 -33.47 7.23
N SER A 532 -5.61 -34.55 6.48
CA SER A 532 -6.63 -35.58 6.36
C SER A 532 -6.43 -36.61 7.47
N PRO A 533 -7.46 -37.44 7.76
CA PRO A 533 -7.30 -38.47 8.77
C PRO A 533 -6.15 -39.43 8.48
N SER A 534 -5.82 -39.60 7.21
CA SER A 534 -4.69 -40.44 6.81
C SER A 534 -3.37 -39.76 7.18
N ASP A 535 -3.35 -38.44 7.07
CA ASP A 535 -2.12 -37.67 7.31
C ASP A 535 -2.03 -37.17 8.75
N ILE A 536 -2.70 -37.86 9.67
CA ILE A 536 -2.78 -37.42 11.05
C ILE A 536 -1.43 -37.58 11.78
N GLY A 537 -0.60 -38.48 11.29
CA GLY A 537 0.65 -38.81 11.96
C GLY A 537 1.78 -37.81 11.76
N LYS A 538 1.62 -36.92 10.79
CA LYS A 538 2.65 -35.94 10.45
C LYS A 538 3.00 -35.04 11.63
N PRO A 539 4.31 -34.75 11.79
CA PRO A 539 4.80 -33.89 12.87
C PRO A 539 4.27 -32.47 12.75
N PRO A 540 4.09 -31.77 13.90
CA PRO A 540 3.55 -30.41 13.92
C PRO A 540 4.43 -29.40 13.17
N SER A 541 5.74 -29.60 13.22
CA SER A 541 6.68 -28.67 12.59
C SER A 541 6.58 -28.69 11.06
N LEU A 542 6.38 -29.88 10.49
CA LEU A 542 6.29 -30.02 9.04
C LEU A 542 4.96 -29.47 8.51
N VAL A 543 3.95 -29.43 9.38
CA VAL A 543 2.65 -28.90 9.00
C VAL A 543 2.70 -27.38 8.90
N LEU A 544 3.20 -26.74 9.96
CA LEU A 544 3.33 -25.29 10.00
C LEU A 544 4.42 -24.81 9.06
N LEU A 545 4.18 -24.91 7.76
CA LEU A 545 5.18 -24.55 6.76
C LEU A 545 4.58 -23.88 5.53
N LEU A 546 4.88 -22.58 5.38
CA LEU A 546 4.42 -21.82 4.22
C LEU A 546 5.59 -21.12 3.55
N ASN A 547 6.25 -21.82 2.63
CA ASN A 547 7.48 -21.35 2.03
C ASN A 547 7.24 -20.24 1.02
N MET A 548 7.94 -19.11 1.20
CA MET A 548 7.80 -17.97 0.31
C MET A 548 8.45 -18.23 -1.04
N LEU A 549 9.54 -19.00 -1.03
CA LEU A 549 10.29 -19.27 -2.25
C LEU A 549 9.49 -20.12 -3.22
N ASP A 550 8.43 -20.74 -2.72
CA ASP A 550 7.47 -21.41 -3.58
C ASP A 550 6.78 -20.35 -4.45
N ALA A 551 6.84 -20.54 -5.76
CA ALA A 551 6.32 -19.56 -6.71
C ALA A 551 4.86 -19.21 -6.43
N ARG A 552 4.05 -20.24 -6.18
CA ARG A 552 2.63 -20.07 -5.91
C ARG A 552 2.37 -19.13 -4.75
N VAL A 553 3.22 -19.20 -3.73
CA VAL A 553 3.03 -18.40 -2.52
C VAL A 553 3.34 -16.92 -2.74
N ILE A 554 4.49 -16.60 -3.33
CA ILE A 554 4.85 -15.20 -3.58
C ILE A 554 3.94 -14.58 -4.64
N ALA A 555 3.61 -15.36 -5.67
CA ALA A 555 2.64 -14.92 -6.68
C ALA A 555 1.30 -14.66 -6.02
N GLY A 556 0.94 -15.53 -5.09
CA GLY A 556 -0.25 -15.35 -4.28
C GLY A 556 -0.22 -14.04 -3.53
N ALA A 557 0.90 -13.75 -2.88
CA ALA A 557 1.06 -12.51 -2.12
C ALA A 557 0.86 -11.29 -3.00
N LEU A 558 1.53 -11.27 -4.15
CA LEU A 558 1.38 -10.20 -5.12
C LEU A 558 -0.08 -10.02 -5.52
N LEU A 559 -0.71 -11.11 -5.91
CA LEU A 559 -2.11 -11.09 -6.33
C LEU A 559 -3.01 -10.51 -5.24
N GLY A 560 -3.03 -11.16 -4.09
CA GLY A 560 -3.80 -10.71 -2.93
C GLY A 560 -3.62 -9.23 -2.61
N ALA A 561 -2.37 -8.78 -2.67
CA ALA A 561 -2.06 -7.36 -2.49
C ALA A 561 -2.82 -6.52 -3.51
N ALA A 562 -2.69 -6.89 -4.78
CA ALA A 562 -3.38 -6.18 -5.86
C ALA A 562 -4.90 -6.21 -5.68
N ILE A 563 -5.41 -7.31 -5.14
CA ILE A 563 -6.83 -7.47 -4.89
C ILE A 563 -7.30 -6.52 -3.80
N THR A 564 -6.47 -6.35 -2.77
CA THR A 564 -6.77 -5.41 -1.70
C THR A 564 -6.81 -3.98 -2.24
N TYR A 565 -5.78 -3.63 -3.02
CA TYR A 565 -5.71 -2.29 -3.61
C TYR A 565 -6.90 -2.01 -4.53
N TYR A 566 -7.21 -2.96 -5.41
CA TYR A 566 -8.35 -2.81 -6.32
C TYR A 566 -9.66 -2.75 -5.55
N PHE A 567 -9.72 -3.45 -4.41
CA PHE A 567 -10.88 -3.41 -3.53
C PHE A 567 -11.09 -1.99 -3.03
N SER A 568 -10.02 -1.40 -2.51
CA SER A 568 -10.04 -0.02 -2.06
C SER A 568 -10.48 0.92 -3.17
N GLY A 569 -9.89 0.76 -4.35
CA GLY A 569 -10.24 1.53 -5.52
C GLY A 569 -11.72 1.45 -5.87
N TYR A 570 -12.26 0.24 -5.82
CA TYR A 570 -13.67 0.01 -6.10
C TYR A 570 -14.55 0.74 -5.10
N LEU A 571 -14.18 0.69 -3.83
CA LEU A 571 -14.94 1.39 -2.80
C LEU A 571 -14.93 2.91 -3.05
N ILE A 572 -13.74 3.45 -3.31
CA ILE A 572 -13.59 4.87 -3.60
C ILE A 572 -14.46 5.28 -4.78
N SER A 573 -14.38 4.53 -5.87
CA SER A 573 -15.18 4.78 -7.06
C SER A 573 -16.68 4.76 -6.75
N ALA A 574 -17.10 3.73 -6.01
CA ALA A 574 -18.49 3.59 -5.58
C ALA A 574 -18.96 4.83 -4.84
N VAL A 575 -18.11 5.37 -3.99
CA VAL A 575 -18.43 6.62 -3.29
C VAL A 575 -18.54 7.79 -4.29
N THR A 576 -17.53 7.93 -5.14
CA THR A 576 -17.46 9.06 -6.07
C THR A 576 -18.64 9.10 -7.04
N LYS A 577 -19.24 7.96 -7.33
CA LYS A 577 -20.42 7.92 -8.19
C LYS A 577 -21.55 8.78 -7.63
N ALA A 578 -22.14 8.32 -6.53
CA ALA A 578 -23.22 9.04 -5.86
C ALA A 578 -22.77 10.42 -5.37
N ALA A 579 -21.48 10.55 -5.08
CA ALA A 579 -20.93 11.84 -4.69
C ALA A 579 -21.08 12.86 -5.82
N MET A 580 -20.62 12.48 -7.00
CA MET A 580 -20.74 13.34 -8.19
C MET A 580 -22.20 13.61 -8.53
N LYS A 581 -23.01 12.55 -8.58
CA LYS A 581 -24.43 12.70 -8.87
C LYS A 581 -25.10 13.68 -7.91
N MET A 582 -24.75 13.57 -6.63
CA MET A 582 -25.30 14.45 -5.61
C MET A 582 -24.79 15.87 -5.74
N VAL A 583 -23.54 16.03 -6.15
CA VAL A 583 -23.00 17.37 -6.42
C VAL A 583 -23.83 18.05 -7.50
N ASP A 584 -24.02 17.34 -8.61
CA ASP A 584 -24.84 17.83 -9.71
C ASP A 584 -26.25 18.16 -9.23
N GLU A 585 -26.79 17.32 -8.36
CA GLU A 585 -28.12 17.55 -7.81
C GLU A 585 -28.19 18.82 -6.98
N ILE A 586 -27.19 19.05 -6.13
CA ILE A 586 -27.13 20.24 -5.28
C ILE A 586 -27.04 21.49 -6.13
N ARG A 587 -26.18 21.45 -7.15
CA ARG A 587 -26.06 22.56 -8.08
C ARG A 587 -27.39 22.85 -8.77
N ARG A 588 -28.03 21.78 -9.25
CA ARG A 588 -29.31 21.90 -9.95
C ARG A 588 -30.40 22.48 -9.06
N GLN A 589 -30.40 22.09 -7.79
CA GLN A 589 -31.41 22.59 -6.85
C GLN A 589 -31.15 24.04 -6.48
N ALA A 590 -29.88 24.37 -6.25
CA ALA A 590 -29.50 25.74 -5.95
C ALA A 590 -29.85 26.68 -7.11
N ARG A 591 -29.73 26.16 -8.33
CA ARG A 591 -30.04 26.94 -9.52
C ARG A 591 -31.55 27.08 -9.76
N GLU A 592 -32.27 25.97 -9.68
CA GLU A 592 -33.67 25.93 -10.09
C GLU A 592 -34.67 26.23 -8.97
N ILE A 593 -34.20 26.34 -7.74
CA ILE A 593 -35.08 26.65 -6.63
C ILE A 593 -34.81 28.05 -6.08
N PRO A 594 -35.76 28.97 -6.28
CA PRO A 594 -35.65 30.35 -5.80
C PRO A 594 -35.93 30.47 -4.30
N GLY A 595 -35.09 31.23 -3.60
CA GLY A 595 -35.25 31.41 -2.17
C GLY A 595 -34.59 30.32 -1.36
N LEU A 596 -33.92 29.39 -2.04
CA LEU A 596 -33.24 28.29 -1.38
C LEU A 596 -32.04 28.78 -0.57
N LEU A 597 -31.22 29.64 -1.20
CA LEU A 597 -30.02 30.14 -0.57
C LEU A 597 -30.31 31.30 0.37
N GLU A 598 -31.55 31.78 0.35
CA GLU A 598 -31.96 32.89 1.19
C GLU A 598 -32.67 32.42 2.45
N GLY A 599 -32.84 31.11 2.57
CA GLY A 599 -33.54 30.54 3.70
C GLY A 599 -35.03 30.81 3.65
N LYS A 600 -35.56 30.90 2.42
CA LYS A 600 -36.98 31.17 2.22
C LYS A 600 -37.61 30.09 1.35
N ALA A 601 -36.97 28.92 1.31
CA ALA A 601 -37.46 27.78 0.54
C ALA A 601 -36.78 26.51 1.00
N LYS A 602 -37.58 25.55 1.47
CA LYS A 602 -37.05 24.28 1.96
C LYS A 602 -36.51 23.44 0.81
N PRO A 603 -35.23 23.05 0.90
CA PRO A 603 -34.57 22.24 -0.14
C PRO A 603 -35.09 20.80 -0.17
N ASP A 604 -34.95 20.15 -1.31
CA ASP A 604 -35.41 18.77 -1.46
C ASP A 604 -34.33 17.79 -1.02
N TYR A 605 -34.41 17.37 0.24
CA TYR A 605 -33.44 16.44 0.82
C TYR A 605 -33.60 15.03 0.26
N ASN A 606 -34.86 14.64 0.02
CA ASN A 606 -35.20 13.29 -0.40
C ASN A 606 -34.49 12.81 -1.66
N ARG A 607 -34.16 13.73 -2.55
CA ARG A 607 -33.40 13.40 -3.75
C ARG A 607 -31.98 12.98 -3.38
N CYS A 608 -31.33 13.80 -2.56
CA CYS A 608 -30.00 13.53 -2.05
C CYS A 608 -29.97 12.20 -1.31
N ILE A 609 -31.03 11.93 -0.55
CA ILE A 609 -31.19 10.64 0.10
C ILE A 609 -31.24 9.51 -0.92
N GLU A 610 -32.06 9.70 -1.95
CA GLU A 610 -32.30 8.69 -2.98
C GLU A 610 -31.03 8.31 -3.73
N ILE A 611 -30.22 9.30 -4.09
CA ILE A 611 -28.98 9.04 -4.81
C ILE A 611 -28.06 8.07 -4.05
N THR A 612 -27.64 8.48 -2.86
CA THR A 612 -26.76 7.67 -2.04
C THR A 612 -27.38 6.34 -1.64
N SER A 613 -28.69 6.34 -1.39
CA SER A 613 -29.38 5.11 -1.04
C SER A 613 -29.28 4.09 -2.18
N ASP A 614 -29.70 4.51 -3.37
CA ASP A 614 -29.66 3.64 -4.54
C ASP A 614 -28.25 3.15 -4.83
N ASN A 615 -27.29 4.09 -4.89
CA ASN A 615 -25.91 3.74 -5.18
C ASN A 615 -25.32 2.76 -4.17
N ALA A 616 -25.56 3.03 -2.88
CA ALA A 616 -25.06 2.17 -1.81
C ALA A 616 -25.66 0.77 -1.90
N LEU A 617 -26.99 0.71 -2.02
CA LEU A 617 -27.67 -0.57 -2.14
C LEU A 617 -27.16 -1.37 -3.34
N LYS A 618 -26.89 -0.68 -4.43
CA LYS A 618 -26.37 -1.32 -5.64
C LYS A 618 -24.95 -1.85 -5.45
N GLN A 619 -24.06 -1.01 -4.95
CA GLN A 619 -22.64 -1.32 -4.88
C GLN A 619 -22.26 -2.28 -3.74
N MET A 620 -23.01 -2.22 -2.64
CA MET A 620 -22.67 -2.98 -1.43
C MET A 620 -22.52 -4.48 -1.62
N GLY A 621 -23.21 -5.03 -2.63
CA GLY A 621 -23.21 -6.46 -2.86
C GLY A 621 -21.85 -7.04 -3.20
N TYR A 622 -21.22 -6.48 -4.23
CA TYR A 622 -19.98 -7.03 -4.79
C TYR A 622 -18.84 -7.31 -3.78
N PRO A 623 -18.45 -6.32 -2.94
CA PRO A 623 -17.27 -6.52 -2.08
C PRO A 623 -17.28 -7.81 -1.25
N ALA A 624 -18.38 -8.07 -0.55
CA ALA A 624 -18.51 -9.27 0.25
C ALA A 624 -18.37 -10.52 -0.61
N PHE A 625 -19.09 -10.53 -1.73
CA PHE A 625 -19.05 -11.65 -2.67
C PHE A 625 -17.63 -11.94 -3.14
N ILE A 626 -16.87 -10.88 -3.43
CA ILE A 626 -15.47 -11.02 -3.82
C ILE A 626 -14.66 -11.63 -2.68
N ALA A 627 -14.85 -11.08 -1.49
CA ALA A 627 -14.16 -11.55 -0.29
C ALA A 627 -14.41 -13.04 -0.03
N ILE A 628 -15.60 -13.52 -0.41
CA ILE A 628 -15.97 -14.92 -0.20
C ILE A 628 -15.45 -15.82 -1.33
N LEU A 629 -15.52 -15.31 -2.56
CA LEU A 629 -15.25 -16.15 -3.73
C LEU A 629 -13.76 -16.24 -4.09
N THR A 630 -12.98 -15.22 -3.75
CA THR A 630 -11.56 -15.19 -4.08
C THR A 630 -10.78 -16.44 -3.63
N PRO A 631 -10.88 -16.83 -2.34
CA PRO A 631 -10.12 -18.03 -1.95
C PRO A 631 -10.61 -19.28 -2.66
N LEU A 632 -11.90 -19.31 -2.97
CA LEU A 632 -12.50 -20.43 -3.69
C LEU A 632 -11.90 -20.57 -5.09
N VAL A 633 -12.04 -19.53 -5.90
CA VAL A 633 -11.56 -19.59 -7.28
C VAL A 633 -10.04 -19.76 -7.35
N THR A 634 -9.31 -18.99 -6.55
CA THR A 634 -7.85 -19.08 -6.54
C THR A 634 -7.40 -20.45 -6.05
N GLY A 635 -8.17 -21.01 -5.12
CA GLY A 635 -7.87 -22.33 -4.58
C GLY A 635 -8.07 -23.45 -5.59
N PHE A 636 -9.26 -23.49 -6.18
CA PHE A 636 -9.58 -24.50 -7.18
C PHE A 636 -8.66 -24.38 -8.39
N LEU A 637 -8.22 -23.16 -8.68
CA LEU A 637 -7.31 -22.94 -9.80
C LEU A 637 -5.88 -23.38 -9.50
N LEU A 638 -5.32 -22.92 -8.38
CA LEU A 638 -3.88 -23.08 -8.16
C LEU A 638 -3.48 -23.75 -6.83
N GLY A 639 -4.46 -24.25 -6.08
CA GLY A 639 -4.16 -24.99 -4.88
C GLY A 639 -4.17 -24.17 -3.60
N ALA A 640 -3.67 -24.78 -2.51
CA ALA A 640 -3.72 -24.16 -1.19
C ALA A 640 -2.57 -23.18 -0.92
N GLU A 641 -1.39 -23.49 -1.46
CA GLU A 641 -0.22 -22.64 -1.25
C GLU A 641 -0.45 -21.24 -1.80
N PHE A 642 -0.97 -21.18 -3.02
CA PHE A 642 -1.32 -19.92 -3.67
C PHE A 642 -2.28 -19.10 -2.81
N VAL A 643 -3.30 -19.77 -2.27
CA VAL A 643 -4.26 -19.13 -1.39
C VAL A 643 -3.57 -18.56 -0.14
N GLY A 644 -2.66 -19.35 0.43
CA GLY A 644 -1.87 -18.89 1.56
C GLY A 644 -1.16 -17.59 1.23
N GLY A 645 -0.50 -17.57 0.08
CA GLY A 645 0.12 -16.36 -0.43
C GLY A 645 -0.85 -15.18 -0.50
N VAL A 646 -1.98 -15.41 -1.15
CA VAL A 646 -3.04 -14.40 -1.28
C VAL A 646 -3.39 -13.81 0.08
N LEU A 647 -3.55 -14.69 1.07
CA LEU A 647 -3.86 -14.27 2.43
C LEU A 647 -2.74 -13.41 3.01
N ILE A 648 -1.49 -13.79 2.74
CA ILE A 648 -0.33 -13.01 3.19
C ILE A 648 -0.36 -11.58 2.64
N GLY A 649 -0.36 -11.47 1.31
CA GLY A 649 -0.39 -10.18 0.64
C GLY A 649 -1.56 -9.34 1.09
N THR A 650 -2.72 -9.97 1.21
CA THR A 650 -3.92 -9.34 1.72
C THR A 650 -3.69 -8.73 3.11
N VAL A 651 -3.16 -9.55 4.01
CA VAL A 651 -2.87 -9.10 5.37
C VAL A 651 -1.95 -7.89 5.38
N LEU A 652 -0.84 -7.97 4.64
CA LEU A 652 0.12 -6.87 4.64
C LEU A 652 -0.46 -5.58 4.06
N SER A 653 -0.97 -5.66 2.83
CA SER A 653 -1.50 -4.49 2.14
C SER A 653 -2.68 -3.87 2.89
N GLY A 654 -3.55 -4.72 3.41
CA GLY A 654 -4.67 -4.25 4.22
C GLY A 654 -4.17 -3.55 5.47
N ALA A 655 -3.17 -4.16 6.12
CA ALA A 655 -2.55 -3.59 7.31
C ALA A 655 -2.05 -2.18 7.06
N MET A 656 -1.43 -1.98 5.90
CA MET A 656 -0.87 -0.67 5.58
C MET A 656 -1.95 0.34 5.21
N LEU A 657 -2.80 -0.03 4.26
CA LEU A 657 -3.82 0.88 3.73
C LEU A 657 -4.84 1.30 4.80
N ALA A 658 -5.17 0.38 5.71
CA ALA A 658 -6.11 0.69 6.78
C ALA A 658 -5.60 1.82 7.67
N ILE A 659 -4.40 1.62 8.22
CA ILE A 659 -3.76 2.62 9.07
C ILE A 659 -3.56 3.94 8.32
N LEU A 660 -3.06 3.84 7.09
CA LEU A 660 -2.86 5.00 6.24
C LEU A 660 -4.13 5.84 6.12
N THR A 661 -5.17 5.24 5.55
CA THR A 661 -6.44 5.94 5.32
C THR A 661 -7.05 6.48 6.61
N ALA A 662 -7.01 5.67 7.67
CA ALA A 662 -7.56 6.06 8.96
C ALA A 662 -6.89 7.33 9.50
N ASN A 663 -5.58 7.25 9.70
CA ASN A 663 -4.84 8.37 10.29
C ASN A 663 -4.83 9.61 9.39
N SER A 664 -4.69 9.40 8.09
CA SER A 664 -4.69 10.51 7.14
C SER A 664 -6.04 11.24 7.14
N GLY A 665 -7.12 10.47 7.06
CA GLY A 665 -8.46 11.03 7.08
C GLY A 665 -8.76 11.77 8.36
N GLY A 666 -8.46 11.14 9.49
CA GLY A 666 -8.65 11.77 10.78
C GLY A 666 -7.87 13.06 10.92
N ALA A 667 -6.61 13.04 10.50
CA ALA A 667 -5.74 14.21 10.56
C ALA A 667 -6.30 15.35 9.71
N TRP A 668 -6.71 15.02 8.49
CA TRP A 668 -7.34 15.99 7.59
C TRP A 668 -8.56 16.64 8.23
N ASP A 669 -9.47 15.80 8.73
CA ASP A 669 -10.71 16.29 9.32
C ASP A 669 -10.44 17.19 10.52
N ASN A 670 -9.58 16.74 11.42
CA ASN A 670 -9.26 17.52 12.61
C ASN A 670 -8.43 18.77 12.31
N ALA A 671 -7.78 18.79 11.15
CA ALA A 671 -7.08 19.99 10.69
C ALA A 671 -8.10 21.02 10.21
N LYS A 672 -9.09 20.53 9.46
CA LYS A 672 -10.22 21.36 9.06
C LYS A 672 -10.88 21.97 10.30
N LYS A 673 -11.17 21.12 11.28
CA LYS A 673 -11.76 21.57 12.53
C LYS A 673 -10.81 22.49 13.30
N TYR A 674 -9.52 22.31 13.08
CA TYR A 674 -8.50 23.14 13.73
C TYR A 674 -8.57 24.57 13.22
N LEU A 675 -8.64 24.73 11.89
CA LEU A 675 -8.75 26.06 11.33
C LEU A 675 -10.13 26.66 11.59
N GLU A 676 -11.15 25.81 11.61
CA GLU A 676 -12.52 26.24 11.88
C GLU A 676 -12.68 26.77 13.30
N ALA A 677 -11.76 26.39 14.18
CA ALA A 677 -11.77 26.88 15.56
C ALA A 677 -11.05 28.21 15.67
N GLY A 678 -10.49 28.67 14.55
CA GLY A 678 -9.79 29.94 14.52
C GLY A 678 -8.41 29.89 15.14
N ASN A 679 -7.88 28.68 15.28
CA ASN A 679 -6.55 28.49 15.85
C ASN A 679 -5.45 29.00 14.94
N LEU A 680 -5.78 29.14 13.65
CA LEU A 680 -4.85 29.72 12.69
C LEU A 680 -5.15 31.19 12.50
N GLU A 681 -4.18 32.04 12.85
CA GLU A 681 -4.38 33.49 12.88
C GLU A 681 -4.78 34.08 11.54
N GLY A 682 -5.76 34.98 11.57
CA GLY A 682 -6.19 35.70 10.38
C GLY A 682 -7.22 34.97 9.54
N TYR A 683 -6.84 33.81 9.03
CA TYR A 683 -7.69 33.05 8.13
C TYR A 683 -8.83 32.35 8.87
N GLY A 684 -10.02 32.36 8.27
CA GLY A 684 -11.20 31.83 8.91
C GLY A 684 -12.03 30.92 8.03
N LYS A 685 -13.28 30.72 8.41
CA LYS A 685 -14.18 29.77 7.76
C LYS A 685 -14.39 30.01 6.26
N GLY A 686 -14.34 31.27 5.84
CA GLY A 686 -14.60 31.61 4.46
C GLY A 686 -13.38 31.74 3.58
N SER A 687 -12.19 31.65 4.19
CA SER A 687 -10.94 31.86 3.46
C SER A 687 -10.61 30.72 2.50
N GLU A 688 -9.60 30.95 1.67
CA GLU A 688 -9.15 29.94 0.71
C GLU A 688 -8.40 28.76 1.36
N PRO A 689 -7.51 29.03 2.34
CA PRO A 689 -6.92 27.89 3.05
C PRO A 689 -7.97 26.97 3.68
N HIS A 690 -9.06 27.57 4.17
CA HIS A 690 -10.17 26.80 4.70
C HIS A 690 -10.72 25.88 3.63
N LYS A 691 -10.92 26.42 2.43
CA LYS A 691 -11.39 25.65 1.29
C LYS A 691 -10.43 24.50 0.98
N ALA A 692 -9.13 24.77 1.11
CA ALA A 692 -8.11 23.76 0.90
C ALA A 692 -8.25 22.60 1.89
N LEU A 693 -8.37 22.94 3.17
CA LEU A 693 -8.57 21.93 4.20
C LEU A 693 -9.88 21.18 4.01
N VAL A 694 -10.87 21.86 3.46
CA VAL A 694 -12.16 21.24 3.17
C VAL A 694 -11.99 20.19 2.07
N ILE A 695 -11.30 20.56 1.00
CA ILE A 695 -11.01 19.62 -0.08
C ILE A 695 -10.23 18.42 0.46
N GLY A 696 -9.24 18.70 1.29
CA GLY A 696 -8.47 17.65 1.95
C GLY A 696 -9.35 16.70 2.74
N ASP A 697 -10.30 17.27 3.49
CA ASP A 697 -11.22 16.48 4.28
C ASP A 697 -12.13 15.62 3.40
N THR A 698 -12.53 16.17 2.25
CA THR A 698 -13.37 15.43 1.31
C THR A 698 -12.57 14.32 0.64
N VAL A 699 -11.26 14.49 0.58
CA VAL A 699 -10.37 13.46 0.07
C VAL A 699 -10.22 12.34 1.11
N GLY A 700 -10.12 12.74 2.37
CA GLY A 700 -9.93 11.79 3.45
C GLY A 700 -11.19 11.03 3.84
N ASP A 701 -12.34 11.61 3.52
CA ASP A 701 -13.63 11.00 3.90
C ASP A 701 -13.82 9.58 3.34
N PRO A 702 -13.76 9.40 2.01
CA PRO A 702 -14.01 8.03 1.53
C PRO A 702 -12.91 7.06 1.92
N LEU A 703 -11.76 7.58 2.32
CA LEU A 703 -10.64 6.73 2.73
C LEU A 703 -10.81 6.17 4.14
N LYS A 704 -11.16 7.04 5.08
CA LYS A 704 -11.19 6.64 6.48
C LYS A 704 -12.49 5.96 6.89
N ASP A 705 -13.56 6.18 6.13
CA ASP A 705 -14.88 5.68 6.51
C ASP A 705 -15.49 4.71 5.51
N THR A 706 -14.69 4.26 4.54
CA THR A 706 -15.15 3.27 3.58
C THR A 706 -14.04 2.29 3.22
N VAL A 707 -12.86 2.82 2.94
CA VAL A 707 -11.70 2.00 2.57
C VAL A 707 -11.07 1.32 3.77
N GLY A 708 -10.83 2.09 4.83
CA GLY A 708 -10.10 1.63 5.99
C GLY A 708 -10.56 0.32 6.62
N PRO A 709 -11.70 0.32 7.30
CA PRO A 709 -12.19 -0.85 8.04
C PRO A 709 -12.52 -2.05 7.14
N SER A 710 -12.99 -1.76 5.93
CA SER A 710 -13.33 -2.79 4.96
C SER A 710 -12.22 -3.82 4.79
N LEU A 711 -10.98 -3.36 4.96
CA LEU A 711 -9.82 -4.24 4.89
C LEU A 711 -9.76 -5.16 6.11
N ASP A 712 -9.95 -4.58 7.30
CA ASP A 712 -9.89 -5.34 8.54
C ASP A 712 -10.98 -6.40 8.57
N ILE A 713 -12.09 -6.14 7.90
CA ILE A 713 -13.11 -7.18 7.70
C ILE A 713 -12.65 -8.20 6.66
N LEU A 714 -12.21 -7.69 5.51
CA LEU A 714 -11.88 -8.52 4.35
C LEU A 714 -10.84 -9.58 4.67
N ILE A 715 -9.81 -9.21 5.44
CA ILE A 715 -8.78 -10.14 5.85
C ILE A 715 -9.39 -11.35 6.56
N LYS A 716 -10.20 -11.08 7.57
CA LYS A 716 -10.78 -12.16 8.39
C LYS A 716 -11.82 -13.00 7.63
N ILE A 717 -12.70 -12.36 6.87
CA ILE A 717 -13.69 -13.13 6.12
C ILE A 717 -13.02 -14.03 5.08
N MET A 718 -12.05 -13.46 4.36
CA MET A 718 -11.33 -14.21 3.34
C MET A 718 -10.53 -15.37 3.94
N SER A 719 -9.86 -15.09 5.06
CA SER A 719 -9.05 -16.10 5.73
C SER A 719 -9.91 -17.23 6.30
N VAL A 720 -11.06 -16.89 6.87
CA VAL A 720 -11.96 -17.90 7.40
C VAL A 720 -12.56 -18.76 6.28
N VAL A 721 -13.01 -18.11 5.22
CA VAL A 721 -13.51 -18.83 4.05
C VAL A 721 -12.45 -19.81 3.53
N SER A 722 -11.21 -19.35 3.48
CA SER A 722 -10.10 -20.20 3.03
C SER A 722 -9.89 -21.37 3.99
N VAL A 723 -9.88 -21.09 5.28
CA VAL A 723 -9.72 -22.12 6.32
C VAL A 723 -10.78 -23.21 6.19
N ILE A 724 -12.01 -22.81 5.89
CA ILE A 724 -13.11 -23.76 5.73
C ILE A 724 -12.96 -24.58 4.44
N ALA A 725 -12.81 -23.88 3.31
CA ALA A 725 -12.84 -24.52 2.00
C ALA A 725 -11.56 -25.27 1.61
N VAL A 726 -10.48 -25.05 2.36
CA VAL A 726 -9.15 -25.56 1.98
C VAL A 726 -9.11 -27.07 1.75
N SER A 727 -9.89 -27.84 2.50
CA SER A 727 -9.86 -29.29 2.44
C SER A 727 -10.22 -29.84 1.05
N ILE A 728 -11.01 -29.08 0.30
CA ILE A 728 -11.42 -29.49 -1.03
C ILE A 728 -10.29 -29.32 -2.06
N PHE A 729 -9.94 -28.08 -2.35
CA PHE A 729 -8.99 -27.78 -3.42
C PHE A 729 -7.53 -28.03 -3.04
N LYS A 730 -7.30 -28.68 -1.91
CA LYS A 730 -5.94 -29.05 -1.54
C LYS A 730 -5.43 -30.19 -2.43
N HIS A 731 -6.36 -31.03 -2.87
CA HIS A 731 -6.02 -32.14 -3.77
C HIS A 731 -6.92 -32.13 -4.99
N VAL A 732 -8.02 -31.39 -4.92
CA VAL A 732 -8.90 -31.22 -6.06
C VAL A 732 -8.68 -29.84 -6.67
N HIS A 733 -7.41 -29.52 -6.94
CA HIS A 733 -7.04 -28.28 -7.61
C HIS A 733 -6.79 -28.54 -9.09
N LEU A 734 -7.13 -27.57 -9.93
CA LEU A 734 -7.02 -27.73 -11.37
C LEU A 734 -5.56 -27.75 -11.82
N PHE A 735 -4.85 -26.65 -11.58
CA PHE A 735 -3.44 -26.56 -11.91
C PHE A 735 -2.56 -26.90 -10.72
N TYR B 11 37.60 -15.18 -30.75
CA TYR B 11 36.35 -15.91 -30.82
C TYR B 11 35.17 -14.95 -31.05
N VAL B 12 33.96 -15.49 -30.93
CA VAL B 12 32.75 -14.68 -31.09
C VAL B 12 32.55 -13.81 -29.86
N ALA B 13 33.16 -14.21 -28.76
CA ALA B 13 33.08 -13.48 -27.49
C ALA B 13 33.52 -12.03 -27.66
N ALA B 14 34.64 -11.82 -28.36
CA ALA B 14 35.13 -10.48 -28.64
C ALA B 14 34.14 -9.69 -29.49
N LEU B 15 33.51 -10.38 -30.44
CA LEU B 15 32.52 -9.77 -31.32
C LEU B 15 31.32 -9.28 -30.52
N PHE B 16 30.94 -10.05 -29.51
CA PHE B 16 29.85 -9.65 -28.62
C PHE B 16 30.30 -8.56 -27.66
N PHE B 17 31.59 -8.53 -27.37
CA PHE B 17 32.19 -7.50 -26.52
C PHE B 17 32.22 -6.18 -27.27
N LEU B 18 32.22 -6.26 -28.60
CA LEU B 18 32.16 -5.08 -29.45
C LEU B 18 30.82 -4.37 -29.33
N ILE B 19 29.75 -5.15 -29.13
CA ILE B 19 28.38 -4.65 -29.16
C ILE B 19 28.11 -3.46 -28.21
N PRO B 20 28.57 -3.53 -26.94
CA PRO B 20 28.37 -2.32 -26.12
C PRO B 20 29.17 -1.13 -26.64
N LEU B 21 30.35 -1.39 -27.19
CA LEU B 21 31.17 -0.33 -27.76
C LEU B 21 30.50 0.27 -28.98
N VAL B 22 29.89 -0.58 -29.79
CA VAL B 22 29.13 -0.12 -30.96
C VAL B 22 27.92 0.68 -30.49
N ALA B 23 27.38 0.32 -29.32
CA ALA B 23 26.27 1.05 -28.72
C ALA B 23 26.70 2.45 -28.31
N LEU B 24 27.87 2.55 -27.67
CA LEU B 24 28.42 3.84 -27.28
C LEU B 24 28.70 4.70 -28.50
N GLY B 25 29.24 4.07 -29.54
CA GLY B 25 29.50 4.75 -30.81
C GLY B 25 28.23 5.27 -31.44
N PHE B 26 27.17 4.47 -31.37
CA PHE B 26 25.87 4.85 -31.90
C PHE B 26 25.31 6.05 -31.11
N ALA B 27 25.52 6.01 -29.79
CA ALA B 27 25.09 7.09 -28.92
C ALA B 27 25.80 8.39 -29.27
N ALA B 28 27.11 8.32 -29.43
CA ALA B 28 27.91 9.47 -29.84
C ALA B 28 27.48 9.97 -31.21
N ALA B 29 27.15 9.05 -32.10
CA ALA B 29 26.71 9.39 -33.45
C ALA B 29 25.41 10.18 -33.42
N ASN B 30 24.44 9.70 -32.64
CA ASN B 30 23.17 10.40 -32.48
C ASN B 30 23.37 11.74 -31.80
N PHE B 31 24.30 11.80 -30.85
CA PHE B 31 24.68 13.04 -30.19
C PHE B 31 25.13 14.06 -31.23
N ALA B 32 26.08 13.66 -32.07
CA ALA B 32 26.60 14.52 -33.13
C ALA B 32 25.50 14.94 -34.10
N ALA B 33 24.60 14.00 -34.40
CA ALA B 33 23.50 14.26 -35.33
C ALA B 33 22.52 15.32 -34.79
N VAL B 34 22.24 15.24 -33.48
CA VAL B 34 21.28 16.15 -32.86
C VAL B 34 21.90 17.53 -32.58
N VAL B 35 23.14 17.55 -32.10
CA VAL B 35 23.82 18.81 -31.80
C VAL B 35 24.03 19.60 -33.09
N ARG B 36 24.01 18.90 -34.22
CA ARG B 36 24.13 19.52 -35.54
C ARG B 36 22.95 20.43 -35.87
N LYS B 37 21.84 20.26 -35.16
CA LYS B 37 20.64 21.05 -35.38
C LYS B 37 20.93 22.56 -35.27
N PRO B 38 20.13 23.38 -35.96
CA PRO B 38 20.45 24.81 -36.06
C PRO B 38 20.14 25.65 -34.82
N GLU B 39 19.32 25.15 -33.91
CA GLU B 39 18.99 25.81 -32.64
C GLU B 39 18.17 27.10 -32.89
N GLY B 40 17.07 27.22 -32.15
CA GLY B 40 16.07 28.23 -32.44
C GLY B 40 16.49 29.69 -32.48
N THR B 41 16.69 30.28 -31.30
CA THR B 41 16.96 31.72 -31.21
C THR B 41 18.05 32.00 -30.18
N GLU B 42 18.71 33.16 -30.31
CA GLU B 42 19.72 33.59 -29.36
C GLU B 42 19.14 33.65 -27.94
N ARG B 43 17.89 34.09 -27.84
CA ARG B 43 17.17 34.09 -26.57
C ARG B 43 16.95 32.66 -26.08
N MET B 44 16.50 31.80 -26.98
CA MET B 44 16.30 30.39 -26.68
C MET B 44 17.61 29.75 -26.24
N LYS B 45 18.68 30.08 -26.95
CA LYS B 45 20.02 29.59 -26.62
C LYS B 45 20.45 30.09 -25.24
N GLU B 46 20.09 31.32 -24.91
CA GLU B 46 20.41 31.91 -23.63
C GLU B 46 19.71 31.19 -22.47
N ILE B 47 18.39 31.08 -22.56
CA ILE B 47 17.60 30.40 -21.55
C ILE B 47 18.03 28.95 -21.39
N SER B 48 18.27 28.30 -22.52
CA SER B 48 18.74 26.92 -22.53
C SER B 48 20.11 26.81 -21.85
N SER B 49 20.94 27.83 -22.03
CA SER B 49 22.25 27.87 -21.39
C SER B 49 22.10 28.05 -19.88
N TYR B 50 21.10 28.82 -19.47
CA TYR B 50 20.78 28.98 -18.06
C TYR B 50 20.40 27.63 -17.46
N ILE B 51 19.47 26.95 -18.11
CA ILE B 51 19.03 25.62 -17.68
C ILE B 51 20.21 24.66 -17.60
N ARG B 52 21.09 24.73 -18.60
CA ARG B 52 22.31 23.94 -18.62
C ARG B 52 23.16 24.23 -17.39
N SER B 53 23.29 25.51 -17.05
CA SER B 53 24.09 25.93 -15.91
C SER B 53 23.54 25.36 -14.60
N GLY B 54 22.25 25.56 -14.38
CA GLY B 54 21.60 25.04 -13.18
C GLY B 54 21.70 23.53 -13.05
N ALA B 55 21.32 22.84 -14.12
CA ALA B 55 21.35 21.38 -14.16
C ALA B 55 22.76 20.83 -13.92
N ASP B 56 23.72 21.35 -14.67
CA ASP B 56 25.12 20.93 -14.51
C ASP B 56 25.64 21.20 -13.11
N SER B 57 25.26 22.34 -12.54
CA SER B 57 25.65 22.68 -11.17
C SER B 57 25.12 21.67 -10.16
N PHE B 58 23.81 21.49 -10.16
CA PHE B 58 23.15 20.57 -9.23
C PHE B 58 23.71 19.16 -9.37
N LEU B 59 23.80 18.69 -10.61
CA LEU B 59 24.33 17.36 -10.89
C LEU B 59 25.80 17.26 -10.48
N ALA B 60 26.50 18.38 -10.49
CA ALA B 60 27.91 18.40 -10.07
C ALA B 60 28.03 18.20 -8.57
N HIS B 61 27.30 19.01 -7.80
CA HIS B 61 27.28 18.84 -6.35
C HIS B 61 26.86 17.43 -5.98
N GLU B 62 25.77 16.99 -6.59
CA GLU B 62 25.25 15.64 -6.42
C GLU B 62 26.35 14.60 -6.65
N THR B 63 26.90 14.60 -7.86
CA THR B 63 27.96 13.67 -8.24
C THR B 63 29.11 13.66 -7.25
N LYS B 64 29.49 14.84 -6.78
CA LYS B 64 30.55 14.98 -5.77
C LYS B 64 30.21 14.21 -4.50
N ALA B 65 29.10 14.58 -3.87
CA ALA B 65 28.70 13.95 -2.62
C ALA B 65 28.51 12.43 -2.76
N ILE B 66 27.72 12.03 -3.76
CA ILE B 66 27.42 10.63 -3.98
C ILE B 66 28.67 9.80 -4.28
N PHE B 67 29.63 10.37 -4.98
CA PHE B 67 30.86 9.64 -5.27
C PHE B 67 31.77 9.57 -4.05
N LYS B 68 31.73 10.60 -3.20
CA LYS B 68 32.42 10.54 -1.92
C LYS B 68 31.90 9.36 -1.11
N VAL B 69 30.59 9.35 -0.91
CA VAL B 69 29.92 8.27 -0.18
C VAL B 69 30.21 6.92 -0.84
N ALA B 70 30.26 6.90 -2.17
CA ALA B 70 30.50 5.67 -2.92
C ALA B 70 31.90 5.14 -2.67
N ILE B 71 32.88 6.05 -2.61
CA ILE B 71 34.24 5.66 -2.28
C ILE B 71 34.31 5.10 -0.86
N VAL B 72 33.66 5.77 0.08
CA VAL B 72 33.60 5.29 1.46
C VAL B 72 33.05 3.86 1.54
N ILE B 73 31.86 3.67 0.98
CA ILE B 73 31.20 2.37 0.95
C ILE B 73 32.07 1.30 0.28
N ALA B 74 32.66 1.65 -0.85
CA ALA B 74 33.53 0.74 -1.59
C ALA B 74 34.72 0.29 -0.75
N ILE B 75 35.35 1.24 -0.06
CA ILE B 75 36.44 0.92 0.85
C ILE B 75 35.96 -0.04 1.93
N LEU B 76 34.79 0.27 2.52
CA LEU B 76 34.19 -0.60 3.53
C LEU B 76 33.98 -2.02 3.01
N LEU B 77 33.60 -2.13 1.74
CA LEU B 77 33.39 -3.42 1.12
C LEU B 77 34.71 -4.17 0.94
N MET B 78 35.72 -3.46 0.46
CA MET B 78 37.05 -4.04 0.30
C MET B 78 37.58 -4.53 1.64
N ILE B 79 37.22 -3.84 2.72
CA ILE B 79 37.62 -4.25 4.06
C ILE B 79 36.86 -5.50 4.52
N PHE B 80 35.54 -5.40 4.59
CA PHE B 80 34.72 -6.47 5.18
C PHE B 80 34.49 -7.63 4.21
N THR B 81 34.82 -7.44 2.94
CA THR B 81 34.70 -8.50 1.95
C THR B 81 35.93 -8.52 1.05
N THR B 82 35.82 -9.20 -0.09
CA THR B 82 36.89 -9.21 -1.07
C THR B 82 37.02 -7.83 -1.73
N TRP B 83 38.25 -7.46 -2.08
CA TRP B 83 38.50 -6.17 -2.72
C TRP B 83 37.81 -6.06 -4.08
N GLN B 84 37.68 -7.19 -4.76
CA GLN B 84 36.98 -7.26 -6.04
C GLN B 84 35.56 -6.70 -5.94
N THR B 85 34.95 -6.92 -4.79
CA THR B 85 33.61 -6.39 -4.50
C THR B 85 33.61 -4.87 -4.59
N GLY B 86 34.53 -4.24 -3.88
CA GLY B 86 34.66 -2.79 -3.90
C GLY B 86 35.02 -2.26 -5.27
N VAL B 87 35.88 -2.98 -5.98
CA VAL B 87 36.27 -2.59 -7.34
C VAL B 87 35.05 -2.57 -8.27
N ALA B 88 34.32 -3.68 -8.32
CA ALA B 88 33.12 -3.78 -9.14
C ALA B 88 32.08 -2.74 -8.71
N PHE B 89 32.03 -2.47 -7.41
CA PHE B 89 31.15 -1.45 -6.84
C PHE B 89 31.44 -0.09 -7.47
N LEU B 90 32.71 0.32 -7.40
CA LEU B 90 33.15 1.57 -7.99
C LEU B 90 32.88 1.61 -9.49
N LEU B 91 33.15 0.49 -10.17
CA LEU B 91 32.92 0.39 -11.61
C LEU B 91 31.47 0.68 -11.95
N GLY B 92 30.56 -0.11 -11.39
CA GLY B 92 29.13 0.07 -11.61
C GLY B 92 28.65 1.45 -11.26
N ALA B 93 29.17 1.99 -10.16
CA ALA B 93 28.89 3.35 -9.74
C ALA B 93 29.21 4.33 -10.87
N VAL B 94 30.43 4.24 -11.38
CA VAL B 94 30.88 5.07 -12.48
C VAL B 94 30.01 4.89 -13.72
N MET B 95 29.62 3.65 -14.01
CA MET B 95 28.80 3.37 -15.18
C MET B 95 27.43 4.06 -15.09
N SER B 96 26.73 3.83 -13.98
CA SER B 96 25.41 4.42 -13.78
C SER B 96 25.47 5.96 -13.77
N ALA B 97 26.40 6.48 -12.98
CA ALA B 97 26.59 7.93 -12.88
C ALA B 97 26.87 8.53 -14.26
N SER B 98 27.69 7.83 -15.04
CA SER B 98 28.02 8.27 -16.39
C SER B 98 26.79 8.24 -17.29
N ALA B 99 25.96 7.23 -17.12
CA ALA B 99 24.69 7.15 -17.86
C ALA B 99 23.85 8.37 -17.57
N GLY B 100 23.74 8.72 -16.30
CA GLY B 100 23.03 9.93 -15.90
C GLY B 100 23.60 11.20 -16.51
N ILE B 101 24.91 11.40 -16.32
CA ILE B 101 25.59 12.59 -16.83
C ILE B 101 25.45 12.75 -18.34
N VAL B 102 25.74 11.68 -19.09
CA VAL B 102 25.58 11.68 -20.54
C VAL B 102 24.15 12.00 -20.92
N GLY B 103 23.19 11.35 -20.26
CA GLY B 103 21.79 11.60 -20.50
C GLY B 103 21.40 13.07 -20.38
N MET B 104 21.75 13.67 -19.24
CA MET B 104 21.44 15.07 -18.99
C MET B 104 22.13 15.99 -19.99
N LYS B 105 23.45 15.84 -20.10
CA LYS B 105 24.26 16.64 -21.01
C LYS B 105 23.75 16.57 -22.45
N MET B 106 23.12 15.45 -22.79
CA MET B 106 22.51 15.29 -24.10
C MET B 106 21.17 16.04 -24.19
N ALA B 107 20.29 15.78 -23.23
CA ALA B 107 18.95 16.39 -23.22
C ALA B 107 19.01 17.91 -23.23
N THR B 108 19.83 18.48 -22.36
CA THR B 108 19.95 19.93 -22.21
C THR B 108 20.23 20.66 -23.53
N ARG B 109 21.00 20.02 -24.40
CA ARG B 109 21.31 20.59 -25.70
C ARG B 109 20.25 20.21 -26.75
N ALA B 110 19.74 18.98 -26.64
CA ALA B 110 18.77 18.44 -27.59
C ALA B 110 17.43 19.18 -27.59
N ASN B 111 17.01 19.67 -26.42
CA ASN B 111 15.69 20.27 -26.25
C ASN B 111 15.31 21.40 -27.22
N VAL B 112 16.26 22.28 -27.54
CA VAL B 112 15.99 23.42 -28.42
C VAL B 112 15.60 23.01 -29.84
N ARG B 113 16.26 21.98 -30.35
CA ARG B 113 16.03 21.48 -31.70
C ARG B 113 14.57 21.11 -31.93
N VAL B 114 13.96 20.46 -30.93
CA VAL B 114 12.55 20.12 -30.97
C VAL B 114 11.71 21.38 -31.15
N ALA B 115 11.99 22.37 -30.30
CA ALA B 115 11.29 23.66 -30.33
C ALA B 115 11.35 24.31 -31.70
N GLU B 116 12.54 24.45 -32.26
CA GLU B 116 12.69 25.08 -33.56
C GLU B 116 12.03 24.27 -34.68
N ALA B 117 12.15 22.95 -34.59
CA ALA B 117 11.53 22.06 -35.58
C ALA B 117 10.02 22.28 -35.63
N ALA B 118 9.39 22.20 -34.45
CA ALA B 118 7.94 22.41 -34.35
C ALA B 118 7.55 23.83 -34.73
N ARG B 119 8.45 24.78 -34.49
CA ARG B 119 8.20 26.18 -34.81
C ARG B 119 8.17 26.44 -36.31
N THR B 120 9.22 26.00 -37.00
CA THR B 120 9.35 26.25 -38.44
C THR B 120 8.41 25.35 -39.24
N THR B 121 8.46 24.05 -38.98
CA THR B 121 7.72 23.10 -39.82
C THR B 121 6.25 23.04 -39.48
N LYS B 122 5.91 23.39 -38.23
CA LYS B 122 4.55 23.26 -37.71
C LYS B 122 4.05 21.83 -37.88
N LYS B 123 4.99 20.89 -37.82
CA LYS B 123 4.68 19.47 -37.97
C LYS B 123 5.26 18.67 -36.81
N ILE B 124 4.61 17.55 -36.50
CA ILE B 124 4.99 16.72 -35.37
C ILE B 124 6.20 15.84 -35.67
N GLY B 125 6.30 15.42 -36.93
CA GLY B 125 7.35 14.52 -37.38
C GLY B 125 8.78 14.85 -36.97
N PRO B 126 9.29 16.03 -37.41
CA PRO B 126 10.66 16.45 -37.09
C PRO B 126 10.95 16.45 -35.58
N ALA B 127 10.12 17.15 -34.83
CA ALA B 127 10.24 17.23 -33.38
C ALA B 127 10.30 15.83 -32.76
N LEU B 128 9.40 14.96 -33.22
CA LEU B 128 9.38 13.56 -32.80
C LEU B 128 10.73 12.89 -33.07
N LYS B 129 11.27 13.11 -34.26
CA LYS B 129 12.53 12.48 -34.66
C LYS B 129 13.69 12.92 -33.78
N VAL B 130 13.89 14.23 -33.65
CA VAL B 130 15.00 14.75 -32.88
C VAL B 130 14.88 14.37 -31.40
N ALA B 131 13.65 14.44 -30.86
CA ALA B 131 13.41 14.01 -29.48
C ALA B 131 13.76 12.54 -29.30
N TYR B 132 13.34 11.71 -30.26
CA TYR B 132 13.60 10.28 -30.21
C TYR B 132 15.09 9.98 -30.23
N GLN B 133 15.84 10.69 -31.08
CA GLN B 133 17.29 10.55 -31.10
C GLN B 133 17.88 10.98 -29.76
N GLY B 134 17.29 12.03 -29.19
CA GLY B 134 17.69 12.53 -27.89
C GLY B 134 17.61 11.47 -26.81
N GLY B 135 16.47 10.77 -26.76
CA GLY B 135 16.31 9.66 -25.82
C GLY B 135 17.20 8.48 -26.20
N SER B 136 17.42 8.32 -27.49
CA SER B 136 18.22 7.22 -28.03
C SER B 136 19.64 7.26 -27.49
N VAL B 137 20.25 8.44 -27.52
CA VAL B 137 21.57 8.64 -26.94
C VAL B 137 21.65 8.06 -25.52
N MET B 138 20.66 8.41 -24.71
CA MET B 138 20.62 7.95 -23.33
C MET B 138 20.40 6.45 -23.20
N GLY B 139 19.47 5.90 -23.98
CA GLY B 139 19.23 4.47 -23.98
C GLY B 139 20.47 3.66 -24.31
N LEU B 140 21.09 3.99 -25.43
CA LEU B 140 22.32 3.35 -25.88
C LEU B 140 23.43 3.54 -24.86
N SER B 141 23.43 4.70 -24.19
CA SER B 141 24.39 4.96 -23.13
C SER B 141 24.17 4.00 -21.95
N VAL B 142 22.90 3.75 -21.64
CA VAL B 142 22.53 2.89 -20.53
C VAL B 142 22.93 1.44 -20.79
N GLY B 143 22.41 0.88 -21.89
CA GLY B 143 22.75 -0.49 -22.26
C GLY B 143 24.24 -0.66 -22.43
N GLY B 144 24.85 0.26 -23.16
CA GLY B 144 26.28 0.24 -23.42
C GLY B 144 27.11 0.24 -22.15
N PHE B 145 26.86 1.20 -21.26
CA PHE B 145 27.59 1.28 -20.00
C PHE B 145 27.40 0.04 -19.14
N ALA B 146 26.14 -0.35 -18.97
CA ALA B 146 25.80 -1.51 -18.16
C ALA B 146 26.54 -2.77 -18.61
N LEU B 147 26.39 -3.10 -19.89
CA LEU B 147 27.00 -4.32 -20.40
C LEU B 147 28.51 -4.20 -20.56
N LEU B 148 29.01 -2.97 -20.66
CA LEU B 148 30.45 -2.75 -20.72
C LEU B 148 31.08 -3.08 -19.38
N GLY B 149 30.57 -2.44 -18.32
CA GLY B 149 31.04 -2.71 -16.97
C GLY B 149 30.87 -4.18 -16.63
N LEU B 150 29.70 -4.72 -16.97
CA LEU B 150 29.40 -6.13 -16.70
C LEU B 150 30.39 -7.08 -17.37
N VAL B 151 30.63 -6.89 -18.66
CA VAL B 151 31.52 -7.78 -19.41
C VAL B 151 32.97 -7.56 -18.99
N LEU B 152 33.28 -6.35 -18.49
CA LEU B 152 34.59 -6.08 -17.93
C LEU B 152 34.81 -6.90 -16.67
N VAL B 153 33.82 -6.86 -15.76
CA VAL B 153 33.85 -7.68 -14.56
C VAL B 153 33.98 -9.15 -14.91
N TYR B 154 33.17 -9.59 -15.85
CA TYR B 154 33.16 -10.98 -16.31
C TYR B 154 34.54 -11.43 -16.82
N LEU B 155 35.07 -10.72 -17.80
CA LEU B 155 36.37 -11.05 -18.37
C LEU B 155 37.51 -10.97 -17.35
N ILE B 156 37.67 -9.81 -16.72
CA ILE B 156 38.76 -9.58 -15.79
C ILE B 156 38.72 -10.48 -14.55
N PHE B 157 37.61 -10.42 -13.81
CA PHE B 157 37.52 -11.16 -12.55
C PHE B 157 37.19 -12.63 -12.74
N GLY B 158 36.41 -12.93 -13.77
CA GLY B 158 35.96 -14.30 -14.00
C GLY B 158 36.96 -15.18 -14.72
N LYS B 159 37.55 -14.67 -15.79
CA LYS B 159 38.46 -15.46 -16.62
C LYS B 159 39.92 -15.32 -16.21
N TRP B 160 40.39 -14.09 -16.08
CA TRP B 160 41.79 -13.81 -15.79
C TRP B 160 42.15 -14.25 -14.37
N MET B 161 41.32 -13.89 -13.40
CA MET B 161 41.56 -14.26 -12.01
C MET B 161 41.08 -15.68 -11.73
N GLY B 162 40.11 -16.15 -12.53
CA GLY B 162 39.59 -17.49 -12.39
C GLY B 162 38.61 -17.64 -11.23
N GLN B 163 37.72 -16.67 -11.08
CA GLN B 163 36.68 -16.73 -10.05
C GLN B 163 35.50 -17.57 -10.54
N VAL B 164 35.38 -17.72 -11.85
CA VAL B 164 34.39 -18.61 -12.44
C VAL B 164 34.95 -20.04 -12.42
N ASP B 165 36.27 -20.14 -12.28
CA ASP B 165 36.94 -21.44 -12.29
C ASP B 165 36.64 -22.25 -11.04
N ASN B 166 36.86 -21.66 -9.87
CA ASN B 166 36.66 -22.37 -8.61
C ASN B 166 35.19 -22.58 -8.27
N LEU B 167 34.45 -21.49 -8.09
CA LEU B 167 33.02 -21.52 -7.75
C LEU B 167 32.72 -22.41 -6.54
N ASN B 168 33.66 -22.46 -5.59
CA ASN B 168 33.45 -23.22 -4.38
C ASN B 168 33.13 -22.29 -3.22
N ILE B 169 32.50 -22.82 -2.17
CA ILE B 169 32.13 -22.00 -1.03
C ILE B 169 33.37 -21.63 -0.21
N TYR B 170 33.60 -20.33 -0.07
CA TYR B 170 34.76 -19.83 0.65
C TYR B 170 34.33 -19.20 1.97
N THR B 171 35.32 -18.80 2.78
CA THR B 171 35.05 -18.10 4.02
C THR B 171 36.23 -17.21 4.39
N ASN B 172 36.12 -15.92 4.09
CA ASN B 172 37.12 -14.94 4.49
C ASN B 172 36.99 -14.63 5.98
N TRP B 173 37.83 -13.74 6.48
CA TRP B 173 37.74 -13.32 7.88
C TRP B 173 36.39 -12.62 8.13
N LEU B 174 36.08 -12.45 9.41
CA LEU B 174 34.81 -11.89 9.89
C LEU B 174 33.64 -12.87 9.72
N GLY B 175 33.90 -14.00 9.07
CA GLY B 175 32.95 -15.09 9.01
C GLY B 175 31.95 -15.09 7.86
N ILE B 176 32.18 -14.25 6.84
CA ILE B 176 31.28 -14.19 5.70
C ILE B 176 31.52 -15.32 4.70
N ASN B 177 30.51 -16.16 4.50
CA ASN B 177 30.57 -17.20 3.49
C ASN B 177 30.23 -16.61 2.13
N PHE B 178 31.16 -16.71 1.19
CA PHE B 178 30.99 -16.06 -0.10
C PHE B 178 31.44 -16.89 -1.30
N VAL B 179 30.89 -16.56 -2.46
CA VAL B 179 31.42 -17.03 -3.74
C VAL B 179 31.98 -15.81 -4.47
N PRO B 180 33.26 -15.88 -4.87
CA PRO B 180 34.02 -14.72 -5.37
C PRO B 180 33.32 -13.94 -6.49
N PHE B 181 32.96 -14.60 -7.58
CA PHE B 181 32.32 -13.92 -8.70
C PHE B 181 30.95 -13.36 -8.31
N ALA B 182 30.20 -14.16 -7.55
CA ALA B 182 28.89 -13.76 -7.07
C ALA B 182 28.98 -12.51 -6.21
N MET B 183 29.93 -12.50 -5.26
CA MET B 183 30.17 -11.35 -4.41
C MET B 183 30.59 -10.13 -5.23
N THR B 184 31.39 -10.38 -6.27
CA THR B 184 31.87 -9.32 -7.15
C THR B 184 30.71 -8.62 -7.86
N VAL B 185 29.93 -9.39 -8.62
CA VAL B 185 28.79 -8.83 -9.35
C VAL B 185 27.77 -8.25 -8.38
N SER B 186 27.72 -8.79 -7.17
CA SER B 186 26.90 -8.25 -6.11
C SER B 186 27.35 -6.82 -5.79
N GLY B 187 28.66 -6.63 -5.64
CA GLY B 187 29.23 -5.32 -5.46
C GLY B 187 28.87 -4.37 -6.59
N TYR B 188 29.02 -4.86 -7.82
CA TYR B 188 28.64 -4.11 -9.02
C TYR B 188 27.21 -3.56 -8.95
N ALA B 189 26.26 -4.49 -8.86
CA ALA B 189 24.84 -4.15 -8.79
C ALA B 189 24.53 -3.22 -7.61
N LEU B 190 25.18 -3.48 -6.47
CA LEU B 190 25.01 -2.65 -5.29
C LEU B 190 25.42 -1.20 -5.55
N GLY B 191 26.59 -1.04 -6.18
CA GLY B 191 27.05 0.28 -6.57
C GLY B 191 26.03 0.99 -7.44
N CYS B 192 25.64 0.32 -8.52
CA CYS B 192 24.60 0.84 -9.41
C CYS B 192 23.36 1.29 -8.65
N SER B 193 22.92 0.48 -7.69
CA SER B 193 21.72 0.75 -6.92
C SER B 193 21.85 1.98 -6.03
N ILE B 194 22.96 2.06 -5.30
CA ILE B 194 23.19 3.19 -4.40
C ILE B 194 23.25 4.50 -5.19
N ILE B 195 24.03 4.50 -6.27
CA ILE B 195 24.16 5.69 -7.11
C ILE B 195 22.81 6.10 -7.71
N ALA B 196 22.09 5.14 -8.26
CA ALA B 196 20.77 5.39 -8.82
C ALA B 196 19.83 6.01 -7.78
N MET B 197 19.80 5.41 -6.60
CA MET B 197 18.98 5.90 -5.50
C MET B 197 19.30 7.36 -5.16
N PHE B 198 20.56 7.64 -4.87
CA PHE B 198 20.98 9.01 -4.58
C PHE B 198 20.54 9.99 -5.67
N ASP B 199 20.94 9.69 -6.90
CA ASP B 199 20.62 10.51 -8.06
C ASP B 199 19.14 10.84 -8.16
N ARG B 200 18.30 9.81 -8.23
CA ARG B 200 16.88 10.01 -8.49
C ARG B 200 16.13 10.57 -7.28
N VAL B 201 16.64 10.33 -6.07
CA VAL B 201 16.04 10.95 -4.89
C VAL B 201 16.30 12.46 -4.92
N GLY B 202 17.57 12.85 -5.06
CA GLY B 202 17.91 14.26 -5.11
C GLY B 202 17.20 15.00 -6.23
N GLY B 203 17.42 14.53 -7.45
CA GLY B 203 16.79 15.11 -8.62
C GLY B 203 15.28 15.12 -8.51
N GLY B 204 14.73 14.04 -7.94
CA GLY B 204 13.30 13.91 -7.74
C GLY B 204 12.72 14.98 -6.85
N VAL B 205 13.27 15.11 -5.65
CA VAL B 205 12.82 16.14 -4.72
C VAL B 205 12.94 17.53 -5.34
N TYR B 206 14.09 17.78 -5.97
CA TYR B 206 14.34 19.03 -6.67
C TYR B 206 13.22 19.38 -7.66
N THR B 207 13.07 18.53 -8.67
CA THR B 207 12.13 18.79 -9.76
C THR B 207 10.69 18.81 -9.29
N LYS B 208 10.36 18.00 -8.28
CA LYS B 208 8.96 17.90 -7.85
C LYS B 208 8.57 19.07 -6.96
N ALA B 209 9.48 19.51 -6.10
CA ALA B 209 9.22 20.72 -5.33
C ALA B 209 9.05 21.90 -6.28
N ALA B 210 9.99 22.04 -7.20
CA ALA B 210 9.95 23.12 -8.19
C ALA B 210 8.64 23.10 -9.00
N ASP B 211 8.32 21.94 -9.58
CA ASP B 211 7.13 21.80 -10.41
C ASP B 211 5.84 22.02 -9.64
N MET B 212 5.77 21.49 -8.42
CA MET B 212 4.59 21.66 -7.59
C MET B 212 4.35 23.14 -7.30
N ALA B 213 5.37 23.82 -6.81
CA ALA B 213 5.26 25.26 -6.52
C ALA B 213 4.85 26.04 -7.77
N ALA B 214 5.62 25.86 -8.85
CA ALA B 214 5.39 26.56 -10.10
C ALA B 214 3.97 26.39 -10.63
N ASP B 215 3.55 25.14 -10.83
CA ASP B 215 2.23 24.84 -11.36
C ASP B 215 1.12 25.34 -10.44
N LEU B 216 1.23 25.02 -9.15
CA LEU B 216 0.21 25.42 -8.19
C LEU B 216 0.00 26.92 -8.16
N VAL B 217 1.03 27.66 -7.72
CA VAL B 217 0.91 29.11 -7.58
C VAL B 217 0.66 29.79 -8.92
N GLY B 218 1.43 29.41 -9.93
CA GLY B 218 1.31 29.99 -11.25
C GLY B 218 -0.06 29.84 -11.88
N LYS B 219 -0.60 28.64 -11.87
CA LYS B 219 -1.87 28.37 -12.55
C LYS B 219 -3.09 28.75 -11.71
N THR B 220 -3.08 28.40 -10.42
CA THR B 220 -4.28 28.53 -9.61
C THR B 220 -4.35 29.84 -8.83
N GLU B 221 -3.19 30.38 -8.46
CA GLU B 221 -3.16 31.59 -7.64
C GLU B 221 -2.88 32.87 -8.44
N LEU B 222 -2.47 32.72 -9.69
CA LEU B 222 -2.11 33.89 -10.50
C LEU B 222 -2.72 33.86 -11.89
N ASN B 223 -3.40 32.76 -12.22
CA ASN B 223 -4.00 32.57 -13.54
C ASN B 223 -3.01 32.72 -14.69
N LEU B 224 -1.75 32.40 -14.42
CA LEU B 224 -0.70 32.42 -15.44
C LEU B 224 -0.74 31.14 -16.28
N PRO B 225 -0.26 31.23 -17.53
CA PRO B 225 -0.17 30.03 -18.36
C PRO B 225 1.00 29.15 -17.95
N GLU B 226 0.97 27.88 -18.31
CA GLU B 226 2.03 26.95 -17.95
C GLU B 226 3.35 27.36 -18.58
N ASP B 227 4.41 27.33 -17.77
CA ASP B 227 5.76 27.70 -18.19
C ASP B 227 5.85 29.16 -18.62
N ASP B 228 5.15 30.03 -17.91
CA ASP B 228 5.18 31.46 -18.19
C ASP B 228 6.45 32.10 -17.62
N PRO B 229 7.15 32.91 -18.44
CA PRO B 229 8.41 33.54 -18.03
C PRO B 229 8.23 34.53 -16.88
N ARG B 230 6.99 34.97 -16.65
CA ARG B 230 6.70 35.84 -15.52
C ARG B 230 6.85 35.09 -14.20
N ASN B 231 6.76 33.76 -14.28
CA ASN B 231 6.90 32.91 -13.10
C ASN B 231 8.36 32.56 -12.87
N PRO B 232 8.91 32.94 -11.71
CA PRO B 232 10.31 32.68 -11.35
C PRO B 232 10.61 31.21 -11.10
N ALA B 233 9.58 30.37 -11.14
CA ALA B 233 9.73 28.97 -10.78
C ALA B 233 9.81 28.05 -11.99
N THR B 234 9.54 28.60 -13.18
CA THR B 234 9.51 27.81 -14.41
C THR B 234 10.89 27.27 -14.77
N ILE B 235 11.90 28.10 -14.63
CA ILE B 235 13.27 27.68 -14.91
C ILE B 235 13.67 26.55 -13.97
N ALA B 236 13.24 26.64 -12.71
CA ALA B 236 13.47 25.59 -11.74
C ALA B 236 12.79 24.29 -12.19
N ASP B 237 11.60 24.43 -12.77
CA ASP B 237 10.85 23.29 -13.28
C ASP B 237 11.59 22.61 -14.43
N ASN B 238 12.07 23.40 -15.38
CA ASN B 238 12.80 22.86 -16.52
C ASN B 238 14.13 22.22 -16.14
N VAL B 239 14.91 22.93 -15.33
CA VAL B 239 16.18 22.42 -14.81
C VAL B 239 15.94 21.11 -14.08
N GLY B 240 14.86 21.07 -13.31
CA GLY B 240 14.47 19.86 -12.61
C GLY B 240 14.14 18.73 -13.57
N ASP B 241 13.44 19.07 -14.64
CA ASP B 241 13.11 18.09 -15.68
C ASP B 241 14.37 17.49 -16.29
N ASN B 242 15.39 18.33 -16.46
CA ASN B 242 16.67 17.86 -16.98
C ASN B 242 17.44 17.01 -15.97
N VAL B 243 17.34 17.36 -14.69
CA VAL B 243 18.08 16.66 -13.65
C VAL B 243 17.39 15.36 -13.20
N GLY B 244 16.11 15.46 -12.83
CA GLY B 244 15.40 14.34 -12.24
C GLY B 244 14.85 13.33 -13.23
N ASP B 245 13.98 13.77 -14.11
CA ASP B 245 13.30 12.89 -15.05
C ASP B 245 14.24 12.23 -16.06
N VAL B 246 15.46 12.75 -16.17
CA VAL B 246 16.44 12.21 -17.12
C VAL B 246 17.43 11.27 -16.44
N ALA B 247 18.48 11.84 -15.84
CA ALA B 247 19.57 11.09 -15.23
C ALA B 247 19.10 9.98 -14.30
N GLY B 248 18.12 10.32 -13.46
CA GLY B 248 17.52 9.38 -12.54
C GLY B 248 16.97 8.16 -13.24
N LEU B 249 16.32 8.37 -14.38
CA LEU B 249 15.77 7.28 -15.18
C LEU B 249 16.86 6.39 -15.74
N GLY B 250 17.91 7.02 -16.27
CA GLY B 250 19.05 6.30 -16.80
C GLY B 250 19.67 5.38 -15.77
N ALA B 251 20.06 5.95 -14.63
CA ALA B 251 20.64 5.17 -13.54
C ALA B 251 19.67 4.08 -13.06
N ASP B 252 18.39 4.43 -13.01
CA ASP B 252 17.33 3.53 -12.56
C ASP B 252 17.29 2.27 -13.41
N LEU B 253 16.99 2.43 -14.70
CA LEU B 253 16.79 1.28 -15.57
C LEU B 253 18.11 0.58 -15.89
N LEU B 254 19.22 1.31 -15.80
CA LEU B 254 20.54 0.67 -15.90
C LEU B 254 20.71 -0.30 -14.75
N GLU B 255 20.37 0.17 -13.54
CA GLU B 255 20.50 -0.66 -12.35
C GLU B 255 19.47 -1.78 -12.31
N SER B 256 18.36 -1.60 -13.01
CA SER B 256 17.34 -2.64 -13.11
C SER B 256 17.81 -3.75 -14.05
N PHE B 257 18.33 -3.34 -15.20
CA PHE B 257 18.96 -4.23 -16.17
C PHE B 257 20.06 -5.07 -15.51
N VAL B 258 21.07 -4.36 -15.01
CA VAL B 258 22.17 -4.94 -14.25
C VAL B 258 21.62 -5.82 -13.12
N GLY B 259 20.56 -5.37 -12.47
CA GLY B 259 19.95 -6.10 -11.38
C GLY B 259 19.48 -7.47 -11.81
N ALA B 260 18.75 -7.52 -12.92
CA ALA B 260 18.26 -8.79 -13.46
C ALA B 260 19.41 -9.71 -13.86
N ILE B 261 20.33 -9.19 -14.66
CA ILE B 261 21.43 -10.02 -15.16
C ILE B 261 22.27 -10.58 -14.02
N VAL B 262 22.74 -9.68 -13.14
CA VAL B 262 23.52 -10.05 -11.97
C VAL B 262 22.75 -11.01 -11.07
N SER B 263 21.43 -10.86 -11.02
CA SER B 263 20.59 -11.79 -10.27
C SER B 263 20.75 -13.21 -10.82
N SER B 264 20.54 -13.34 -12.13
CA SER B 264 20.74 -14.62 -12.81
C SER B 264 22.13 -15.19 -12.54
N ILE B 265 23.14 -14.35 -12.67
CA ILE B 265 24.53 -14.76 -12.47
C ILE B 265 24.78 -15.29 -11.06
N ILE B 266 24.30 -14.56 -10.06
CA ILE B 266 24.47 -14.96 -8.66
C ILE B 266 23.77 -16.29 -8.38
N LEU B 267 22.52 -16.41 -8.83
CA LEU B 267 21.77 -17.65 -8.66
C LEU B 267 22.54 -18.83 -9.26
N ALA B 268 22.91 -18.70 -10.53
CA ALA B 268 23.65 -19.75 -11.23
C ALA B 268 24.97 -20.11 -10.52
N SER B 269 25.71 -19.10 -10.08
CA SER B 269 26.99 -19.31 -9.43
C SER B 269 26.86 -20.04 -8.10
N TYR B 270 25.92 -19.61 -7.28
CA TYR B 270 25.69 -20.24 -5.99
C TYR B 270 25.09 -21.64 -6.14
N MET B 271 24.43 -21.87 -7.27
CA MET B 271 23.80 -23.16 -7.54
C MET B 271 24.77 -24.34 -7.53
N PHE B 272 26.00 -24.11 -7.98
CA PHE B 272 26.96 -25.20 -8.18
C PHE B 272 27.47 -25.87 -6.89
N PRO B 273 28.08 -25.10 -5.96
CA PRO B 273 28.64 -25.80 -4.81
C PRO B 273 27.59 -26.27 -3.80
N ILE B 274 26.34 -25.88 -4.02
CA ILE B 274 25.27 -26.17 -3.07
C ILE B 274 24.56 -27.49 -3.41
N TYR B 275 24.38 -27.76 -4.70
CA TYR B 275 23.61 -28.91 -5.16
C TYR B 275 24.35 -30.24 -5.03
N VAL B 276 25.30 -30.32 -4.10
CA VAL B 276 26.02 -31.56 -3.84
C VAL B 276 25.12 -32.56 -3.11
N GLN B 277 25.36 -33.85 -3.36
CA GLN B 277 24.67 -34.89 -2.62
C GLN B 277 25.64 -35.58 -1.67
N LYS B 278 25.29 -35.60 -0.38
CA LYS B 278 26.16 -36.17 0.63
C LYS B 278 26.01 -37.69 0.69
N ILE B 279 26.97 -38.39 0.11
CA ILE B 279 26.98 -39.85 0.11
C ILE B 279 28.17 -40.37 0.90
N GLY B 280 27.90 -40.88 2.11
CA GLY B 280 28.92 -41.43 2.97
C GLY B 280 30.08 -40.47 3.20
N GLU B 281 29.75 -39.28 3.68
CA GLU B 281 30.74 -38.23 3.94
C GLU B 281 31.49 -37.83 2.67
N ASN B 282 30.88 -38.05 1.51
CA ASN B 282 31.48 -37.64 0.25
C ASN B 282 30.51 -36.82 -0.60
N LEU B 283 30.91 -35.60 -0.94
CA LEU B 283 30.09 -34.70 -1.72
C LEU B 283 30.09 -35.05 -3.19
N VAL B 284 28.90 -35.21 -3.76
CA VAL B 284 28.77 -35.56 -5.17
C VAL B 284 28.05 -34.45 -5.94
N HIS B 285 28.82 -33.70 -6.73
CA HIS B 285 28.28 -32.65 -7.58
C HIS B 285 27.25 -33.20 -8.56
N GLN B 286 25.98 -32.91 -8.31
CA GLN B 286 24.90 -33.39 -9.18
C GLN B 286 24.84 -32.59 -10.48
N VAL B 287 25.60 -31.51 -10.55
CA VAL B 287 25.65 -30.67 -11.75
C VAL B 287 27.11 -30.32 -12.08
N PRO B 288 27.52 -30.55 -13.34
CA PRO B 288 28.90 -30.29 -13.75
C PRO B 288 29.22 -28.80 -13.83
N LYS B 289 30.51 -28.48 -13.73
CA LYS B 289 30.96 -27.09 -13.73
C LYS B 289 30.68 -26.38 -15.05
N GLU B 290 30.87 -27.10 -16.16
CA GLU B 290 30.66 -26.55 -17.50
C GLU B 290 29.25 -25.98 -17.67
N THR B 291 28.25 -26.74 -17.26
CA THR B 291 26.86 -26.32 -17.33
C THR B 291 26.63 -25.04 -16.54
N ILE B 292 27.17 -25.01 -15.33
CA ILE B 292 27.04 -23.85 -14.44
C ILE B 292 27.65 -22.60 -15.08
N GLN B 293 28.89 -22.72 -15.57
CA GLN B 293 29.57 -21.62 -16.22
C GLN B 293 28.79 -21.13 -17.44
N ALA B 294 28.24 -22.07 -18.20
CA ALA B 294 27.41 -21.76 -19.36
C ALA B 294 26.18 -20.96 -18.94
N LEU B 295 25.58 -21.34 -17.82
CA LEU B 295 24.41 -20.65 -17.29
C LEU B 295 24.78 -19.29 -16.70
N ILE B 296 26.05 -19.12 -16.34
CA ILE B 296 26.55 -17.84 -15.85
C ILE B 296 26.77 -16.86 -17.00
N SER B 297 27.38 -17.34 -18.07
CA SER B 297 27.63 -16.51 -19.25
C SER B 297 26.35 -16.21 -20.03
N TYR B 298 25.40 -17.15 -19.99
CA TYR B 298 24.17 -17.07 -20.77
C TYR B 298 23.40 -15.74 -20.68
N PRO B 299 23.14 -15.22 -19.46
CA PRO B 299 22.38 -13.96 -19.42
C PRO B 299 23.16 -12.77 -19.97
N ILE B 300 24.48 -12.83 -19.93
CA ILE B 300 25.30 -11.75 -20.47
C ILE B 300 25.17 -11.67 -21.99
N PHE B 301 25.39 -12.80 -22.65
CA PHE B 301 25.25 -12.89 -24.10
C PHE B 301 23.80 -12.58 -24.50
N PHE B 302 22.87 -13.04 -23.67
CA PHE B 302 21.46 -12.69 -23.81
C PHE B 302 21.30 -11.18 -23.91
N ALA B 303 21.79 -10.50 -22.87
CA ALA B 303 21.67 -9.05 -22.77
C ALA B 303 22.35 -8.34 -23.94
N LEU B 304 23.45 -8.92 -24.42
CA LEU B 304 24.18 -8.35 -25.56
C LEU B 304 23.36 -8.44 -26.83
N VAL B 305 22.77 -9.62 -27.08
CA VAL B 305 21.89 -9.82 -28.22
C VAL B 305 20.70 -8.88 -28.16
N GLY B 306 20.05 -8.82 -27.00
CA GLY B 306 18.94 -7.91 -26.76
C GLY B 306 19.31 -6.47 -27.05
N LEU B 307 20.51 -6.07 -26.62
CA LEU B 307 21.03 -4.73 -26.88
C LEU B 307 21.13 -4.52 -28.39
N GLY B 308 21.75 -5.47 -29.07
CA GLY B 308 21.87 -5.42 -30.53
C GLY B 308 20.54 -5.22 -31.23
N CYS B 309 19.55 -6.04 -30.85
CA CYS B 309 18.21 -5.93 -31.41
C CYS B 309 17.60 -4.55 -31.13
N SER B 310 17.83 -4.05 -29.92
CA SER B 310 17.40 -2.71 -29.56
C SER B 310 18.02 -1.67 -30.50
N MET B 311 19.30 -1.87 -30.82
CA MET B 311 20.01 -0.99 -31.75
C MET B 311 19.37 -1.04 -33.14
N LEU B 312 19.05 -2.24 -33.59
CA LEU B 312 18.40 -2.43 -34.87
C LEU B 312 17.08 -1.69 -34.93
N GLY B 313 16.26 -1.88 -33.89
CA GLY B 313 14.98 -1.21 -33.79
C GLY B 313 15.08 0.31 -33.79
N ILE B 314 15.88 0.84 -32.87
CA ILE B 314 16.10 2.28 -32.76
C ILE B 314 16.62 2.88 -34.07
N LEU B 315 17.63 2.26 -34.65
CA LEU B 315 18.20 2.71 -35.92
C LEU B 315 17.13 2.71 -37.02
N TYR B 316 16.32 1.67 -37.04
CA TYR B 316 15.21 1.58 -37.99
C TYR B 316 14.24 2.75 -37.81
N VAL B 317 13.94 3.07 -36.57
CA VAL B 317 12.98 4.12 -36.23
C VAL B 317 13.46 5.54 -36.53
N ILE B 318 14.69 5.86 -36.10
CA ILE B 318 15.22 7.21 -36.28
C ILE B 318 15.23 7.61 -37.76
N VAL B 319 15.46 6.64 -38.64
CA VAL B 319 15.31 6.88 -40.07
C VAL B 319 13.82 6.69 -40.34
N LYS B 320 13.47 5.74 -41.21
CA LYS B 320 12.08 5.41 -41.52
C LYS B 320 11.23 6.58 -42.03
N LYS B 321 10.10 6.27 -42.63
CA LYS B 321 9.14 7.31 -42.99
C LYS B 321 8.41 7.78 -41.75
N PRO B 322 8.66 9.03 -41.32
CA PRO B 322 8.08 9.56 -40.08
C PRO B 322 6.56 9.67 -40.18
N SER B 323 5.85 9.12 -39.20
CA SER B 323 4.40 9.16 -39.21
C SER B 323 3.88 10.33 -38.37
N ASP B 324 2.62 10.69 -38.58
CA ASP B 324 2.01 11.81 -37.86
C ASP B 324 1.68 11.41 -36.42
N ASN B 325 1.82 10.13 -36.12
CA ASN B 325 1.54 9.62 -34.78
C ASN B 325 2.81 9.07 -34.13
N PRO B 326 3.29 9.76 -33.08
CA PRO B 326 4.53 9.41 -32.40
C PRO B 326 4.44 8.16 -31.53
N GLN B 327 3.39 8.07 -30.73
CA GLN B 327 3.17 6.92 -29.84
C GLN B 327 3.20 5.60 -30.61
N ARG B 328 2.55 5.58 -31.77
CA ARG B 328 2.57 4.42 -32.64
C ARG B 328 3.99 4.07 -33.06
N GLU B 329 4.78 5.08 -33.39
CA GLU B 329 6.18 4.89 -33.80
C GLU B 329 7.00 4.26 -32.68
N LEU B 330 6.89 4.83 -31.47
CA LEU B 330 7.61 4.29 -30.32
C LEU B 330 7.20 2.85 -30.02
N ASN B 331 5.89 2.60 -30.10
CA ASN B 331 5.37 1.25 -29.93
C ASN B 331 5.96 0.29 -30.96
N ILE B 332 6.12 0.77 -32.19
CA ILE B 332 6.74 -0.02 -33.25
C ILE B 332 8.20 -0.32 -32.88
N SER B 333 8.89 0.68 -32.33
CA SER B 333 10.26 0.50 -31.86
C SER B 333 10.36 -0.63 -30.83
N LEU B 334 9.59 -0.50 -29.76
CA LEU B 334 9.57 -1.50 -28.70
C LEU B 334 9.21 -2.88 -29.22
N TRP B 335 8.16 -2.96 -30.04
CA TRP B 335 7.69 -4.22 -30.59
C TRP B 335 8.74 -4.91 -31.45
N THR B 336 9.36 -4.15 -32.36
CA THR B 336 10.39 -4.71 -33.23
C THR B 336 11.61 -5.16 -32.44
N SER B 337 12.06 -4.33 -31.50
CA SER B 337 13.18 -4.68 -30.64
C SER B 337 12.92 -5.98 -29.89
N ALA B 338 11.76 -6.06 -29.25
CA ALA B 338 11.35 -7.23 -28.49
C ALA B 338 11.28 -8.48 -29.38
N LEU B 339 10.62 -8.35 -30.51
CA LEU B 339 10.46 -9.48 -31.44
C LEU B 339 11.80 -10.02 -31.92
N LEU B 340 12.66 -9.11 -32.39
CA LEU B 340 14.00 -9.48 -32.81
C LEU B 340 14.74 -10.19 -31.69
N THR B 341 14.65 -9.62 -30.49
CA THR B 341 15.25 -10.20 -29.29
C THR B 341 14.79 -11.65 -29.10
N VAL B 342 13.48 -11.87 -29.17
CA VAL B 342 12.92 -13.22 -29.07
C VAL B 342 13.50 -14.17 -30.11
N VAL B 343 13.39 -13.78 -31.37
CA VAL B 343 13.80 -14.61 -32.49
C VAL B 343 15.27 -15.02 -32.41
N LEU B 344 16.14 -14.05 -32.13
CA LEU B 344 17.58 -14.34 -32.04
C LEU B 344 17.90 -15.13 -30.77
N THR B 345 17.17 -14.84 -29.69
CA THR B 345 17.36 -15.56 -28.43
C THR B 345 17.02 -17.03 -28.58
N ALA B 346 16.07 -17.33 -29.46
CA ALA B 346 15.74 -18.73 -29.75
C ALA B 346 16.97 -19.51 -30.18
N PHE B 347 17.62 -19.02 -31.23
CA PHE B 347 18.81 -19.66 -31.77
C PHE B 347 19.99 -19.62 -30.81
N LEU B 348 20.15 -18.51 -30.10
CA LEU B 348 21.20 -18.38 -29.09
C LEU B 348 21.06 -19.46 -28.02
N THR B 349 19.85 -19.58 -27.48
CA THR B 349 19.55 -20.54 -26.42
C THR B 349 19.72 -21.97 -26.92
N TYR B 350 19.19 -22.24 -28.10
CA TYR B 350 19.27 -23.58 -28.69
C TYR B 350 20.72 -24.02 -28.91
N PHE B 351 21.51 -23.16 -29.54
CA PHE B 351 22.89 -23.50 -29.90
C PHE B 351 23.84 -23.52 -28.70
N TYR B 352 23.70 -22.53 -27.81
CA TYR B 352 24.64 -22.40 -26.69
C TYR B 352 24.47 -23.51 -25.65
N LEU B 353 23.21 -23.83 -25.35
CA LEU B 353 22.92 -24.82 -24.32
C LEU B 353 22.52 -26.16 -24.94
N LYS B 354 23.10 -26.46 -26.10
CA LYS B 354 22.71 -27.65 -26.86
C LYS B 354 22.89 -28.95 -26.08
N ASP B 355 24.10 -29.19 -25.59
CA ASP B 355 24.42 -30.45 -24.93
C ASP B 355 25.13 -30.26 -23.60
N LEU B 356 24.37 -30.15 -22.52
CA LEU B 356 24.95 -29.98 -21.18
C LEU B 356 24.51 -31.10 -20.24
N GLN B 357 23.34 -31.66 -20.50
CA GLN B 357 22.84 -32.88 -19.84
C GLN B 357 22.49 -32.71 -18.36
N GLY B 358 23.05 -31.70 -17.70
CA GLY B 358 22.87 -31.52 -16.27
C GLY B 358 21.74 -30.58 -15.92
N LEU B 359 20.92 -30.25 -16.91
CA LEU B 359 19.85 -29.27 -16.74
C LEU B 359 18.69 -29.80 -15.89
N ASP B 360 18.32 -31.05 -16.13
CA ASP B 360 17.16 -31.68 -15.49
C ASP B 360 17.19 -31.57 -13.96
N VAL B 361 18.39 -31.49 -13.40
CA VAL B 361 18.56 -31.45 -11.96
C VAL B 361 18.18 -30.08 -11.39
N LEU B 362 18.50 -29.02 -12.11
CA LEU B 362 18.36 -27.67 -11.56
C LEU B 362 17.17 -26.88 -12.11
N GLY B 363 16.08 -27.58 -12.44
CA GLY B 363 14.83 -26.92 -12.72
C GLY B 363 14.39 -26.82 -14.18
N PHE B 364 15.25 -27.26 -15.09
CA PHE B 364 14.91 -27.22 -16.52
C PHE B 364 13.95 -28.36 -16.85
N ARG B 365 12.75 -28.01 -17.30
CA ARG B 365 11.72 -29.00 -17.56
C ARG B 365 11.70 -29.45 -19.02
N PHE B 366 11.52 -28.50 -19.93
CA PHE B 366 11.44 -28.81 -21.36
C PHE B 366 12.77 -28.60 -22.06
N GLY B 367 13.72 -29.49 -21.81
CA GLY B 367 15.02 -29.44 -22.47
C GLY B 367 15.83 -28.21 -22.14
N ALA B 368 16.52 -27.69 -23.15
CA ALA B 368 17.37 -26.51 -22.97
C ALA B 368 16.74 -25.25 -23.54
N ILE B 369 15.52 -25.38 -24.05
CA ILE B 369 14.81 -24.25 -24.64
C ILE B 369 13.99 -23.55 -23.55
N SER B 370 14.07 -24.08 -22.33
CA SER B 370 13.35 -23.52 -21.19
C SER B 370 13.67 -22.05 -20.88
N PRO B 371 14.96 -21.66 -20.81
CA PRO B 371 15.21 -20.25 -20.47
C PRO B 371 14.76 -19.28 -21.57
N TRP B 372 14.63 -19.78 -22.79
CA TRP B 372 14.09 -18.96 -23.88
C TRP B 372 12.60 -18.76 -23.69
N PHE B 373 11.92 -19.80 -23.21
CA PHE B 373 10.50 -19.70 -22.88
C PHE B 373 10.28 -18.72 -21.74
N SER B 374 11.09 -18.84 -20.68
CA SER B 374 11.03 -17.92 -19.56
C SER B 374 11.33 -16.49 -20.01
N ALA B 375 12.25 -16.36 -20.95
CA ALA B 375 12.60 -15.08 -21.54
C ALA B 375 11.39 -14.48 -22.25
N ILE B 376 10.73 -15.29 -23.06
CA ILE B 376 9.52 -14.89 -23.76
C ILE B 376 8.46 -14.44 -22.76
N ILE B 377 8.36 -15.17 -21.65
CA ILE B 377 7.43 -14.83 -20.59
C ILE B 377 7.71 -13.44 -20.02
N GLY B 378 8.97 -13.19 -19.70
CA GLY B 378 9.39 -11.89 -19.20
C GLY B 378 9.12 -10.75 -20.18
N ILE B 379 9.51 -10.97 -21.43
CA ILE B 379 9.32 -9.98 -22.49
C ILE B 379 7.84 -9.63 -22.66
N PHE B 380 7.03 -10.66 -22.91
CA PHE B 380 5.59 -10.47 -23.09
C PHE B 380 4.97 -9.81 -21.87
N SER B 381 5.45 -10.17 -20.68
CA SER B 381 5.00 -9.56 -19.44
C SER B 381 5.25 -8.05 -19.47
N GLY B 382 6.49 -7.68 -19.72
CA GLY B 382 6.86 -6.27 -19.85
C GLY B 382 6.02 -5.52 -20.85
N ILE B 383 5.82 -6.14 -22.02
CA ILE B 383 5.01 -5.54 -23.08
C ILE B 383 3.58 -5.28 -22.61
N LEU B 384 2.99 -6.29 -21.96
CA LEU B 384 1.63 -6.16 -21.43
C LEU B 384 1.56 -5.06 -20.37
N ILE B 385 2.59 -4.98 -19.54
CA ILE B 385 2.69 -3.90 -18.54
C ILE B 385 2.67 -2.54 -19.24
N GLY B 386 3.43 -2.42 -20.32
CA GLY B 386 3.43 -1.22 -21.12
C GLY B 386 2.05 -0.88 -21.64
N PHE B 387 1.38 -1.88 -22.20
CA PHE B 387 0.03 -1.70 -22.73
C PHE B 387 -0.96 -1.21 -21.69
N TRP B 388 -0.95 -1.86 -20.51
CA TRP B 388 -1.84 -1.48 -19.43
C TRP B 388 -1.55 -0.09 -18.90
N ALA B 389 -0.26 0.19 -18.69
CA ALA B 389 0.18 1.51 -18.25
C ALA B 389 -0.35 2.57 -19.19
N GLU B 390 -0.09 2.40 -20.48
CA GLU B 390 -0.56 3.31 -21.51
C GLU B 390 -2.08 3.45 -21.47
N TYR B 391 -2.78 2.33 -21.26
CA TYR B 391 -4.22 2.33 -21.17
C TYR B 391 -4.72 3.25 -20.05
N TYR B 392 -4.17 3.07 -18.86
CA TYR B 392 -4.61 3.83 -17.69
C TYR B 392 -4.15 5.29 -17.70
N THR B 393 -3.04 5.58 -18.38
CA THR B 393 -2.48 6.92 -18.33
C THR B 393 -2.85 7.79 -19.54
N SER B 394 -3.02 7.20 -20.71
CA SER B 394 -3.32 7.97 -21.91
C SER B 394 -4.79 8.38 -21.97
N TYR B 395 -5.06 9.57 -22.47
CA TYR B 395 -6.42 10.08 -22.55
C TYR B 395 -7.11 9.66 -23.85
N ARG B 396 -6.43 8.81 -24.61
CA ARG B 396 -7.02 8.23 -25.81
C ARG B 396 -7.96 7.09 -25.43
N TYR B 397 -7.95 6.73 -24.15
CA TYR B 397 -8.79 5.66 -23.63
C TYR B 397 -9.75 6.16 -22.56
N LYS B 398 -10.53 5.24 -22.00
CA LYS B 398 -11.60 5.57 -21.06
C LYS B 398 -11.18 6.16 -19.70
N PRO B 399 -10.24 5.52 -18.98
CA PRO B 399 -10.03 5.95 -17.59
C PRO B 399 -9.54 7.39 -17.44
N THR B 400 -8.54 7.79 -18.22
CA THR B 400 -7.99 9.14 -18.14
C THR B 400 -9.02 10.18 -18.61
N GLN B 401 -9.83 9.80 -19.59
CA GLN B 401 -10.91 10.65 -20.07
C GLN B 401 -11.91 10.91 -18.95
N PHE B 402 -12.28 9.84 -18.23
CA PHE B 402 -13.19 9.96 -17.11
C PHE B 402 -12.59 10.82 -16.00
N LEU B 403 -11.30 10.64 -15.75
CA LEU B 403 -10.59 11.43 -14.74
C LEU B 403 -10.62 12.92 -15.07
N GLY B 404 -10.32 13.24 -16.33
CA GLY B 404 -10.33 14.62 -16.78
C GLY B 404 -11.72 15.23 -16.74
N LYS B 405 -12.70 14.47 -17.20
CA LYS B 405 -14.09 14.92 -17.25
C LYS B 405 -14.69 15.07 -15.86
N SER B 406 -14.13 14.35 -14.89
CA SER B 406 -14.62 14.39 -13.51
C SER B 406 -14.28 15.70 -12.80
N SER B 407 -13.47 16.53 -13.44
CA SER B 407 -13.03 17.80 -12.86
C SER B 407 -14.18 18.78 -12.67
N ILE B 408 -15.27 18.56 -13.39
CA ILE B 408 -16.44 19.42 -13.31
C ILE B 408 -17.07 19.36 -11.91
N GLU B 409 -16.87 18.22 -11.25
CA GLU B 409 -17.52 17.95 -9.97
C GLU B 409 -16.72 18.48 -8.78
N GLY B 410 -15.49 18.91 -9.03
CA GLY B 410 -14.66 19.48 -7.98
C GLY B 410 -13.25 18.92 -7.91
N THR B 411 -12.47 19.42 -6.95
CA THR B 411 -11.10 18.97 -6.77
C THR B 411 -11.05 17.64 -6.02
N GLY B 412 -11.85 17.52 -4.97
CA GLY B 412 -11.94 16.30 -4.19
C GLY B 412 -12.25 15.09 -5.04
N MET B 413 -13.05 15.30 -6.07
CA MET B 413 -13.38 14.23 -7.01
C MET B 413 -12.17 13.86 -7.86
N VAL B 414 -11.40 14.86 -8.26
CA VAL B 414 -10.18 14.63 -9.03
C VAL B 414 -9.19 13.79 -8.21
N ILE B 415 -8.96 14.19 -6.97
CA ILE B 415 -8.05 13.48 -6.09
C ILE B 415 -8.53 12.06 -5.82
N SER B 416 -9.79 11.94 -5.42
CA SER B 416 -10.38 10.64 -5.09
C SER B 416 -10.34 9.67 -6.27
N ASN B 417 -10.85 10.10 -7.41
CA ASN B 417 -10.86 9.26 -8.61
C ASN B 417 -9.45 8.98 -9.12
N GLY B 418 -8.53 9.89 -8.82
CA GLY B 418 -7.14 9.69 -9.18
C GLY B 418 -6.51 8.56 -8.37
N LEU B 419 -6.66 8.63 -7.05
CA LEU B 419 -6.17 7.59 -6.16
C LEU B 419 -6.84 6.26 -6.48
N SER B 420 -8.13 6.31 -6.78
CA SER B 420 -8.90 5.12 -7.15
C SER B 420 -8.35 4.50 -8.43
N LEU B 421 -8.05 5.34 -9.41
CA LEU B 421 -7.47 4.89 -10.67
C LEU B 421 -6.12 4.22 -10.41
N GLY B 422 -5.31 4.87 -9.58
CA GLY B 422 -4.03 4.33 -9.18
C GLY B 422 -4.14 2.95 -8.57
N MET B 423 -5.09 2.80 -7.65
CA MET B 423 -5.28 1.53 -6.94
C MET B 423 -5.82 0.44 -7.86
N LYS B 424 -6.71 0.82 -8.78
CA LYS B 424 -7.30 -0.14 -9.71
C LYS B 424 -6.31 -0.61 -10.76
N SER B 425 -5.45 0.31 -11.20
CA SER B 425 -4.47 0.01 -12.25
C SER B 425 -3.38 -0.94 -11.79
N VAL B 426 -3.41 -1.31 -10.52
CA VAL B 426 -2.42 -2.21 -9.94
C VAL B 426 -2.66 -3.66 -10.38
N PHE B 427 -3.93 -4.04 -10.46
CA PHE B 427 -4.31 -5.45 -10.64
C PHE B 427 -3.87 -6.08 -11.97
N PRO B 428 -4.08 -5.39 -13.12
CA PRO B 428 -3.65 -6.06 -14.36
C PRO B 428 -2.14 -6.37 -14.47
N PRO B 429 -1.24 -5.39 -14.24
CA PRO B 429 0.16 -5.79 -14.40
C PRO B 429 0.63 -6.75 -13.30
N THR B 430 -0.01 -6.69 -12.14
CA THR B 430 0.31 -7.60 -11.05
C THR B 430 -0.07 -9.02 -11.42
N LEU B 431 -1.26 -9.19 -12.00
CA LEU B 431 -1.71 -10.50 -12.46
C LEU B 431 -0.80 -11.00 -13.57
N THR B 432 -0.44 -10.10 -14.49
CA THR B 432 0.51 -10.40 -15.56
C THR B 432 1.81 -10.94 -14.96
N LEU B 433 2.24 -10.32 -13.87
CA LEU B 433 3.45 -10.73 -13.16
C LEU B 433 3.27 -12.06 -12.45
N VAL B 434 2.06 -12.34 -11.99
CA VAL B 434 1.76 -13.60 -11.33
C VAL B 434 1.86 -14.76 -12.31
N LEU B 435 1.14 -14.64 -13.43
CA LEU B 435 1.21 -15.64 -14.49
C LEU B 435 2.63 -15.75 -15.03
N GLY B 436 3.31 -14.61 -15.07
CA GLY B 436 4.70 -14.56 -15.50
C GLY B 436 5.59 -15.41 -14.62
N ILE B 437 5.50 -15.20 -13.31
CA ILE B 437 6.27 -15.96 -12.34
C ILE B 437 5.94 -17.45 -12.41
N LEU B 438 4.65 -17.78 -12.39
CA LEU B 438 4.21 -19.17 -12.43
C LEU B 438 4.71 -19.90 -13.67
N PHE B 439 4.60 -19.26 -14.83
CA PHE B 439 5.02 -19.88 -16.08
C PHE B 439 6.53 -19.99 -16.20
N ALA B 440 7.24 -18.91 -15.84
CA ALA B 440 8.70 -18.91 -15.86
C ALA B 440 9.24 -20.02 -14.95
N ASP B 441 8.63 -20.16 -13.77
CA ASP B 441 8.99 -21.20 -12.84
C ASP B 441 8.66 -22.58 -13.40
N TYR B 442 7.56 -22.66 -14.14
CA TYR B 442 7.17 -23.90 -14.78
C TYR B 442 8.22 -24.35 -15.79
N PHE B 443 8.73 -23.40 -16.57
CA PHE B 443 9.70 -23.72 -17.61
C PHE B 443 11.09 -24.00 -17.06
N ALA B 444 11.65 -23.07 -16.30
CA ALA B 444 13.03 -23.22 -15.85
C ALA B 444 13.24 -22.83 -14.38
N GLY B 445 12.18 -22.87 -13.59
CA GLY B 445 12.26 -22.62 -12.16
C GLY B 445 12.77 -21.25 -11.76
N LEU B 446 13.57 -21.22 -10.69
CA LEU B 446 14.11 -19.98 -10.17
C LEU B 446 15.03 -19.29 -11.17
N TYR B 447 15.86 -20.09 -11.86
CA TYR B 447 16.71 -19.58 -12.92
C TYR B 447 15.83 -19.00 -14.03
N GLY B 448 14.71 -19.66 -14.29
CA GLY B 448 13.72 -19.18 -15.23
C GLY B 448 13.19 -17.81 -14.87
N VAL B 449 12.85 -17.63 -13.60
CA VAL B 449 12.40 -16.33 -13.11
C VAL B 449 13.49 -15.27 -13.28
N ALA B 450 14.70 -15.61 -12.85
CA ALA B 450 15.83 -14.69 -12.94
C ALA B 450 16.10 -14.25 -14.37
N ILE B 451 15.94 -15.17 -15.32
CA ILE B 451 16.15 -14.88 -16.72
C ILE B 451 14.97 -14.08 -17.27
N ALA B 452 13.78 -14.33 -16.73
CA ALA B 452 12.58 -13.60 -17.14
C ALA B 452 12.71 -12.12 -16.77
N ALA B 453 13.32 -11.87 -15.61
CA ALA B 453 13.62 -10.50 -15.18
C ALA B 453 14.44 -9.79 -16.24
N LEU B 454 15.40 -10.50 -16.80
CA LEU B 454 16.25 -9.96 -17.87
C LEU B 454 15.44 -9.79 -19.16
N GLY B 455 14.56 -10.75 -19.44
CA GLY B 455 13.74 -10.73 -20.63
C GLY B 455 12.86 -9.50 -20.69
N MET B 456 12.24 -9.17 -19.56
CA MET B 456 11.42 -7.97 -19.45
C MET B 456 12.24 -6.73 -19.82
N LEU B 457 13.53 -6.77 -19.51
CA LEU B 457 14.41 -5.64 -19.78
C LEU B 457 15.48 -5.96 -20.81
N SER B 458 15.27 -7.03 -21.58
CA SER B 458 16.21 -7.43 -22.63
C SER B 458 16.44 -6.30 -23.62
N PHE B 459 15.39 -5.53 -23.88
CA PHE B 459 15.48 -4.35 -24.74
C PHE B 459 15.47 -3.08 -23.90
N VAL B 460 16.33 -3.05 -22.89
CA VAL B 460 16.41 -1.91 -21.96
C VAL B 460 16.75 -0.61 -22.70
N ALA B 461 17.55 -0.71 -23.76
CA ALA B 461 17.95 0.48 -24.51
C ALA B 461 16.76 1.18 -25.13
N THR B 462 15.87 0.40 -25.75
CA THR B 462 14.69 0.95 -26.40
C THR B 462 13.72 1.52 -25.37
N SER B 463 13.58 0.83 -24.24
CA SER B 463 12.71 1.29 -23.17
C SER B 463 13.19 2.63 -22.60
N VAL B 464 14.47 2.70 -22.25
CA VAL B 464 15.06 3.93 -21.75
C VAL B 464 14.95 5.05 -22.78
N SER B 465 15.13 4.71 -24.05
CA SER B 465 15.01 5.69 -25.12
C SER B 465 13.61 6.29 -25.18
N VAL B 466 12.63 5.41 -25.38
CA VAL B 466 11.23 5.78 -25.46
C VAL B 466 10.78 6.57 -24.22
N ASP B 467 11.31 6.21 -23.06
CA ASP B 467 10.97 6.87 -21.81
C ASP B 467 11.60 8.27 -21.72
N SER B 468 12.86 8.38 -22.15
CA SER B 468 13.60 9.63 -22.07
C SER B 468 13.17 10.60 -23.16
N TYR B 469 12.43 10.09 -24.13
CA TYR B 469 11.85 10.91 -25.19
C TYR B 469 10.95 12.03 -24.65
N GLY B 470 10.39 11.81 -23.46
CA GLY B 470 9.44 12.74 -22.86
C GLY B 470 9.97 14.05 -22.29
N PRO B 471 10.94 13.99 -21.36
CA PRO B 471 11.52 15.19 -20.74
C PRO B 471 12.00 16.23 -21.75
N ILE B 472 12.53 15.76 -22.88
CA ILE B 472 12.97 16.64 -23.95
C ILE B 472 11.78 17.43 -24.49
N ALA B 473 10.66 16.74 -24.66
CA ALA B 473 9.43 17.37 -25.12
C ALA B 473 8.92 18.39 -24.11
N ASP B 474 8.90 17.99 -22.83
CA ASP B 474 8.46 18.87 -21.76
C ASP B 474 9.28 20.17 -21.74
N ASN B 475 10.61 20.03 -21.81
CA ASN B 475 11.51 21.17 -21.86
C ASN B 475 11.26 22.04 -23.09
N ALA B 476 11.03 21.38 -24.23
CA ALA B 476 10.72 22.08 -25.47
C ALA B 476 9.45 22.93 -25.33
N GLY B 477 8.47 22.39 -24.62
CA GLY B 477 7.24 23.11 -24.34
C GLY B 477 7.50 24.32 -23.45
N GLY B 478 8.27 24.09 -22.39
CA GLY B 478 8.66 25.15 -21.48
C GLY B 478 9.33 26.30 -22.20
N ILE B 479 10.20 25.97 -23.15
CA ILE B 479 10.90 26.98 -23.95
C ILE B 479 9.94 27.68 -24.90
N SER B 480 9.07 26.90 -25.54
CA SER B 480 8.11 27.43 -26.50
C SER B 480 7.17 28.45 -25.88
N GLU B 481 6.75 28.19 -24.64
CA GLU B 481 5.86 29.12 -23.94
C GLU B 481 6.56 30.41 -23.53
N MET B 482 7.83 30.30 -23.14
CA MET B 482 8.59 31.45 -22.66
C MET B 482 8.79 32.55 -23.70
N CYS B 483 8.93 32.17 -24.96
CA CYS B 483 9.23 33.14 -26.01
C CYS B 483 7.99 33.52 -26.82
N GLU B 484 6.83 33.07 -26.37
CA GLU B 484 5.54 33.37 -27.01
C GLU B 484 5.55 33.01 -28.49
N LEU B 485 5.53 31.71 -28.79
CA LEU B 485 5.56 31.24 -30.16
C LEU B 485 4.17 30.96 -30.70
N ASP B 486 4.12 30.49 -31.95
CA ASP B 486 2.87 30.05 -32.57
C ASP B 486 2.28 28.89 -31.78
N PRO B 487 0.94 28.88 -31.61
CA PRO B 487 0.28 27.84 -30.82
C PRO B 487 0.48 26.43 -31.38
N GLU B 488 0.88 26.33 -32.64
CA GLU B 488 1.18 25.03 -33.25
C GLU B 488 2.34 24.36 -32.51
N VAL B 489 3.33 25.17 -32.15
CA VAL B 489 4.48 24.68 -31.39
C VAL B 489 4.01 24.07 -30.08
N ARG B 490 3.17 24.81 -29.37
CA ARG B 490 2.66 24.37 -28.08
C ARG B 490 1.79 23.12 -28.18
N LYS B 491 0.93 23.02 -29.19
CA LYS B 491 0.08 21.85 -29.33
C LYS B 491 0.91 20.60 -29.68
N ILE B 492 1.83 20.75 -30.63
CA ILE B 492 2.73 19.65 -31.00
C ILE B 492 3.52 19.17 -29.80
N THR B 493 4.15 20.12 -29.12
CA THR B 493 4.98 19.81 -27.97
C THR B 493 4.17 19.21 -26.81
N ASP B 494 2.92 19.63 -26.68
CA ASP B 494 2.03 19.05 -25.69
C ASP B 494 1.69 17.61 -26.03
N HIS B 495 1.49 17.34 -27.31
CA HIS B 495 1.30 15.98 -27.80
C HIS B 495 2.49 15.12 -27.38
N LEU B 496 3.68 15.55 -27.80
CA LEU B 496 4.92 14.84 -27.47
C LEU B 496 5.10 14.67 -25.96
N ASP B 497 4.67 15.66 -25.20
CA ASP B 497 4.85 15.66 -23.75
C ASP B 497 3.92 14.67 -23.06
N ALA B 498 2.67 14.63 -23.50
CA ALA B 498 1.70 13.66 -22.99
C ALA B 498 2.17 12.25 -23.29
N VAL B 499 2.57 12.03 -24.55
CA VAL B 499 3.14 10.74 -24.95
C VAL B 499 4.29 10.36 -24.03
N GLY B 500 5.20 11.31 -23.81
CA GLY B 500 6.30 11.13 -22.88
C GLY B 500 5.85 10.71 -21.49
N ASN B 501 4.79 11.36 -21.00
CA ASN B 501 4.22 11.03 -19.69
C ASN B 501 3.72 9.59 -19.65
N THR B 502 3.18 9.12 -20.77
CA THR B 502 2.79 7.71 -20.88
C THR B 502 4.02 6.80 -20.81
N THR B 503 5.03 7.13 -21.61
CA THR B 503 6.26 6.35 -21.68
C THR B 503 6.93 6.23 -20.31
N ALA B 504 6.85 7.28 -19.51
CA ALA B 504 7.37 7.27 -18.16
C ALA B 504 6.73 6.16 -17.33
N ALA B 505 5.40 6.13 -17.33
CA ALA B 505 4.64 5.12 -16.62
C ALA B 505 4.99 3.72 -17.11
N ILE B 506 5.11 3.57 -18.43
CA ILE B 506 5.53 2.30 -19.03
C ILE B 506 6.87 1.82 -18.47
N GLY B 507 7.87 2.70 -18.56
CA GLY B 507 9.20 2.41 -18.05
C GLY B 507 9.20 2.04 -16.58
N LYS B 508 8.42 2.78 -15.79
CA LYS B 508 8.24 2.47 -14.37
C LYS B 508 7.72 1.04 -14.18
N GLY B 509 6.70 0.69 -14.96
CA GLY B 509 6.15 -0.65 -14.94
C GLY B 509 7.18 -1.72 -15.22
N PHE B 510 7.92 -1.54 -16.31
CA PHE B 510 9.03 -2.43 -16.64
C PHE B 510 9.97 -2.60 -15.45
N ALA B 511 10.40 -1.47 -14.91
CA ALA B 511 11.34 -1.42 -13.80
C ALA B 511 10.86 -2.23 -12.60
N ILE B 512 9.64 -1.96 -12.15
CA ILE B 512 9.12 -2.64 -10.96
C ILE B 512 8.88 -4.13 -11.22
N GLY B 513 8.44 -4.47 -12.43
CA GLY B 513 8.25 -5.87 -12.79
C GLY B 513 9.54 -6.68 -12.72
N SER B 514 10.53 -6.22 -13.49
CA SER B 514 11.85 -6.84 -13.50
C SER B 514 12.42 -6.90 -12.08
N ALA B 515 12.19 -5.81 -11.33
CA ALA B 515 12.60 -5.73 -9.94
C ALA B 515 11.99 -6.86 -9.12
N ILE B 516 10.74 -7.17 -9.39
CA ILE B 516 10.04 -8.23 -8.65
C ILE B 516 10.55 -9.63 -8.98
N PHE B 517 10.67 -9.93 -10.28
CA PHE B 517 11.23 -11.22 -10.69
C PHE B 517 12.62 -11.43 -10.07
N ALA B 518 13.48 -10.43 -10.30
CA ALA B 518 14.82 -10.41 -9.73
C ALA B 518 14.78 -10.53 -8.21
N ALA B 519 13.71 -10.01 -7.60
CA ALA B 519 13.56 -10.06 -6.15
C ALA B 519 13.31 -11.50 -5.69
N LEU B 520 12.49 -12.23 -6.44
CA LEU B 520 12.28 -13.65 -6.15
C LEU B 520 13.60 -14.41 -6.25
N SER B 521 14.28 -14.22 -7.38
CA SER B 521 15.57 -14.89 -7.58
C SER B 521 16.56 -14.55 -6.47
N LEU B 522 16.48 -13.31 -5.98
CA LEU B 522 17.34 -12.84 -4.91
C LEU B 522 16.90 -13.41 -3.55
N PHE B 523 15.64 -13.78 -3.44
CA PHE B 523 15.18 -14.52 -2.26
C PHE B 523 15.88 -15.86 -2.25
N ALA B 524 15.86 -16.53 -3.40
CA ALA B 524 16.54 -17.82 -3.55
C ALA B 524 18.02 -17.72 -3.19
N SER B 525 18.71 -16.78 -3.84
CA SER B 525 20.14 -16.56 -3.60
C SER B 525 20.42 -16.18 -2.14
N TYR B 526 19.49 -15.45 -1.53
CA TYR B 526 19.62 -15.04 -0.14
C TYR B 526 19.58 -16.25 0.78
N MET B 527 18.67 -17.18 0.48
CA MET B 527 18.60 -18.43 1.24
C MET B 527 19.87 -19.25 1.04
N PHE B 528 20.37 -19.28 -0.19
CA PHE B 528 21.61 -19.98 -0.50
C PHE B 528 22.82 -19.45 0.27
N SER B 529 22.96 -18.13 0.32
CA SER B 529 24.13 -17.47 0.90
C SER B 529 24.41 -17.82 2.36
N GLN B 530 23.38 -18.27 3.08
CA GLN B 530 23.51 -18.58 4.49
C GLN B 530 24.38 -19.80 4.75
N ILE B 531 24.50 -20.67 3.74
CA ILE B 531 25.21 -21.93 3.89
C ILE B 531 26.70 -21.77 4.16
N SER B 532 27.17 -22.37 5.26
CA SER B 532 28.58 -22.39 5.59
C SER B 532 29.23 -23.61 4.96
N PRO B 533 30.57 -23.61 4.84
CA PRO B 533 31.29 -24.78 4.29
C PRO B 533 31.00 -26.08 5.05
N SER B 534 30.68 -25.96 6.34
CA SER B 534 30.36 -27.12 7.16
C SER B 534 29.03 -27.74 6.75
N ASP B 535 28.01 -26.90 6.55
CA ASP B 535 26.68 -27.38 6.21
C ASP B 535 26.49 -27.45 4.70
N ILE B 536 27.55 -27.82 3.99
CA ILE B 536 27.51 -27.90 2.52
C ILE B 536 26.71 -29.11 2.05
N GLY B 537 26.60 -30.12 2.92
CA GLY B 537 25.96 -31.37 2.54
C GLY B 537 24.44 -31.31 2.53
N LYS B 538 23.89 -30.26 3.13
CA LYS B 538 22.44 -30.10 3.24
C LYS B 538 21.75 -30.08 1.88
N PRO B 539 20.59 -30.74 1.78
CA PRO B 539 19.83 -30.80 0.53
C PRO B 539 19.31 -29.43 0.10
N PRO B 540 19.15 -29.22 -1.21
CA PRO B 540 18.69 -27.94 -1.76
C PRO B 540 17.29 -27.56 -1.28
N SER B 541 16.43 -28.56 -1.09
CA SER B 541 15.05 -28.31 -0.68
C SER B 541 14.96 -27.75 0.73
N LEU B 542 15.83 -28.23 1.62
CA LEU B 542 15.83 -27.79 3.01
C LEU B 542 16.39 -26.37 3.13
N VAL B 543 17.21 -25.98 2.15
CA VAL B 543 17.77 -24.64 2.11
C VAL B 543 16.74 -23.62 1.67
N LEU B 544 16.09 -23.90 0.54
CA LEU B 544 15.06 -23.01 0.00
C LEU B 544 13.80 -23.04 0.84
N LEU B 545 13.87 -22.48 2.05
CA LEU B 545 12.74 -22.50 2.97
C LEU B 545 12.62 -21.21 3.76
N LEU B 546 11.59 -20.42 3.46
CA LEU B 546 11.32 -19.19 4.19
C LEU B 546 9.88 -19.19 4.68
N ASN B 547 9.67 -19.77 5.85
CA ASN B 547 8.33 -20.01 6.39
C ASN B 547 7.64 -18.76 6.94
N MET B 548 6.42 -18.51 6.48
CA MET B 548 5.64 -17.36 6.90
C MET B 548 5.16 -17.49 8.34
N LEU B 549 4.83 -18.71 8.74
CA LEU B 549 4.27 -18.96 10.07
C LEU B 549 5.27 -18.67 11.18
N ASP B 550 6.55 -18.58 10.82
CA ASP B 550 7.57 -18.11 11.76
C ASP B 550 7.30 -16.65 12.10
N ALA B 551 7.17 -16.35 13.38
CA ALA B 551 6.81 -15.01 13.84
C ALA B 551 7.77 -13.95 13.31
N ARG B 552 9.07 -14.23 13.39
CA ARG B 552 10.10 -13.31 12.92
C ARG B 552 9.91 -12.93 11.46
N VAL B 553 9.48 -13.89 10.65
CA VAL B 553 9.36 -13.67 9.22
C VAL B 553 8.17 -12.77 8.87
N ILE B 554 6.99 -13.09 9.39
CA ILE B 554 5.81 -12.29 9.11
C ILE B 554 5.91 -10.90 9.75
N ALA B 555 6.48 -10.84 10.96
CA ALA B 555 6.74 -9.56 11.60
C ALA B 555 7.70 -8.77 10.74
N GLY B 556 8.67 -9.47 10.16
CA GLY B 556 9.59 -8.88 9.20
C GLY B 556 8.84 -8.25 8.03
N ALA B 557 7.91 -9.01 7.46
CA ALA B 557 7.11 -8.53 6.33
C ALA B 557 6.36 -7.26 6.67
N LEU B 558 5.67 -7.28 7.82
CA LEU B 558 4.95 -6.10 8.30
C LEU B 558 5.90 -4.90 8.43
N LEU B 559 7.03 -5.13 9.09
CA LEU B 559 8.01 -4.08 9.30
C LEU B 559 8.47 -3.48 7.98
N GLY B 560 9.05 -4.31 7.12
CA GLY B 560 9.48 -3.89 5.79
C GLY B 560 8.44 -3.11 5.02
N ALA B 561 7.19 -3.57 5.09
CA ALA B 561 6.08 -2.85 4.48
C ALA B 561 5.97 -1.44 5.03
N ALA B 562 5.94 -1.34 6.37
CA ALA B 562 5.88 -0.04 7.05
C ALA B 562 7.05 0.85 6.70
N ILE B 563 8.22 0.25 6.50
CA ILE B 563 9.44 0.97 6.15
C ILE B 563 9.31 1.54 4.75
N THR B 564 8.72 0.75 3.84
CA THR B 564 8.45 1.22 2.49
C THR B 564 7.49 2.40 2.49
N TYR B 565 6.40 2.27 3.23
CA TYR B 565 5.42 3.35 3.33
C TYR B 565 6.01 4.62 3.95
N TYR B 566 6.73 4.48 5.05
CA TYR B 566 7.38 5.61 5.70
C TYR B 566 8.44 6.23 4.81
N PHE B 567 9.08 5.41 3.99
CA PHE B 567 10.04 5.85 2.99
C PHE B 567 9.36 6.79 2.01
N SER B 568 8.23 6.33 1.47
CA SER B 568 7.42 7.12 0.56
C SER B 568 7.01 8.44 1.21
N GLY B 569 6.51 8.35 2.44
CA GLY B 569 6.13 9.53 3.21
C GLY B 569 7.25 10.53 3.37
N TYR B 570 8.45 10.04 3.67
CA TYR B 570 9.63 10.87 3.83
C TYR B 570 9.94 11.60 2.53
N LEU B 571 9.85 10.88 1.42
CA LEU B 571 10.10 11.50 0.12
C LEU B 571 9.09 12.60 -0.17
N ILE B 572 7.81 12.29 0.04
CA ILE B 572 6.73 13.27 -0.16
C ILE B 572 6.96 14.53 0.68
N SER B 573 7.23 14.34 1.97
CA SER B 573 7.50 15.45 2.87
C SER B 573 8.68 16.28 2.40
N ALA B 574 9.76 15.59 2.01
CA ALA B 574 10.95 16.25 1.48
C ALA B 574 10.61 17.14 0.29
N VAL B 575 9.72 16.65 -0.58
CA VAL B 575 9.25 17.47 -1.69
C VAL B 575 8.45 18.68 -1.20
N THR B 576 7.46 18.43 -0.35
CA THR B 576 6.56 19.48 0.12
C THR B 576 7.26 20.59 0.88
N LYS B 577 8.40 20.30 1.49
CA LYS B 577 9.17 21.33 2.18
C LYS B 577 9.57 22.46 1.22
N ALA B 578 10.48 22.15 0.30
CA ALA B 578 10.93 23.12 -0.69
C ALA B 578 9.80 23.58 -1.58
N ALA B 579 8.78 22.74 -1.75
CA ALA B 579 7.60 23.12 -2.52
C ALA B 579 6.89 24.31 -1.85
N MET B 580 6.61 24.17 -0.56
CA MET B 580 5.97 25.24 0.23
C MET B 580 6.85 26.48 0.27
N LYS B 581 8.12 26.31 0.60
CA LYS B 581 9.06 27.43 0.66
C LYS B 581 9.07 28.21 -0.65
N MET B 582 9.07 27.46 -1.76
CA MET B 582 9.07 28.06 -3.08
C MET B 582 7.74 28.73 -3.41
N VAL B 583 6.64 28.18 -2.90
CA VAL B 583 5.33 28.80 -3.05
C VAL B 583 5.35 30.18 -2.42
N ASP B 584 5.80 30.24 -1.17
CA ASP B 584 5.93 31.49 -0.44
C ASP B 584 6.85 32.45 -1.20
N GLU B 585 7.92 31.91 -1.77
CA GLU B 585 8.86 32.70 -2.55
C GLU B 585 8.20 33.33 -3.79
N ILE B 586 7.42 32.53 -4.51
CA ILE B 586 6.73 33.01 -5.71
C ILE B 586 5.73 34.10 -5.35
N ARG B 587 4.97 33.89 -4.28
CA ARG B 587 4.02 34.89 -3.81
C ARG B 587 4.75 36.20 -3.45
N ARG B 588 5.83 36.06 -2.70
CA ARG B 588 6.63 37.20 -2.26
C ARG B 588 7.22 37.99 -3.43
N GLN B 589 7.68 37.28 -4.46
CA GLN B 589 8.28 37.92 -5.62
C GLN B 589 7.21 38.61 -6.47
N ALA B 590 6.08 37.93 -6.66
CA ALA B 590 4.97 38.51 -7.41
C ALA B 590 4.45 39.77 -6.72
N ARG B 591 4.49 39.77 -5.39
CA ARG B 591 4.04 40.92 -4.60
C ARG B 591 5.04 42.07 -4.61
N GLU B 592 6.31 41.76 -4.37
CA GLU B 592 7.32 42.79 -4.12
C GLU B 592 8.06 43.29 -5.36
N ILE B 593 7.81 42.66 -6.50
CA ILE B 593 8.45 43.10 -7.74
C ILE B 593 7.44 43.73 -8.69
N PRO B 594 7.55 45.04 -8.92
CA PRO B 594 6.66 45.78 -9.81
C PRO B 594 6.96 45.52 -11.28
N GLY B 595 5.94 45.27 -12.08
CA GLY B 595 6.11 45.00 -13.49
C GLY B 595 6.40 43.55 -13.79
N LEU B 596 6.42 42.72 -12.74
CA LEU B 596 6.70 41.31 -12.89
C LEU B 596 5.57 40.59 -13.63
N LEU B 597 4.34 40.87 -13.21
CA LEU B 597 3.16 40.22 -13.79
C LEU B 597 2.74 40.90 -15.09
N GLU B 598 3.36 42.04 -15.38
CA GLU B 598 3.06 42.79 -16.59
C GLU B 598 4.07 42.50 -17.70
N GLY B 599 5.04 41.64 -17.39
CA GLY B 599 6.09 41.32 -18.33
C GLY B 599 7.05 42.47 -18.53
N LYS B 600 7.24 43.27 -17.47
CA LYS B 600 8.13 44.42 -17.54
C LYS B 600 9.18 44.36 -16.42
N ALA B 601 9.42 43.16 -15.90
CA ALA B 601 10.41 42.97 -14.85
C ALA B 601 10.80 41.49 -14.73
N LYS B 602 12.08 41.21 -14.94
CA LYS B 602 12.58 39.84 -14.89
C LYS B 602 12.59 39.29 -13.46
N PRO B 603 11.92 38.16 -13.25
CA PRO B 603 11.84 37.50 -11.94
C PRO B 603 13.17 36.86 -11.53
N ASP B 604 13.37 36.69 -10.23
CA ASP B 604 14.60 36.08 -9.72
C ASP B 604 14.50 34.56 -9.67
N TYR B 605 14.99 33.91 -10.72
CA TYR B 605 14.95 32.46 -10.81
C TYR B 605 15.92 31.78 -9.85
N ASN B 606 17.07 32.42 -9.65
CA ASN B 606 18.15 31.86 -8.84
C ASN B 606 17.73 31.49 -7.42
N ARG B 607 16.78 32.23 -6.86
CA ARG B 607 16.24 31.92 -5.54
C ARG B 607 15.48 30.59 -5.56
N CYS B 608 14.58 30.47 -6.54
CA CYS B 608 13.81 29.25 -6.73
C CYS B 608 14.73 28.05 -6.96
N ILE B 609 15.80 28.28 -7.71
CA ILE B 609 16.84 27.26 -7.90
C ILE B 609 17.46 26.87 -6.56
N GLU B 610 17.85 27.90 -5.79
CA GLU B 610 18.55 27.72 -4.52
C GLU B 610 17.74 26.92 -3.49
N ILE B 611 16.45 27.22 -3.38
CA ILE B 611 15.58 26.51 -2.44
C ILE B 611 15.59 25.00 -2.67
N THR B 612 15.13 24.59 -3.84
CA THR B 612 15.07 23.17 -4.19
C THR B 612 16.45 22.51 -4.19
N SER B 613 17.47 23.25 -4.64
CA SER B 613 18.82 22.72 -4.65
C SER B 613 19.27 22.37 -3.22
N ASP B 614 19.17 23.34 -2.33
CA ASP B 614 19.56 23.15 -0.93
C ASP B 614 18.77 22.02 -0.28
N ASN B 615 17.44 22.06 -0.42
CA ASN B 615 16.60 21.03 0.18
C ASN B 615 16.92 19.63 -0.33
N ALA B 616 17.08 19.51 -1.64
CA ALA B 616 17.39 18.23 -2.26
C ALA B 616 18.74 17.70 -1.77
N LEU B 617 19.75 18.56 -1.81
CA LEU B 617 21.09 18.18 -1.33
C LEU B 617 21.06 17.73 0.13
N LYS B 618 20.25 18.41 0.94
CA LYS B 618 20.12 18.06 2.35
C LYS B 618 19.43 16.72 2.57
N GLN B 619 18.27 16.54 1.93
CA GLN B 619 17.43 15.37 2.16
C GLN B 619 17.92 14.09 1.49
N MET B 620 18.61 14.24 0.36
CA MET B 620 19.02 13.11 -0.48
C MET B 620 19.80 12.02 0.24
N GLY B 621 20.51 12.40 1.30
CA GLY B 621 21.38 11.48 2.02
C GLY B 621 20.65 10.31 2.68
N TYR B 622 19.66 10.63 3.52
CA TYR B 622 18.98 9.65 4.36
C TYR B 622 18.43 8.39 3.66
N PRO B 623 17.63 8.54 2.58
CA PRO B 623 16.97 7.36 2.00
C PRO B 623 17.91 6.19 1.67
N ALA B 624 19.00 6.48 0.96
CA ALA B 624 19.97 5.45 0.60
C ALA B 624 20.55 4.78 1.84
N PHE B 625 20.96 5.60 2.80
CA PHE B 625 21.51 5.10 4.06
C PHE B 625 20.54 4.16 4.76
N ILE B 626 19.25 4.52 4.75
CA ILE B 626 18.22 3.66 5.32
C ILE B 626 18.15 2.33 4.58
N ALA B 627 18.11 2.42 3.24
CA ALA B 627 18.05 1.22 2.40
C ALA B 627 19.24 0.28 2.62
N ILE B 628 20.39 0.85 2.95
CA ILE B 628 21.60 0.06 3.17
C ILE B 628 21.67 -0.51 4.59
N LEU B 629 21.27 0.29 5.57
CA LEU B 629 21.46 -0.07 6.97
C LEU B 629 20.36 -0.96 7.52
N THR B 630 19.16 -0.86 6.95
CA THR B 630 18.01 -1.63 7.42
C THR B 630 18.26 -3.14 7.52
N PRO B 631 18.77 -3.78 6.45
CA PRO B 631 19.01 -5.23 6.59
C PRO B 631 20.08 -5.53 7.63
N LEU B 632 21.04 -4.62 7.77
CA LEU B 632 22.10 -4.76 8.75
C LEU B 632 21.54 -4.77 10.16
N VAL B 633 20.88 -3.69 10.55
CA VAL B 633 20.37 -3.56 11.91
C VAL B 633 19.30 -4.62 12.22
N THR B 634 18.37 -4.83 11.30
CA THR B 634 17.32 -5.83 11.51
C THR B 634 17.93 -7.23 11.59
N GLY B 635 19.00 -7.44 10.83
CA GLY B 635 19.70 -8.72 10.84
C GLY B 635 20.41 -9.00 12.14
N PHE B 636 21.27 -8.07 12.55
CA PHE B 636 22.01 -8.21 13.80
C PHE B 636 21.07 -8.29 15.00
N LEU B 637 19.92 -7.63 14.89
CA LEU B 637 18.94 -7.67 15.98
C LEU B 637 18.16 -8.99 16.04
N LEU B 638 17.59 -9.42 14.91
CA LEU B 638 16.63 -10.52 14.94
C LEU B 638 16.95 -11.68 14.00
N GLY B 639 18.10 -11.65 13.35
CA GLY B 639 18.52 -12.77 12.53
C GLY B 639 18.21 -12.64 11.05
N ALA B 640 18.38 -13.74 10.33
CA ALA B 640 18.24 -13.75 8.87
C ALA B 640 16.79 -13.92 8.41
N GLU B 641 16.02 -14.73 9.15
CA GLU B 641 14.63 -14.98 8.81
C GLU B 641 13.83 -13.68 8.81
N PHE B 642 14.02 -12.88 9.85
CA PHE B 642 13.39 -11.59 9.99
C PHE B 642 13.69 -10.70 8.78
N VAL B 643 14.96 -10.67 8.37
CA VAL B 643 15.38 -9.92 7.21
C VAL B 643 14.68 -10.41 5.95
N GLY B 644 14.58 -11.73 5.80
CA GLY B 644 13.86 -12.32 4.70
C GLY B 644 12.45 -11.78 4.62
N GLY B 645 11.77 -11.81 5.77
CA GLY B 645 10.46 -11.20 5.90
C GLY B 645 10.43 -9.75 5.44
N VAL B 646 11.34 -8.95 5.98
CA VAL B 646 11.47 -7.54 5.61
C VAL B 646 11.56 -7.37 4.10
N LEU B 647 12.38 -8.20 3.46
CA LEU B 647 12.54 -8.18 2.02
C LEU B 647 11.23 -8.50 1.32
N ILE B 648 10.50 -9.49 1.83
CA ILE B 648 9.19 -9.84 1.28
C ILE B 648 8.20 -8.67 1.32
N GLY B 649 7.94 -8.17 2.53
CA GLY B 649 7.03 -7.05 2.71
C GLY B 649 7.42 -5.85 1.87
N THR B 650 8.72 -5.57 1.84
CA THR B 650 9.27 -4.52 0.98
C THR B 650 8.91 -4.74 -0.48
N VAL B 651 9.16 -5.95 -0.97
CA VAL B 651 8.84 -6.32 -2.35
C VAL B 651 7.37 -6.07 -2.68
N LEU B 652 6.48 -6.57 -1.82
CA LEU B 652 5.05 -6.45 -2.06
C LEU B 652 4.56 -5.00 -2.03
N SER B 653 4.85 -4.31 -0.92
CA SER B 653 4.38 -2.94 -0.74
C SER B 653 4.96 -2.01 -1.80
N GLY B 654 6.24 -2.19 -2.10
CA GLY B 654 6.89 -1.46 -3.17
C GLY B 654 6.23 -1.74 -4.51
N ALA B 655 5.94 -3.02 -4.76
CA ALA B 655 5.27 -3.45 -5.98
C ALA B 655 3.95 -2.72 -6.19
N MET B 656 3.19 -2.58 -5.11
CA MET B 656 1.88 -1.94 -5.20
C MET B 656 2.00 -0.42 -5.34
N LEU B 657 2.75 0.20 -4.43
CA LEU B 657 2.88 1.65 -4.40
C LEU B 657 3.51 2.22 -5.65
N ALA B 658 4.48 1.50 -6.23
CA ALA B 658 5.15 1.95 -7.45
C ALA B 658 4.16 2.08 -8.60
N ILE B 659 3.46 0.99 -8.90
CA ILE B 659 2.45 0.98 -9.96
C ILE B 659 1.35 2.01 -9.69
N LEU B 660 0.86 2.03 -8.45
CA LEU B 660 -0.15 2.98 -8.03
C LEU B 660 0.26 4.41 -8.37
N THR B 661 1.36 4.86 -7.77
CA THR B 661 1.84 6.22 -7.95
C THR B 661 2.12 6.55 -9.42
N ALA B 662 2.75 5.60 -10.12
CA ALA B 662 3.06 5.79 -11.54
C ALA B 662 1.81 6.06 -12.37
N ASN B 663 0.88 5.09 -12.37
CA ASN B 663 -0.32 5.19 -13.17
C ASN B 663 -1.24 6.34 -12.75
N SER B 664 -1.38 6.54 -11.45
CA SER B 664 -2.22 7.62 -10.92
C SER B 664 -1.66 9.00 -11.30
N GLY B 665 -0.37 9.19 -11.08
CA GLY B 665 0.27 10.45 -11.43
C GLY B 665 0.20 10.74 -12.91
N GLY B 666 0.54 9.74 -13.72
CA GLY B 666 0.46 9.85 -15.16
C GLY B 666 -0.94 10.20 -15.62
N ALA B 667 -1.93 9.52 -15.04
CA ALA B 667 -3.33 9.76 -15.38
C ALA B 667 -3.74 11.18 -15.05
N TRP B 668 -3.37 11.65 -13.86
CA TRP B 668 -3.62 13.02 -13.43
C TRP B 668 -3.05 14.03 -14.41
N ASP B 669 -1.76 13.87 -14.72
CA ASP B 669 -1.06 14.78 -15.62
C ASP B 669 -1.70 14.82 -17.01
N ASN B 670 -1.95 13.63 -17.55
CA ASN B 670 -2.54 13.51 -18.88
C ASN B 670 -4.00 13.95 -18.93
N ALA B 671 -4.65 13.98 -17.76
CA ALA B 671 -6.00 14.51 -17.65
C ALA B 671 -5.94 16.04 -17.70
N LYS B 672 -4.96 16.59 -16.98
CA LYS B 672 -4.69 18.02 -17.05
C LYS B 672 -4.45 18.43 -18.50
N LYS B 673 -3.56 17.71 -19.17
CA LYS B 673 -3.27 17.97 -20.58
C LYS B 673 -4.48 17.70 -21.47
N TYR B 674 -5.35 16.80 -21.01
CA TYR B 674 -6.58 16.47 -21.75
C TYR B 674 -7.51 17.67 -21.78
N LEU B 675 -7.72 18.29 -20.63
CA LEU B 675 -8.57 19.48 -20.56
C LEU B 675 -7.88 20.68 -21.21
N GLU B 676 -6.55 20.74 -21.08
CA GLU B 676 -5.77 21.82 -21.67
C GLU B 676 -5.85 21.80 -23.19
N ALA B 677 -6.20 20.65 -23.76
CA ALA B 677 -6.35 20.52 -25.20
C ALA B 677 -7.75 20.93 -25.64
N GLY B 678 -8.60 21.26 -24.67
CA GLY B 678 -9.95 21.69 -24.95
C GLY B 678 -10.89 20.55 -25.33
N ASN B 679 -10.49 19.32 -25.00
CA ASN B 679 -11.29 18.15 -25.32
C ASN B 679 -12.58 18.09 -24.50
N LEU B 680 -12.59 18.81 -23.37
CA LEU B 680 -13.79 18.91 -22.55
C LEU B 680 -14.54 20.19 -22.90
N GLU B 681 -15.76 20.03 -23.39
CA GLU B 681 -16.55 21.12 -23.94
C GLU B 681 -16.80 22.25 -22.94
N GLY B 682 -16.65 23.49 -23.40
CA GLY B 682 -16.94 24.66 -22.60
C GLY B 682 -15.80 25.07 -21.69
N TYR B 683 -15.42 24.18 -20.78
CA TYR B 683 -14.41 24.48 -19.78
C TYR B 683 -13.02 24.50 -20.39
N GLY B 684 -12.20 25.47 -19.98
CA GLY B 684 -10.88 25.64 -20.58
C GLY B 684 -9.76 25.87 -19.59
N LYS B 685 -8.65 26.39 -20.08
CA LYS B 685 -7.43 26.57 -19.30
C LYS B 685 -7.61 27.44 -18.05
N GLY B 686 -8.51 28.42 -18.12
CA GLY B 686 -8.70 29.34 -17.03
C GLY B 686 -9.82 28.94 -16.08
N SER B 687 -10.55 27.90 -16.45
CA SER B 687 -11.72 27.46 -15.69
C SER B 687 -11.35 26.81 -14.35
N GLU B 688 -12.36 26.58 -13.52
CA GLU B 688 -12.18 25.92 -12.22
C GLU B 688 -11.86 24.42 -12.31
N PRO B 689 -12.54 23.68 -13.21
CA PRO B 689 -12.14 22.28 -13.39
C PRO B 689 -10.67 22.13 -13.77
N HIS B 690 -10.15 23.07 -14.56
CA HIS B 690 -8.74 23.09 -14.90
C HIS B 690 -7.90 23.19 -13.64
N LYS B 691 -8.28 24.11 -12.74
CA LYS B 691 -7.60 24.27 -11.47
C LYS B 691 -7.64 22.99 -10.65
N ALA B 692 -8.76 22.30 -10.70
CA ALA B 692 -8.92 21.02 -10.00
C ALA B 692 -7.93 19.99 -10.52
N LEU B 693 -7.88 19.84 -11.85
CA LEU B 693 -6.95 18.91 -12.48
C LEU B 693 -5.50 19.30 -12.21
N VAL B 694 -5.25 20.59 -12.07
CA VAL B 694 -3.92 21.10 -11.74
C VAL B 694 -3.53 20.68 -10.34
N ILE B 695 -4.43 20.86 -9.39
CA ILE B 695 -4.20 20.43 -8.01
C ILE B 695 -3.94 18.93 -7.99
N GLY B 696 -4.76 18.18 -8.72
CA GLY B 696 -4.56 16.75 -8.85
C GLY B 696 -3.17 16.39 -9.37
N ASP B 697 -2.72 17.12 -10.38
CA ASP B 697 -1.41 16.89 -10.97
C ASP B 697 -0.30 17.22 -9.98
N THR B 698 -0.49 18.25 -9.18
CA THR B 698 0.49 18.63 -8.17
C THR B 698 0.52 17.60 -7.03
N VAL B 699 -0.59 16.91 -6.85
CA VAL B 699 -0.66 15.83 -5.88
C VAL B 699 0.07 14.59 -6.42
N GLY B 700 -0.11 14.33 -7.70
CA GLY B 700 0.47 13.16 -8.34
C GLY B 700 1.95 13.31 -8.63
N ASP B 701 2.43 14.54 -8.72
CA ASP B 701 3.83 14.81 -9.05
C ASP B 701 4.83 14.16 -8.09
N PRO B 702 4.74 14.45 -6.77
CA PRO B 702 5.76 13.83 -5.90
C PRO B 702 5.63 12.32 -5.81
N LEU B 703 4.46 11.80 -6.20
CA LEU B 703 4.22 10.37 -6.18
C LEU B 703 4.87 9.65 -7.36
N LYS B 704 4.67 10.19 -8.55
CA LYS B 704 5.10 9.52 -9.78
C LYS B 704 6.57 9.71 -10.13
N ASP B 705 7.18 10.78 -9.63
CA ASP B 705 8.56 11.10 -10.01
C ASP B 705 9.52 11.13 -8.83
N THR B 706 9.06 10.65 -7.67
CA THR B 706 9.93 10.56 -6.50
C THR B 706 9.65 9.30 -5.69
N VAL B 707 8.38 9.03 -5.44
CA VAL B 707 7.98 7.87 -4.65
C VAL B 707 8.06 6.56 -5.43
N GLY B 708 7.51 6.56 -6.64
CA GLY B 708 7.39 5.36 -7.46
C GLY B 708 8.64 4.53 -7.64
N PRO B 709 9.59 5.02 -8.44
CA PRO B 709 10.82 4.29 -8.80
C PRO B 709 11.73 4.01 -7.60
N SER B 710 11.76 4.94 -6.66
CA SER B 710 12.57 4.79 -5.44
C SER B 710 12.35 3.44 -4.77
N LEU B 711 11.15 2.92 -4.91
CA LEU B 711 10.80 1.59 -4.40
C LEU B 711 11.49 0.50 -5.19
N ASP B 712 11.42 0.60 -6.52
CA ASP B 712 12.02 -0.41 -7.39
C ASP B 712 13.54 -0.45 -7.21
N ILE B 713 14.13 0.68 -6.83
CA ILE B 713 15.54 0.67 -6.45
C ILE B 713 15.73 0.05 -5.06
N LEU B 714 14.95 0.55 -4.10
CA LEU B 714 15.09 0.18 -2.70
C LEU B 714 15.00 -1.33 -2.49
N ILE B 715 14.06 -1.97 -3.18
CA ILE B 715 13.90 -3.42 -3.12
C ILE B 715 15.21 -4.13 -3.47
N LYS B 716 15.78 -3.78 -4.61
CA LYS B 716 16.98 -4.45 -5.10
C LYS B 716 18.21 -4.16 -4.24
N ILE B 717 18.41 -2.90 -3.87
CA ILE B 717 19.58 -2.57 -3.05
C ILE B 717 19.48 -3.26 -1.68
N MET B 718 18.30 -3.22 -1.08
CA MET B 718 18.09 -3.85 0.23
C MET B 718 18.28 -5.36 0.16
N SER B 719 17.75 -5.97 -0.89
CA SER B 719 17.86 -7.42 -1.06
C SER B 719 19.31 -7.85 -1.31
N VAL B 720 20.04 -7.08 -2.10
CA VAL B 720 21.45 -7.40 -2.37
C VAL B 720 22.29 -7.23 -1.10
N VAL B 721 22.09 -6.12 -0.40
CA VAL B 721 22.75 -5.89 0.88
C VAL B 721 22.49 -7.06 1.82
N SER B 722 21.25 -7.54 1.82
CA SER B 722 20.87 -8.70 2.63
C SER B 722 21.63 -9.95 2.21
N VAL B 723 21.67 -10.21 0.91
CA VAL B 723 22.39 -11.35 0.35
C VAL B 723 23.86 -11.35 0.76
N ILE B 724 24.48 -10.18 0.74
CA ILE B 724 25.89 -10.06 1.12
C ILE B 724 26.11 -10.24 2.61
N ALA B 725 25.40 -9.45 3.41
CA ALA B 725 25.65 -9.39 4.86
C ALA B 725 25.07 -10.55 5.65
N VAL B 726 24.18 -11.34 5.03
CA VAL B 726 23.44 -12.39 5.75
C VAL B 726 24.35 -13.37 6.49
N SER B 727 25.51 -13.68 5.92
CA SER B 727 26.41 -14.69 6.47
C SER B 727 26.88 -14.32 7.88
N ILE B 728 26.90 -13.03 8.18
CA ILE B 728 27.32 -12.55 9.49
C ILE B 728 26.24 -12.80 10.53
N PHE B 729 25.12 -12.09 10.41
CA PHE B 729 24.08 -12.15 11.43
C PHE B 729 23.20 -13.40 11.33
N LYS B 730 23.64 -14.37 10.54
CA LYS B 730 22.94 -15.65 10.46
C LYS B 730 23.17 -16.45 11.73
N HIS B 731 24.33 -16.25 12.34
CA HIS B 731 24.66 -16.93 13.60
C HIS B 731 25.14 -15.93 14.65
N VAL B 732 25.48 -14.72 14.21
CA VAL B 732 25.86 -13.65 15.13
C VAL B 732 24.72 -12.65 15.26
N HIS B 733 23.53 -13.16 15.57
CA HIS B 733 22.37 -12.31 15.84
C HIS B 733 22.17 -12.17 17.33
N LEU B 734 21.71 -11.00 17.77
CA LEU B 734 21.57 -10.71 19.19
C LEU B 734 20.42 -11.50 19.81
N PHE B 735 19.20 -11.26 19.34
CA PHE B 735 18.03 -11.98 19.82
C PHE B 735 17.70 -13.17 18.94
#